data_7D3U
#
_entry.id   7D3U
#
_cell.length_a   1.00
_cell.length_b   1.00
_cell.length_c   1.00
_cell.angle_alpha   90.00
_cell.angle_beta   90.00
_cell.angle_gamma   90.00
#
_symmetry.space_group_name_H-M   'P 1'
#
loop_
_entity.id
_entity.type
_entity.pdbx_description
1 polymer 'Monovalent Na+/H+ antiporter subunit D'
2 polymer 'Monovalent Na+/H+ antiporter subunit A'
3 polymer 'Monovalent Na+/H+ antiporter subunit C'
4 polymer 'Monovalent Na+/H+ antiporter subunit F'
5 polymer 'Monovalent Na+/H+ antiporter subunit G'
6 polymer 'Cation antiporter'
7 non-polymer DODECYL-BETA-D-MALTOSIDE
#
loop_
_entity_poly.entity_id
_entity_poly.type
_entity_poly.pdbx_seq_one_letter_code
_entity_poly.pdbx_strand_id
1 'polypeptide(L)'
;MTLESALTLFVAVPLLTAGVLVAVASRTRLILTVLFAVLGTQLAAAVATVPWVSDGSVVVHQVALWAPGVSIPFVLDMFS
ALMLTVTSLLTLTCAAFAVAAGEAYKRFYPPLVLLVTAGVNGALLTGDLFNFFVFVEVMLLPSYGLMMITRSGRASVVGV
AASRLYISVNLLASTILLIGVALIYGVTGTVNIAQLHGAASEDTAVAVATALVLFALAIKAAVVPVHGWLARAYPKMSPA
VTAMFSGLHTKIAIYAIYRIYAVIFDGDSRYLWVGVVVFSATMLIGVLGAVGEAAPRSILAFHMVSQIGYILLGVALFGP
IGLTAGIFYLLHHMIVKAALFLAIGAIEVRYGPRRLGQLSGLAKTEPLVAVAFFASAMSLAGIPPFSGFVAKLSLIIAAL
DAGQIAAAAVAVVVSILTLLSMLKIWTGIFLGEPTPTDSRTLPEGLDPAHSEATGIPDGRDVDGRHRDGVEITGAAAGAT
PTDTMAPASTTATATATDTVTETASVADTAEAGSPDPDMVPPGRRIGLALAAPALALSVVTLALGLGGQLLLELSGTAAA
NLYDPTTYIQAVLG
;
D
2 'polypeptide(L)'
;VTLTLALAVAFGIAAISPLLARTMGRDAGWPLAAMLGGLALYIWFAIPVDTVASVEWMPALGVELRLSLDPLARVFTMIV
LGIGAVVMAYSSRYLGRGSGHGGYYGLMTLFAASMLGLVLADDVVVLFVAWEFTTLCSFFLITLAGPKGTQPAVRTLLVT
VAGGLCLLTAAALMVVRTGTTVLSEILVDPVWSADPAFAAVIAVLIAMAAFTKSAQFPFQAWLPDAMVAATPVSAYLHAA
AMVKAGIYLLLRFSEALHDVPVWNLLLITCGMTTAVLGAVFAMQRDDLKELLAYSTISQLGFLVATIGVGTPAAMVAAII
HTIAHALFKSSLFMFVGVVDHQTGTRAMSGLPRLYRIMPGTAIGVGLAAASMAGLPPLLGFVSKEWMFKSMLDAPGGAWA
GPALGALAVFAATFTFAYSARFLLGGFVTHGPPAGPGPEPVHSTPETIEAPRASFFLPAALPAVLGLVLGLTGFLLEPAV
AAAARASIGEGYEADFGLWHGFAPELFMSMIVITLGIVLVVVRHPVDRFLDRELAPITGVATVDALRRWAIAGGARVGDV
TRTDRISRHVWAVLLVLVALAAVGVVAVRPEPEVGSPVRAEDWIVVVLLVVGTAAMVISRSRLGAVANVGIVGFAMALWF
FTLGAVDVALTQLLVEVLTVVVIVLVLQRLPRAFHTVSRSRTLVSAAVAIVVGLASGAAVWAMTGRRELSDVGRYFLDNA
EQDTGGINVVNTVLVDYRALDTLGELTVLGVAGLAVILALHARRALPRRDVPLAVHADSPLLSAQDNGVFLRTFARILGP
LIVLLSLYFLVRGHNAPGGGFNSALIGGAGIAIYYLRAPSDKAARIRVPYVAVIAAGVIIGVVTGLAGFVDGSFLLPLHA
YLGDVHLTTALIFDVGVYLAVLGVIMAAIDKLGGDDRSDEPAVPPPPPTGPGAEATAPAATEDADRVIDVTDNREVQA
;
A
3 'polypeptide(L)'
;MTLAISVGVLMAGFVFLVLQRGMVRVILGFILLSHAAHLTLMAAGGASRREAPLVSDPDPALTSDGLPQAFVLTAIVIAF
AITIYLLVLAVIGGDDDDTDIGDLDPLDLLPETPGGAHPEDPEPDEPSTHDAEGVHR
;
C
4 'polypeptide(L)'
;MIVVDIAIVLVAIAAVLSSYRMIRGPHAGDRAIAADLLFFAFIALLALVGVRVDSPFVYDLVLVATLVGLVSALSLARLM
SGGRR
;
F
5 'polypeptide(L)'
;MSWELVATVLGSVSVLVGAVVFLGGAIGLLRFPDLYVRSSAIGAAAGLGLVFVIAGAFLLHPTWEAAPKVAVAAILQFAS
SAIGAMYIARAGFLSGAAPTTATRYSQIEFTTGPPTDSTEVTRDD
;
G
6 'polypeptide(L)'
;MTSTLTWPLRIAWFLLWFFWQQTTTSAKVVRDAFLPHASITPGFVRFPTRCRSELEVTMLSSLITLTPGTLTLGAHHPGE
GEDWEIVVHGMYFPDPDDLTASLHDLENHMLRAIRREGLTR
;
E
#
# COMPACT_ATOMS: atom_id res chain seq x y z
N MET A 1 7.96 -36.28 6.15
CA MET A 1 8.94 -35.31 5.71
C MET A 1 9.67 -35.78 4.46
N THR A 2 9.69 -34.92 3.44
CA THR A 2 10.39 -35.22 2.19
C THR A 2 11.19 -34.03 1.68
N LEU A 3 11.45 -33.04 2.54
CA LEU A 3 12.21 -31.83 2.25
C LEU A 3 11.37 -30.89 1.37
N GLU A 4 10.23 -31.39 0.89
CA GLU A 4 9.19 -30.55 0.33
C GLU A 4 7.99 -30.41 1.24
N SER A 5 7.76 -31.38 2.11
CA SER A 5 6.79 -31.19 3.19
C SER A 5 7.21 -30.06 4.11
N ALA A 6 8.52 -29.81 4.20
CA ALA A 6 9.04 -28.70 4.99
C ALA A 6 8.86 -27.35 4.31
N LEU A 7 8.28 -27.32 3.11
CA LEU A 7 7.97 -26.05 2.47
C LEU A 7 6.89 -25.30 3.23
N THR A 8 5.98 -26.02 3.88
CA THR A 8 4.93 -25.40 4.67
C THR A 8 5.46 -24.78 5.95
N LEU A 9 6.70 -25.09 6.34
CA LEU A 9 7.26 -24.50 7.56
C LEU A 9 7.52 -23.00 7.42
N PHE A 10 7.40 -22.46 6.20
CA PHE A 10 7.42 -21.00 6.06
C PHE A 10 6.17 -20.37 6.65
N VAL A 11 5.08 -21.13 6.76
CA VAL A 11 3.85 -20.64 7.35
C VAL A 11 3.58 -21.25 8.72
N ALA A 12 4.11 -22.43 9.01
CA ALA A 12 3.81 -23.09 10.28
C ALA A 12 4.70 -22.59 11.41
N VAL A 13 5.94 -22.22 11.13
CA VAL A 13 6.87 -21.78 12.17
C VAL A 13 6.46 -20.40 12.70
N PRO A 14 6.18 -19.40 11.84
CA PRO A 14 5.67 -18.13 12.37
C PRO A 14 4.36 -18.29 13.13
N LEU A 15 3.34 -18.86 12.46
CA LEU A 15 2.02 -19.00 13.07
C LEU A 15 2.09 -19.70 14.42
N LEU A 16 3.05 -20.62 14.59
CA LEU A 16 3.26 -21.22 15.90
C LEU A 16 3.89 -20.21 16.86
N THR A 17 5.06 -19.70 16.51
CA THR A 17 5.80 -18.85 17.42
C THR A 17 5.03 -17.58 17.74
N ALA A 18 4.33 -17.02 16.74
CA ALA A 18 3.42 -15.91 17.01
C ALA A 18 2.42 -16.30 18.08
N GLY A 19 1.73 -17.42 17.89
CA GLY A 19 0.82 -17.91 18.90
C GLY A 19 1.48 -18.13 20.24
N VAL A 20 2.79 -18.38 20.25
CA VAL A 20 3.52 -18.49 21.50
C VAL A 20 3.79 -17.10 22.06
N LEU A 21 4.26 -16.18 21.22
CA LEU A 21 4.59 -14.84 21.69
C LEU A 21 3.37 -14.04 22.14
N VAL A 22 2.16 -14.53 21.87
CA VAL A 22 0.97 -13.92 22.44
C VAL A 22 0.77 -14.39 23.88
N ALA A 23 1.05 -15.67 24.15
CA ALA A 23 0.90 -16.19 25.50
C ALA A 23 1.84 -15.48 26.46
N VAL A 24 3.15 -15.64 26.26
CA VAL A 24 4.15 -14.93 27.07
C VAL A 24 4.45 -13.63 26.33
N ALA A 25 3.63 -12.62 26.59
CA ALA A 25 3.78 -11.33 25.95
C ALA A 25 4.44 -10.29 26.83
N SER A 26 4.58 -10.55 28.13
CA SER A 26 5.20 -9.60 29.04
C SER A 26 6.71 -9.74 29.11
N ARG A 27 7.25 -10.93 28.81
CA ARG A 27 8.69 -11.14 28.81
C ARG A 27 9.22 -10.55 27.51
N THR A 28 9.58 -9.26 27.56
CA THR A 28 9.97 -8.57 26.34
C THR A 28 11.31 -9.08 25.81
N ARG A 29 12.23 -9.43 26.71
CA ARG A 29 13.53 -9.94 26.28
C ARG A 29 13.39 -11.28 25.56
N LEU A 30 12.59 -12.18 26.13
CA LEU A 30 12.42 -13.50 25.53
C LEU A 30 11.74 -13.40 24.17
N ILE A 31 10.71 -12.56 24.06
CA ILE A 31 10.00 -12.47 22.79
C ILE A 31 10.85 -11.75 21.75
N LEU A 32 11.66 -10.76 22.15
CA LEU A 32 12.53 -10.12 21.19
C LEU A 32 13.69 -11.00 20.78
N THR A 33 14.05 -11.99 21.61
CA THR A 33 15.01 -12.99 21.17
C THR A 33 14.37 -13.96 20.18
N VAL A 34 13.18 -14.44 20.50
CA VAL A 34 12.53 -15.47 19.68
C VAL A 34 12.12 -14.89 18.33
N LEU A 35 11.64 -13.64 18.32
CA LEU A 35 11.24 -13.02 17.06
C LEU A 35 12.40 -12.92 16.09
N PHE A 36 13.56 -12.46 16.57
CA PHE A 36 14.70 -12.33 15.68
C PHE A 36 15.29 -13.69 15.34
N ALA A 37 15.22 -14.66 16.24
CA ALA A 37 15.65 -16.01 15.89
C ALA A 37 14.80 -16.57 14.75
N VAL A 38 13.49 -16.37 14.82
CA VAL A 38 12.60 -16.91 13.78
C VAL A 38 12.79 -16.15 12.47
N LEU A 39 12.93 -14.83 12.54
CA LEU A 39 13.14 -14.06 11.31
C LEU A 39 14.48 -14.42 10.67
N GLY A 40 15.51 -14.65 11.48
CA GLY A 40 16.80 -15.03 10.93
C GLY A 40 16.78 -16.42 10.32
N THR A 41 16.15 -17.37 11.01
CA THR A 41 16.07 -18.72 10.44
C THR A 41 15.19 -18.74 9.19
N GLN A 42 14.21 -17.84 9.10
CA GLN A 42 13.42 -17.75 7.89
C GLN A 42 14.22 -17.16 6.73
N LEU A 43 14.98 -16.10 6.99
CA LEU A 43 15.86 -15.56 5.97
C LEU A 43 16.87 -16.60 5.51
N ALA A 44 17.41 -17.37 6.45
CA ALA A 44 18.36 -18.42 6.09
C ALA A 44 17.69 -19.52 5.27
N ALA A 45 16.48 -19.92 5.65
CA ALA A 45 15.78 -20.95 4.89
C ALA A 45 15.48 -20.48 3.48
N ALA A 46 15.12 -19.20 3.31
CA ALA A 46 14.83 -18.69 1.99
C ALA A 46 16.09 -18.60 1.14
N VAL A 47 17.16 -18.04 1.69
CA VAL A 47 18.39 -17.93 0.92
C VAL A 47 19.00 -19.30 0.64
N ALA A 48 18.63 -20.32 1.43
CA ALA A 48 19.08 -21.69 1.13
C ALA A 48 18.13 -22.43 0.20
N THR A 49 16.88 -21.98 0.09
CA THR A 49 15.96 -22.53 -0.90
C THR A 49 16.11 -21.87 -2.25
N VAL A 50 16.82 -20.74 -2.34
CA VAL A 50 17.12 -20.17 -3.65
C VAL A 50 17.99 -21.08 -4.50
N PRO A 51 19.10 -21.64 -4.01
CA PRO A 51 19.87 -22.59 -4.83
C PRO A 51 19.10 -23.85 -5.18
N TRP A 52 17.98 -24.10 -4.53
CA TRP A 52 17.17 -25.28 -4.80
C TRP A 52 16.42 -25.17 -6.13
N VAL A 53 16.03 -23.96 -6.51
CA VAL A 53 15.25 -23.74 -7.71
C VAL A 53 15.97 -22.81 -8.68
N SER A 54 17.30 -22.75 -8.60
CA SER A 54 18.07 -21.91 -9.52
C SER A 54 18.20 -22.53 -10.90
N ASP A 55 17.82 -23.79 -11.07
CA ASP A 55 17.88 -24.47 -12.37
C ASP A 55 16.53 -24.50 -13.06
N GLY A 56 15.70 -23.47 -12.85
CA GLY A 56 14.39 -23.42 -13.46
C GLY A 56 13.39 -24.43 -12.95
N SER A 57 13.78 -25.29 -12.01
CA SER A 57 12.88 -26.27 -11.45
C SER A 57 11.76 -25.57 -10.68
N VAL A 58 10.73 -26.35 -10.35
CA VAL A 58 9.57 -25.86 -9.60
C VAL A 58 9.25 -26.92 -8.54
N VAL A 59 9.42 -26.56 -7.28
CA VAL A 59 9.13 -27.46 -6.18
C VAL A 59 7.69 -27.23 -5.74
N VAL A 60 6.87 -28.27 -5.81
CA VAL A 60 5.45 -28.18 -5.50
C VAL A 60 5.12 -29.21 -4.43
N HIS A 61 4.50 -28.75 -3.35
CA HIS A 61 4.08 -29.62 -2.25
C HIS A 61 2.57 -29.54 -2.11
N GLN A 62 1.88 -30.65 -2.33
CA GLN A 62 0.44 -30.71 -2.16
C GLN A 62 0.15 -30.79 -0.67
N VAL A 63 -0.27 -29.68 -0.08
CA VAL A 63 -0.54 -29.63 1.35
C VAL A 63 -1.57 -30.70 1.70
N ALA A 64 -1.26 -31.49 2.72
CA ALA A 64 -2.02 -32.64 3.21
C ALA A 64 -1.92 -33.84 2.28
N LEU A 65 -1.17 -33.75 1.19
CA LEU A 65 -0.86 -34.89 0.32
C LEU A 65 -2.13 -35.49 -0.30
N TRP A 66 -2.99 -34.62 -0.81
CA TRP A 66 -4.15 -35.06 -1.55
C TRP A 66 -3.84 -35.08 -3.05
N ALA A 67 -4.84 -35.40 -3.86
CA ALA A 67 -4.64 -35.45 -5.30
C ALA A 67 -4.29 -34.06 -5.82
N PRO A 68 -3.45 -33.97 -6.86
CA PRO A 68 -3.14 -32.66 -7.44
C PRO A 68 -4.36 -32.00 -8.01
N GLY A 69 -4.63 -30.78 -7.55
CA GLY A 69 -5.83 -30.06 -7.92
C GLY A 69 -6.91 -30.06 -6.85
N VAL A 70 -6.86 -31.03 -5.93
CA VAL A 70 -7.82 -31.08 -4.84
C VAL A 70 -7.37 -30.24 -3.65
N SER A 71 -6.09 -30.34 -3.29
CA SER A 71 -5.54 -29.64 -2.14
C SER A 71 -4.85 -28.36 -2.58
N ILE A 72 -4.29 -27.65 -1.61
CA ILE A 72 -3.67 -26.35 -1.84
C ILE A 72 -2.20 -26.60 -2.17
N PRO A 73 -1.76 -26.36 -3.40
CA PRO A 73 -0.34 -26.56 -3.71
C PRO A 73 0.51 -25.40 -3.22
N PHE A 74 1.65 -25.74 -2.63
CA PHE A 74 2.65 -24.78 -2.19
C PHE A 74 3.79 -24.86 -3.20
N VAL A 75 3.90 -23.86 -4.06
CA VAL A 75 4.89 -23.87 -5.12
C VAL A 75 6.08 -23.01 -4.72
N LEU A 76 7.21 -23.22 -5.42
CA LEU A 76 8.44 -22.48 -5.15
C LEU A 76 9.27 -22.54 -6.42
N ASP A 77 9.32 -21.44 -7.16
CA ASP A 77 9.84 -21.47 -8.53
C ASP A 77 10.74 -20.28 -8.82
N MET A 78 11.61 -19.93 -7.86
CA MET A 78 12.65 -18.93 -8.06
C MET A 78 12.07 -17.52 -8.23
N PHE A 79 10.75 -17.44 -8.32
CA PHE A 79 10.05 -16.18 -8.14
C PHE A 79 9.48 -16.09 -6.73
N SER A 80 8.77 -17.14 -6.30
CA SER A 80 8.38 -17.24 -4.90
C SER A 80 9.60 -17.25 -4.01
N ALA A 81 10.69 -17.89 -4.42
CA ALA A 81 11.88 -17.98 -3.57
C ALA A 81 12.55 -16.62 -3.43
N LEU A 82 12.70 -15.90 -4.55
CA LEU A 82 13.30 -14.56 -4.48
C LEU A 82 12.44 -13.62 -3.66
N MET A 83 11.11 -13.67 -3.85
CA MET A 83 10.23 -12.84 -3.05
C MET A 83 10.33 -13.22 -1.58
N LEU A 84 10.43 -14.51 -1.27
CA LEU A 84 10.57 -14.95 0.11
C LEU A 84 11.81 -14.36 0.74
N THR A 85 12.96 -14.53 0.10
CA THR A 85 14.20 -14.06 0.72
C THR A 85 14.22 -12.55 0.85
N VAL A 86 13.76 -11.82 -0.18
CA VAL A 86 13.86 -10.37 -0.12
C VAL A 86 12.86 -9.81 0.91
N THR A 87 11.62 -10.32 0.92
CA THR A 87 10.66 -9.82 1.89
C THR A 87 11.01 -10.21 3.31
N SER A 88 11.63 -11.38 3.50
CA SER A 88 12.05 -11.75 4.85
C SER A 88 13.23 -10.89 5.31
N LEU A 89 14.14 -10.56 4.39
CA LEU A 89 15.20 -9.63 4.73
C LEU A 89 14.64 -8.26 5.11
N LEU A 90 13.65 -7.79 4.34
CA LEU A 90 13.03 -6.51 4.66
C LEU A 90 12.35 -6.55 6.02
N THR A 91 11.63 -7.63 6.32
CA THR A 91 10.97 -7.76 7.62
C THR A 91 11.99 -7.80 8.74
N LEU A 92 13.10 -8.51 8.55
CA LEU A 92 14.13 -8.59 9.58
C LEU A 92 14.74 -7.23 9.85
N THR A 93 15.08 -6.48 8.79
CA THR A 93 15.69 -5.17 9.01
C THR A 93 14.69 -4.17 9.59
N CYS A 94 13.43 -4.24 9.17
CA CYS A 94 12.44 -3.33 9.75
C CYS A 94 12.15 -3.67 11.20
N ALA A 95 12.23 -4.94 11.58
CA ALA A 95 12.08 -5.30 12.99
C ALA A 95 13.29 -4.84 13.79
N ALA A 96 14.49 -4.96 13.23
CA ALA A 96 15.68 -4.47 13.92
C ALA A 96 15.66 -2.95 14.04
N PHE A 97 14.98 -2.27 13.11
CA PHE A 97 14.79 -0.83 13.24
C PHE A 97 13.73 -0.50 14.29
N ALA A 98 12.65 -1.26 14.32
CA ALA A 98 11.59 -1.01 15.29
C ALA A 98 12.05 -1.26 16.72
N VAL A 99 12.99 -2.19 16.91
CA VAL A 99 13.51 -2.44 18.24
C VAL A 99 14.24 -1.21 18.77
N ALA A 100 15.00 -0.54 17.90
CA ALA A 100 15.74 0.63 18.33
C ALA A 100 14.87 1.89 18.37
N ALA A 101 13.87 1.98 17.49
CA ALA A 101 13.05 3.18 17.42
C ALA A 101 12.24 3.39 18.69
N GLY A 102 11.62 2.33 19.19
CA GLY A 102 10.73 2.45 20.32
C GLY A 102 9.55 1.51 20.23
N GLU A 103 9.27 1.02 19.03
CA GLU A 103 8.29 -0.05 18.87
C GLU A 103 8.97 -1.37 19.27
N ALA A 104 8.28 -2.49 19.04
CA ALA A 104 8.73 -3.83 19.36
C ALA A 104 8.83 -4.05 20.86
N TYR A 105 8.61 -3.02 21.67
CA TYR A 105 8.40 -3.16 23.10
C TYR A 105 6.95 -3.00 23.48
N LYS A 106 6.14 -2.39 22.62
CA LYS A 106 4.70 -2.36 22.83
C LYS A 106 4.14 -3.78 22.78
N ARG A 107 2.93 -3.93 23.30
CA ARG A 107 2.31 -5.24 23.34
C ARG A 107 2.02 -5.75 21.94
N PHE A 108 2.25 -7.05 21.74
CA PHE A 108 1.83 -7.77 20.54
C PHE A 108 2.53 -7.25 19.28
N TYR A 109 3.70 -6.64 19.41
CA TYR A 109 4.41 -6.29 18.18
C TYR A 109 5.16 -7.49 17.62
N PRO A 110 5.91 -8.24 18.42
CA PRO A 110 6.57 -9.45 17.88
C PRO A 110 5.57 -10.45 17.32
N PRO A 111 4.43 -10.71 17.98
CA PRO A 111 3.47 -11.64 17.36
C PRO A 111 2.90 -11.14 16.05
N LEU A 112 2.56 -9.86 15.97
CA LEU A 112 1.91 -9.36 14.76
C LEU A 112 2.87 -9.35 13.57
N VAL A 113 4.15 -9.05 13.81
CA VAL A 113 5.13 -9.11 12.72
C VAL A 113 5.27 -10.54 12.21
N LEU A 114 5.25 -11.52 13.13
CA LEU A 114 5.38 -12.91 12.71
C LEU A 114 4.12 -13.37 11.97
N LEU A 115 2.96 -12.88 12.37
CA LEU A 115 1.73 -13.24 11.68
C LEU A 115 1.69 -12.62 10.27
N VAL A 116 2.17 -11.37 10.14
CA VAL A 116 2.28 -10.76 8.82
C VAL A 116 3.27 -11.54 7.95
N THR A 117 4.38 -11.99 8.55
CA THR A 117 5.35 -12.77 7.80
C THR A 117 4.75 -14.10 7.35
N ALA A 118 3.98 -14.75 8.21
CA ALA A 118 3.32 -15.99 7.83
C ALA A 118 2.32 -15.76 6.70
N GLY A 119 1.56 -14.68 6.78
CA GLY A 119 0.62 -14.36 5.71
C GLY A 119 1.32 -14.10 4.39
N VAL A 120 2.46 -13.40 4.44
CA VAL A 120 3.22 -13.11 3.23
C VAL A 120 3.76 -14.41 2.63
N ASN A 121 4.33 -15.28 3.48
CA ASN A 121 4.86 -16.54 2.98
C ASN A 121 3.76 -17.41 2.39
N GLY A 122 2.57 -17.37 2.99
CA GLY A 122 1.45 -18.12 2.43
C GLY A 122 1.01 -17.57 1.09
N ALA A 123 0.85 -16.25 1.00
CA ALA A 123 0.45 -15.63 -0.26
C ALA A 123 1.49 -15.82 -1.35
N LEU A 124 2.75 -16.03 -0.99
CA LEU A 124 3.78 -16.26 -1.98
C LEU A 124 3.82 -17.72 -2.43
N LEU A 125 3.87 -18.65 -1.47
CA LEU A 125 4.04 -20.05 -1.82
C LEU A 125 2.78 -20.69 -2.37
N THR A 126 1.61 -20.09 -2.14
CA THR A 126 0.37 -20.75 -2.52
C THR A 126 0.26 -20.89 -4.03
N GLY A 127 -0.60 -21.82 -4.45
CA GLY A 127 -0.71 -22.15 -5.86
C GLY A 127 -2.13 -22.09 -6.39
N ASP A 128 -3.09 -21.85 -5.50
CA ASP A 128 -4.48 -21.68 -5.89
C ASP A 128 -4.95 -20.27 -5.52
N LEU A 129 -6.16 -19.94 -5.96
CA LEU A 129 -6.61 -18.55 -5.91
C LEU A 129 -7.28 -18.20 -4.58
N PHE A 130 -8.21 -19.03 -4.10
CA PHE A 130 -8.94 -18.65 -2.90
C PHE A 130 -8.05 -18.65 -1.67
N ASN A 131 -7.16 -19.64 -1.56
CA ASN A 131 -6.23 -19.64 -0.43
C ASN A 131 -5.27 -18.47 -0.51
N PHE A 132 -4.99 -17.97 -1.72
CA PHE A 132 -4.23 -16.74 -1.83
C PHE A 132 -5.00 -15.56 -1.21
N PHE A 133 -6.32 -15.51 -1.45
CA PHE A 133 -7.13 -14.48 -0.82
C PHE A 133 -7.11 -14.62 0.70
N VAL A 134 -7.24 -15.86 1.19
CA VAL A 134 -7.21 -16.10 2.62
C VAL A 134 -5.89 -15.63 3.21
N PHE A 135 -4.78 -15.92 2.55
CA PHE A 135 -3.48 -15.51 3.06
C PHE A 135 -3.26 -14.01 2.92
N VAL A 136 -3.89 -13.37 1.93
CA VAL A 136 -3.86 -11.92 1.85
C VAL A 136 -4.55 -11.32 3.07
N GLU A 137 -5.66 -11.93 3.50
CA GLU A 137 -6.31 -11.45 4.73
C GLU A 137 -5.46 -11.76 5.96
N VAL A 138 -4.79 -12.91 5.98
CA VAL A 138 -3.87 -13.23 7.06
C VAL A 138 -2.71 -12.25 7.11
N MET A 139 -2.35 -11.66 5.98
CA MET A 139 -1.34 -10.62 5.94
C MET A 139 -1.88 -9.24 6.30
N LEU A 140 -3.16 -8.99 6.00
CA LEU A 140 -3.72 -7.66 6.21
C LEU A 140 -4.20 -7.45 7.63
N LEU A 141 -4.75 -8.47 8.27
CA LEU A 141 -5.29 -8.29 9.61
C LEU A 141 -4.22 -7.90 10.63
N PRO A 142 -3.05 -8.56 10.71
CA PRO A 142 -2.00 -8.06 11.60
C PRO A 142 -1.43 -6.73 11.15
N SER A 143 -1.59 -6.37 9.87
CA SER A 143 -1.17 -5.05 9.44
C SER A 143 -2.02 -3.96 10.08
N TYR A 144 -3.31 -4.22 10.25
CA TYR A 144 -4.19 -3.24 10.88
C TYR A 144 -3.83 -3.04 12.34
N GLY A 145 -3.41 -4.11 13.03
CA GLY A 145 -2.95 -3.97 14.40
C GLY A 145 -1.64 -3.22 14.51
N LEU A 146 -0.76 -3.39 13.53
CA LEU A 146 0.52 -2.68 13.54
C LEU A 146 0.37 -1.20 13.24
N MET A 147 -0.74 -0.80 12.62
CA MET A 147 -0.97 0.61 12.36
C MET A 147 -1.30 1.40 13.62
N MET A 148 -1.65 0.72 14.71
CA MET A 148 -1.88 1.37 15.99
C MET A 148 -0.66 1.38 16.88
N ILE A 149 0.31 0.48 16.64
CA ILE A 149 1.54 0.47 17.41
C ILE A 149 2.36 1.70 17.06
N THR A 150 2.60 2.55 18.05
CA THR A 150 3.36 3.77 17.85
C THR A 150 4.50 3.82 18.86
N ARG A 151 5.48 4.69 18.57
CA ARG A 151 6.63 4.84 19.45
C ARG A 151 6.21 5.27 20.85
N SER A 152 5.14 6.05 20.96
CA SER A 152 4.66 6.55 22.25
C SER A 152 3.55 5.71 22.84
N GLY A 153 3.10 4.67 22.16
CA GLY A 153 2.04 3.83 22.67
C GLY A 153 0.65 4.39 22.52
N ARG A 154 0.48 5.53 21.86
CA ARG A 154 -0.82 6.14 21.66
C ARG A 154 -1.14 6.16 20.17
N ALA A 155 -2.28 6.78 19.84
CA ALA A 155 -2.71 6.95 18.47
C ALA A 155 -3.55 8.20 18.37
N SER A 156 -3.49 8.87 17.22
CA SER A 156 -4.17 10.13 17.02
C SER A 156 -5.41 9.93 16.16
N VAL A 157 -6.18 11.01 16.02
CA VAL A 157 -7.33 10.99 15.12
C VAL A 157 -6.87 10.79 13.68
N VAL A 158 -5.71 11.36 13.33
CA VAL A 158 -5.18 11.19 11.98
C VAL A 158 -4.73 9.74 11.77
N GLY A 159 -4.03 9.18 12.74
CA GLY A 159 -3.58 7.81 12.65
C GLY A 159 -4.69 6.78 12.68
N VAL A 160 -5.91 7.19 13.00
CA VAL A 160 -7.04 6.27 13.02
C VAL A 160 -7.89 6.52 11.78
N ALA A 161 -7.88 7.76 11.26
CA ALA A 161 -8.54 8.01 9.99
C ALA A 161 -7.79 7.35 8.84
N ALA A 162 -6.46 7.38 8.89
CA ALA A 162 -5.67 6.65 7.92
C ALA A 162 -5.95 5.16 7.98
N SER A 163 -6.12 4.63 9.19
CA SER A 163 -6.44 3.21 9.33
C SER A 163 -7.82 2.89 8.80
N ARG A 164 -8.79 3.77 9.06
CA ARG A 164 -10.12 3.61 8.48
C ARG A 164 -10.04 3.55 6.97
N LEU A 165 -9.33 4.50 6.35
CA LEU A 165 -9.22 4.51 4.90
C LEU A 165 -8.53 3.25 4.38
N TYR A 166 -7.44 2.86 5.04
CA TYR A 166 -6.69 1.66 4.64
C TYR A 166 -7.59 0.43 4.64
N ILE A 167 -8.22 0.16 5.78
CA ILE A 167 -9.05 -1.04 5.91
C ILE A 167 -10.25 -0.97 4.98
N SER A 168 -10.80 0.23 4.77
CA SER A 168 -11.97 0.37 3.92
C SER A 168 -11.63 0.02 2.48
N VAL A 169 -10.60 0.67 1.91
CA VAL A 169 -10.23 0.39 0.53
C VAL A 169 -9.50 -0.93 0.36
N ASN A 170 -9.12 -1.59 1.46
CA ASN A 170 -8.53 -2.92 1.37
C ASN A 170 -9.55 -4.03 1.58
N LEU A 171 -10.52 -3.83 2.46
CA LEU A 171 -11.63 -4.76 2.54
C LEU A 171 -12.45 -4.75 1.26
N LEU A 172 -12.54 -3.60 0.60
CA LEU A 172 -13.22 -3.54 -0.69
C LEU A 172 -12.42 -4.26 -1.77
N ALA A 173 -11.10 -4.07 -1.79
CA ALA A 173 -10.27 -4.78 -2.75
C ALA A 173 -10.28 -6.28 -2.48
N SER A 174 -10.26 -6.67 -1.20
CA SER A 174 -10.32 -8.08 -0.84
C SER A 174 -11.63 -8.69 -1.29
N THR A 175 -12.74 -7.98 -1.10
CA THR A 175 -14.02 -8.52 -1.51
C THR A 175 -14.17 -8.55 -3.02
N ILE A 176 -13.58 -7.59 -3.73
CA ILE A 176 -13.57 -7.66 -5.19
C ILE A 176 -12.76 -8.86 -5.66
N LEU A 177 -11.63 -9.12 -5.00
CA LEU A 177 -10.86 -10.32 -5.31
C LEU A 177 -11.68 -11.58 -5.05
N LEU A 178 -12.47 -11.58 -3.97
CA LEU A 178 -13.29 -12.74 -3.66
C LEU A 178 -14.38 -12.94 -4.71
N ILE A 179 -15.00 -11.86 -5.17
CA ILE A 179 -16.01 -11.97 -6.21
C ILE A 179 -15.38 -12.44 -7.51
N GLY A 180 -14.17 -11.98 -7.81
CA GLY A 180 -13.48 -12.46 -9.00
C GLY A 180 -13.16 -13.94 -8.93
N VAL A 181 -12.69 -14.39 -7.76
CA VAL A 181 -12.43 -15.82 -7.58
C VAL A 181 -13.72 -16.62 -7.70
N ALA A 182 -14.83 -16.08 -7.18
CA ALA A 182 -16.11 -16.75 -7.29
C ALA A 182 -16.54 -16.87 -8.74
N LEU A 183 -16.35 -15.82 -9.53
CA LEU A 183 -16.74 -15.88 -10.94
C LEU A 183 -15.83 -16.80 -11.74
N ILE A 184 -14.54 -16.85 -11.39
CA ILE A 184 -13.64 -17.80 -12.04
C ILE A 184 -14.08 -19.23 -11.74
N TYR A 185 -14.43 -19.50 -10.48
CA TYR A 185 -14.91 -20.83 -10.12
C TYR A 185 -16.26 -21.12 -10.75
N GLY A 186 -17.03 -20.08 -11.06
CA GLY A 186 -18.32 -20.26 -11.70
C GLY A 186 -18.21 -20.63 -13.17
N VAL A 187 -17.37 -19.91 -13.90
CA VAL A 187 -17.24 -20.17 -15.33
C VAL A 187 -16.34 -21.38 -15.60
N THR A 188 -15.19 -21.44 -14.95
CA THR A 188 -14.33 -22.61 -15.02
C THR A 188 -14.74 -23.59 -13.92
N GLY A 189 -13.90 -24.59 -13.68
CA GLY A 189 -14.23 -25.58 -12.67
C GLY A 189 -13.48 -25.40 -11.37
N THR A 190 -12.25 -24.90 -11.45
CA THR A 190 -11.36 -24.87 -10.29
C THR A 190 -10.81 -23.47 -10.07
N VAL A 191 -10.39 -23.22 -8.83
CA VAL A 191 -9.69 -22.00 -8.49
C VAL A 191 -8.18 -22.19 -8.50
N ASN A 192 -7.70 -23.43 -8.67
CA ASN A 192 -6.27 -23.67 -8.77
C ASN A 192 -5.69 -22.91 -9.96
N ILE A 193 -4.55 -22.25 -9.73
CA ILE A 193 -3.97 -21.44 -10.79
C ILE A 193 -3.40 -22.32 -11.90
N ALA A 194 -2.92 -23.51 -11.55
CA ALA A 194 -2.39 -24.41 -12.57
C ALA A 194 -3.48 -24.91 -13.50
N GLN A 195 -4.58 -25.39 -12.94
CA GLN A 195 -5.68 -25.90 -13.75
C GLN A 195 -6.35 -24.82 -14.59
N LEU A 196 -5.99 -23.55 -14.38
CA LEU A 196 -6.38 -22.45 -15.24
C LEU A 196 -5.26 -22.07 -16.19
N HIS A 197 -4.52 -23.07 -16.68
CA HIS A 197 -3.31 -22.84 -17.46
C HIS A 197 -3.51 -21.86 -18.61
N GLY A 198 -4.70 -21.85 -19.21
CA GLY A 198 -4.93 -20.95 -20.32
C GLY A 198 -6.34 -20.39 -20.34
N ALA A 199 -7.07 -20.51 -19.24
CA ALA A 199 -8.48 -20.18 -19.26
C ALA A 199 -8.68 -18.66 -19.15
N ALA A 200 -7.97 -17.92 -19.97
CA ALA A 200 -8.30 -16.51 -20.23
C ALA A 200 -8.13 -16.11 -21.68
N SER A 201 -7.43 -16.90 -22.50
CA SER A 201 -7.34 -16.68 -23.93
C SER A 201 -8.21 -17.66 -24.71
N GLU A 202 -9.07 -18.40 -24.03
CA GLU A 202 -9.98 -19.34 -24.66
C GLU A 202 -11.41 -18.83 -24.71
N ASP A 203 -11.82 -18.07 -23.70
CA ASP A 203 -13.14 -17.47 -23.68
C ASP A 203 -13.10 -16.23 -22.81
N THR A 204 -13.77 -15.17 -23.27
CA THR A 204 -13.75 -13.90 -22.55
C THR A 204 -14.55 -13.93 -21.26
N ALA A 205 -15.42 -14.93 -21.09
CA ALA A 205 -16.20 -15.03 -19.86
C ALA A 205 -15.28 -15.19 -18.66
N VAL A 206 -14.23 -16.00 -18.79
CA VAL A 206 -13.27 -16.12 -17.70
C VAL A 206 -12.31 -14.93 -17.71
N ALA A 207 -12.10 -14.32 -18.87
CA ALA A 207 -11.20 -13.18 -18.95
C ALA A 207 -11.73 -11.99 -18.17
N VAL A 208 -13.05 -11.82 -18.12
CA VAL A 208 -13.62 -10.71 -17.36
C VAL A 208 -13.45 -10.94 -15.86
N ALA A 209 -13.66 -12.18 -15.40
CA ALA A 209 -13.44 -12.50 -13.99
C ALA A 209 -11.98 -12.35 -13.62
N THR A 210 -11.07 -12.77 -14.50
CA THR A 210 -9.66 -12.59 -14.22
C THR A 210 -9.27 -11.12 -14.25
N ALA A 211 -9.95 -10.31 -15.07
CA ALA A 211 -9.72 -8.88 -15.03
C ALA A 211 -10.22 -8.29 -13.73
N LEU A 212 -11.32 -8.82 -13.18
CA LEU A 212 -11.77 -8.39 -11.86
C LEU A 212 -10.73 -8.72 -10.80
N VAL A 213 -10.15 -9.92 -10.86
CA VAL A 213 -9.11 -10.30 -9.90
C VAL A 213 -7.89 -9.40 -10.04
N LEU A 214 -7.46 -9.16 -11.28
CA LEU A 214 -6.31 -8.27 -11.51
C LEU A 214 -6.62 -6.85 -11.07
N PHE A 215 -7.86 -6.41 -11.18
CA PHE A 215 -8.22 -5.06 -10.76
C PHE A 215 -8.22 -4.96 -9.24
N ALA A 216 -8.69 -6.00 -8.55
CA ALA A 216 -8.56 -6.01 -7.09
C ALA A 216 -7.10 -5.98 -6.67
N LEU A 217 -6.25 -6.77 -7.33
CA LEU A 217 -4.83 -6.75 -7.01
C LEU A 217 -4.19 -5.42 -7.37
N ALA A 218 -4.72 -4.72 -8.39
CA ALA A 218 -4.22 -3.40 -8.72
C ALA A 218 -4.63 -2.36 -7.68
N ILE A 219 -5.84 -2.46 -7.16
CA ILE A 219 -6.23 -1.63 -6.02
C ILE A 219 -5.27 -1.88 -4.86
N LYS A 220 -4.99 -3.14 -4.57
CA LYS A 220 -4.04 -3.47 -3.52
C LYS A 220 -2.64 -2.97 -3.85
N ALA A 221 -2.32 -2.80 -5.13
CA ALA A 221 -1.01 -2.35 -5.56
C ALA A 221 -0.96 -0.84 -5.81
N ALA A 222 -2.10 -0.16 -5.78
CA ALA A 222 -2.17 1.29 -5.95
C ALA A 222 -1.65 1.73 -7.31
N VAL A 223 -2.34 1.29 -8.36
CA VAL A 223 -2.12 1.78 -9.71
C VAL A 223 -2.82 3.13 -9.85
N VAL A 224 -2.60 3.81 -10.98
CA VAL A 224 -2.95 5.24 -11.05
C VAL A 224 -4.42 5.60 -10.85
N PRO A 225 -5.40 4.76 -11.22
CA PRO A 225 -6.79 5.23 -11.07
C PRO A 225 -7.18 5.11 -9.61
N VAL A 226 -6.63 4.13 -8.90
CA VAL A 226 -6.88 3.97 -7.47
C VAL A 226 -5.53 4.00 -6.76
N HIS A 227 -5.10 5.20 -6.38
CA HIS A 227 -3.80 5.38 -5.74
C HIS A 227 -3.84 6.30 -4.52
N GLY A 228 -4.82 7.19 -4.42
CA GLY A 228 -4.87 8.12 -3.30
C GLY A 228 -5.00 7.46 -1.95
N TRP A 229 -5.50 6.23 -1.91
CA TRP A 229 -5.65 5.55 -0.63
C TRP A 229 -4.30 5.16 -0.04
N LEU A 230 -3.29 4.98 -0.88
CA LEU A 230 -1.96 4.62 -0.40
C LEU A 230 -1.12 5.84 -0.08
N ALA A 231 -1.30 6.94 -0.81
CA ALA A 231 -0.59 8.17 -0.51
C ALA A 231 -1.12 8.85 0.74
N ARG A 232 -2.31 8.49 1.20
CA ARG A 232 -2.93 9.09 2.37
C ARG A 232 -3.07 8.12 3.54
N ALA A 233 -2.37 6.99 3.52
CA ALA A 233 -2.44 6.05 4.61
C ALA A 233 -1.07 5.68 5.13
N TYR A 234 -0.08 5.66 4.25
CA TYR A 234 1.28 5.31 4.64
C TYR A 234 1.99 6.46 5.37
N PRO A 235 1.83 7.71 4.95
CA PRO A 235 2.41 8.80 5.74
C PRO A 235 1.97 8.82 7.20
N LYS A 236 0.69 8.53 7.45
CA LYS A 236 0.13 8.60 8.80
C LYS A 236 0.25 7.29 9.55
N MET A 237 1.48 6.75 9.60
CA MET A 237 1.76 5.53 10.34
C MET A 237 3.11 5.68 11.03
N SER A 238 3.36 4.79 11.99
CA SER A 238 4.63 4.81 12.68
C SER A 238 5.77 4.61 11.69
N PRO A 239 6.94 5.22 11.92
CA PRO A 239 8.02 5.15 10.92
C PRO A 239 8.51 3.75 10.64
N ALA A 240 8.39 2.82 11.59
CA ALA A 240 8.82 1.45 11.35
C ALA A 240 7.73 0.62 10.67
N VAL A 241 6.47 0.87 11.01
CA VAL A 241 5.38 0.11 10.41
C VAL A 241 5.27 0.40 8.93
N THR A 242 5.42 1.67 8.54
CA THR A 242 5.36 2.00 7.13
C THR A 242 6.56 1.45 6.36
N ALA A 243 7.73 1.39 7.01
CA ALA A 243 8.89 0.79 6.37
C ALA A 243 8.70 -0.71 6.18
N MET A 244 8.06 -1.37 7.13
CA MET A 244 7.79 -2.79 6.99
C MET A 244 6.73 -3.04 5.91
N PHE A 245 5.75 -2.15 5.80
CA PHE A 245 4.67 -2.35 4.84
C PHE A 245 5.09 -1.95 3.43
N SER A 246 6.13 -1.12 3.29
CA SER A 246 6.53 -0.65 1.98
C SER A 246 6.96 -1.76 1.04
N GLY A 247 7.32 -2.93 1.57
CA GLY A 247 7.83 -3.99 0.73
C GLY A 247 6.97 -5.24 0.70
N LEU A 248 5.95 -5.31 1.55
CA LEU A 248 5.13 -6.51 1.67
C LEU A 248 3.84 -6.45 0.86
N HIS A 249 2.95 -5.51 1.18
CA HIS A 249 1.57 -5.60 0.72
C HIS A 249 1.46 -5.32 -0.78
N THR A 250 1.84 -4.11 -1.19
CA THR A 250 1.81 -3.77 -2.61
C THR A 250 2.65 -4.74 -3.43
N LYS A 251 3.75 -5.24 -2.84
CA LYS A 251 4.61 -6.14 -3.58
C LYS A 251 4.04 -7.55 -3.67
N ILE A 252 3.28 -7.97 -2.65
CA ILE A 252 2.54 -9.23 -2.79
C ILE A 252 1.48 -9.09 -3.88
N ALA A 253 0.85 -7.92 -3.97
CA ALA A 253 -0.09 -7.68 -5.06
C ALA A 253 0.61 -7.71 -6.42
N ILE A 254 1.84 -7.18 -6.48
CA ILE A 254 2.60 -7.22 -7.73
C ILE A 254 2.91 -8.65 -8.13
N TYR A 255 3.40 -9.45 -7.17
CA TYR A 255 3.68 -10.85 -7.43
C TYR A 255 2.43 -11.58 -7.90
N ALA A 256 1.28 -11.26 -7.29
CA ALA A 256 0.04 -11.90 -7.69
C ALA A 256 -0.35 -11.53 -9.11
N ILE A 257 -0.22 -10.25 -9.47
CA ILE A 257 -0.53 -9.84 -10.84
C ILE A 257 0.39 -10.56 -11.82
N TYR A 258 1.67 -10.64 -11.49
CA TYR A 258 2.61 -11.35 -12.36
C TYR A 258 2.19 -12.80 -12.55
N ARG A 259 1.97 -13.52 -11.44
CA ARG A 259 1.64 -14.94 -11.53
C ARG A 259 0.33 -15.16 -12.28
N ILE A 260 -0.69 -14.33 -12.00
CA ILE A 260 -1.99 -14.53 -12.63
C ILE A 260 -1.91 -14.26 -14.12
N TYR A 261 -1.34 -13.11 -14.51
CA TYR A 261 -1.28 -12.81 -15.93
C TYR A 261 -0.31 -13.72 -16.68
N ALA A 262 0.65 -14.32 -16.00
CA ALA A 262 1.57 -15.21 -16.69
C ALA A 262 0.99 -16.61 -16.85
N VAL A 263 0.27 -17.09 -15.84
CA VAL A 263 -0.29 -18.44 -15.90
C VAL A 263 -1.67 -18.41 -16.51
N ILE A 264 -2.61 -17.73 -15.86
CA ILE A 264 -4.00 -17.75 -16.32
C ILE A 264 -4.13 -17.12 -17.70
N PHE A 265 -3.76 -15.85 -17.82
CA PHE A 265 -3.85 -15.16 -19.10
C PHE A 265 -2.84 -15.66 -20.12
N ASP A 266 -1.82 -16.41 -19.68
CA ASP A 266 -0.80 -16.98 -20.57
C ASP A 266 -0.02 -15.92 -21.31
N GLY A 267 -0.03 -14.67 -20.84
CA GLY A 267 0.60 -13.59 -21.56
C GLY A 267 -0.03 -13.42 -22.93
N ASP A 268 -1.34 -13.16 -22.94
CA ASP A 268 -2.12 -13.27 -24.16
C ASP A 268 -1.69 -12.26 -25.22
N SER A 269 -1.04 -11.17 -24.81
CA SER A 269 -0.50 -10.12 -25.68
C SER A 269 -1.57 -9.33 -26.41
N ARG A 270 -2.85 -9.65 -26.21
CA ARG A 270 -3.92 -8.82 -26.76
C ARG A 270 -4.35 -7.74 -25.80
N TYR A 271 -4.25 -8.00 -24.50
CA TYR A 271 -4.57 -7.03 -23.45
C TYR A 271 -3.32 -6.48 -22.78
N LEU A 272 -2.22 -6.37 -23.51
CA LEU A 272 -1.02 -5.74 -22.99
C LEU A 272 -1.06 -4.22 -23.14
N TRP A 273 -1.84 -3.71 -24.08
CA TRP A 273 -1.91 -2.27 -24.29
C TRP A 273 -2.52 -1.56 -23.08
N VAL A 274 -3.51 -2.20 -22.45
CA VAL A 274 -4.12 -1.59 -21.26
C VAL A 274 -3.13 -1.57 -20.12
N GLY A 275 -2.33 -2.63 -19.99
CA GLY A 275 -1.26 -2.62 -19.01
C GLY A 275 -0.28 -1.49 -19.25
N VAL A 276 0.17 -1.36 -20.50
CA VAL A 276 1.12 -0.30 -20.85
C VAL A 276 0.53 1.06 -20.49
N VAL A 277 -0.71 1.32 -20.91
CA VAL A 277 -1.33 2.62 -20.67
C VAL A 277 -1.45 2.90 -19.18
N VAL A 278 -2.06 1.97 -18.45
CA VAL A 278 -2.34 2.21 -17.03
C VAL A 278 -1.04 2.35 -16.25
N PHE A 279 -0.04 1.52 -16.55
CA PHE A 279 1.18 1.57 -15.76
C PHE A 279 2.06 2.76 -16.13
N SER A 280 2.04 3.21 -17.38
CA SER A 280 2.73 4.46 -17.71
C SER A 280 2.06 5.65 -17.05
N ALA A 281 0.71 5.67 -17.06
CA ALA A 281 0.00 6.70 -16.33
C ALA A 281 0.33 6.65 -14.85
N THR A 282 0.55 5.46 -14.29
CA THR A 282 0.95 5.35 -12.90
C THR A 282 2.33 5.95 -12.69
N MET A 283 3.31 5.54 -13.50
CA MET A 283 4.65 6.09 -13.41
C MET A 283 4.64 7.61 -13.46
N LEU A 284 3.73 8.17 -14.26
CA LEU A 284 3.69 9.63 -14.39
C LEU A 284 3.00 10.29 -13.20
N ILE A 285 1.78 9.85 -12.88
CA ILE A 285 0.97 10.53 -11.88
C ILE A 285 1.56 10.35 -10.49
N GLY A 286 2.10 9.17 -10.19
CA GLY A 286 2.72 8.98 -8.88
C GLY A 286 3.89 9.91 -8.64
N VAL A 287 4.77 10.02 -9.64
CA VAL A 287 5.93 10.90 -9.46
C VAL A 287 5.51 12.36 -9.48
N LEU A 288 4.43 12.70 -10.19
CA LEU A 288 3.92 14.06 -10.13
C LEU A 288 3.43 14.39 -8.72
N GLY A 289 2.54 13.55 -8.19
CA GLY A 289 2.11 13.72 -6.81
C GLY A 289 3.27 13.76 -5.84
N ALA A 290 4.34 13.02 -6.12
CA ALA A 290 5.52 13.04 -5.26
C ALA A 290 6.18 14.41 -5.27
N VAL A 291 6.54 14.92 -6.46
CA VAL A 291 7.19 16.22 -6.54
C VAL A 291 6.28 17.33 -6.04
N GLY A 292 4.97 17.09 -6.01
CA GLY A 292 4.06 18.11 -5.49
C GLY A 292 3.97 18.19 -3.99
N GLU A 293 4.30 17.10 -3.29
CA GLU A 293 4.11 17.04 -1.84
C GLU A 293 5.10 17.96 -1.14
N ALA A 294 4.96 18.04 0.19
CA ALA A 294 5.84 18.86 1.00
C ALA A 294 6.32 18.17 2.27
N ALA A 295 5.91 16.92 2.52
CA ALA A 295 6.35 16.16 3.67
C ALA A 295 7.34 15.09 3.24
N PRO A 296 8.33 14.76 4.09
CA PRO A 296 9.34 13.77 3.67
C PRO A 296 8.78 12.37 3.47
N ARG A 297 7.99 11.88 4.43
CA ARG A 297 7.45 10.53 4.31
C ARG A 297 6.19 10.48 3.45
N SER A 298 5.59 11.62 3.13
CA SER A 298 4.48 11.64 2.20
C SER A 298 4.94 11.70 0.75
N ILE A 299 6.19 12.10 0.51
CA ILE A 299 6.75 12.02 -0.83
C ILE A 299 7.03 10.58 -1.21
N LEU A 300 7.57 9.80 -0.28
CA LEU A 300 7.92 8.41 -0.55
C LEU A 300 6.70 7.55 -0.87
N ALA A 301 5.52 7.92 -0.39
CA ALA A 301 4.32 7.16 -0.74
C ALA A 301 3.99 7.30 -2.22
N PHE A 302 3.95 8.53 -2.73
CA PHE A 302 3.74 8.73 -4.15
C PHE A 302 4.87 8.15 -4.97
N HIS A 303 6.10 8.20 -4.45
CA HIS A 303 7.20 7.56 -5.15
C HIS A 303 7.01 6.05 -5.21
N MET A 304 6.47 5.47 -4.15
CA MET A 304 6.16 4.04 -4.18
C MET A 304 5.09 3.74 -5.21
N VAL A 305 4.11 4.63 -5.37
CA VAL A 305 3.10 4.46 -6.42
C VAL A 305 3.77 4.48 -7.79
N SER A 306 4.67 5.44 -8.01
CA SER A 306 5.33 5.54 -9.31
C SER A 306 6.22 4.34 -9.58
N GLN A 307 6.94 3.85 -8.57
CA GLN A 307 7.77 2.67 -8.77
C GLN A 307 6.93 1.41 -8.94
N ILE A 308 5.73 1.37 -8.35
CA ILE A 308 4.81 0.27 -8.61
C ILE A 308 4.38 0.29 -10.07
N GLY A 309 4.11 1.48 -10.59
CA GLY A 309 3.86 1.60 -12.02
C GLY A 309 5.06 1.16 -12.85
N TYR A 310 6.26 1.42 -12.35
CA TYR A 310 7.48 0.96 -13.02
C TYR A 310 7.54 -0.55 -13.08
N ILE A 311 7.32 -1.21 -11.95
CA ILE A 311 7.45 -2.66 -11.87
C ILE A 311 6.42 -3.35 -12.76
N LEU A 312 5.14 -2.99 -12.56
CA LEU A 312 4.07 -3.63 -13.33
C LEU A 312 4.22 -3.42 -14.82
N LEU A 313 4.97 -2.39 -15.25
CA LEU A 313 5.27 -2.26 -16.66
C LEU A 313 6.03 -3.46 -17.20
N GLY A 314 6.76 -4.16 -16.32
CA GLY A 314 7.47 -5.35 -16.75
C GLY A 314 6.55 -6.46 -17.21
N VAL A 315 5.32 -6.49 -16.70
CA VAL A 315 4.35 -7.49 -17.16
C VAL A 315 3.55 -6.99 -18.35
N ALA A 316 3.52 -5.68 -18.58
CA ALA A 316 2.93 -5.15 -19.81
C ALA A 316 3.88 -5.22 -20.99
N LEU A 317 5.13 -5.62 -20.74
CA LEU A 317 6.13 -5.89 -21.78
C LEU A 317 6.46 -7.38 -21.81
N PHE A 318 5.42 -8.21 -21.71
CA PHE A 318 5.59 -9.65 -21.52
C PHE A 318 6.57 -10.25 -22.52
N GLY A 319 7.46 -11.11 -22.01
CA GLY A 319 8.49 -11.71 -22.80
C GLY A 319 9.68 -12.06 -21.95
N PRO A 320 10.74 -12.60 -22.57
CA PRO A 320 11.92 -12.98 -21.78
C PRO A 320 12.63 -11.79 -21.17
N ILE A 321 12.58 -10.63 -21.80
CA ILE A 321 13.33 -9.46 -21.32
C ILE A 321 12.47 -8.58 -20.42
N GLY A 322 11.21 -8.35 -20.81
CA GLY A 322 10.35 -7.51 -20.00
C GLY A 322 10.08 -8.09 -18.63
N LEU A 323 9.84 -9.39 -18.55
CA LEU A 323 9.59 -10.02 -17.27
C LEU A 323 10.84 -10.01 -16.39
N THR A 324 12.01 -10.23 -17.00
CA THR A 324 13.25 -10.15 -16.24
C THR A 324 13.46 -8.75 -15.67
N ALA A 325 13.25 -7.73 -16.51
CA ALA A 325 13.38 -6.36 -16.04
C ALA A 325 12.39 -6.07 -14.91
N GLY A 326 11.15 -6.53 -15.06
CA GLY A 326 10.15 -6.25 -14.04
C GLY A 326 10.46 -6.96 -12.73
N ILE A 327 10.95 -8.19 -12.78
CA ILE A 327 11.26 -8.92 -11.55
C ILE A 327 12.46 -8.31 -10.86
N PHE A 328 13.51 -7.98 -11.62
CA PHE A 328 14.66 -7.31 -11.03
C PHE A 328 14.25 -5.97 -10.44
N TYR A 329 13.36 -5.25 -11.11
CA TYR A 329 12.91 -3.96 -10.60
C TYR A 329 12.11 -4.14 -9.31
N LEU A 330 11.28 -5.17 -9.24
CA LEU A 330 10.54 -5.46 -8.02
C LEU A 330 11.49 -5.71 -6.86
N LEU A 331 12.44 -6.64 -7.06
CA LEU A 331 13.35 -7.01 -5.98
C LEU A 331 14.25 -5.87 -5.58
N HIS A 332 14.64 -5.01 -6.52
CA HIS A 332 15.45 -3.85 -6.18
C HIS A 332 14.63 -2.77 -5.49
N HIS A 333 13.43 -2.50 -5.98
CA HIS A 333 12.67 -1.36 -5.49
C HIS A 333 12.12 -1.63 -4.10
N MET A 334 11.72 -2.86 -3.78
CA MET A 334 11.24 -3.07 -2.43
C MET A 334 12.37 -2.90 -1.42
N ILE A 335 13.59 -3.32 -1.79
CA ILE A 335 14.75 -3.11 -0.93
C ILE A 335 15.04 -1.62 -0.78
N VAL A 336 15.02 -0.88 -1.88
CA VAL A 336 15.36 0.54 -1.84
C VAL A 336 14.32 1.32 -1.04
N LYS A 337 13.04 1.10 -1.33
CA LYS A 337 11.98 1.79 -0.61
C LYS A 337 12.00 1.42 0.86
N ALA A 338 12.40 0.18 1.20
CA ALA A 338 12.63 -0.14 2.59
C ALA A 338 13.77 0.69 3.17
N ALA A 339 14.90 0.77 2.45
CA ALA A 339 16.03 1.57 2.90
C ALA A 339 15.72 3.06 2.90
N LEU A 340 14.65 3.48 2.21
CA LEU A 340 14.30 4.89 2.16
C LEU A 340 13.31 5.27 3.26
N PHE A 341 12.38 4.37 3.59
CA PHE A 341 11.50 4.60 4.72
C PHE A 341 12.21 4.41 6.05
N LEU A 342 13.37 3.75 6.05
CA LEU A 342 14.14 3.56 7.28
C LEU A 342 15.11 4.71 7.53
N ALA A 343 15.54 5.40 6.47
CA ALA A 343 16.39 6.56 6.66
C ALA A 343 15.56 7.79 7.01
N ILE A 344 14.49 8.03 6.25
CA ILE A 344 13.57 9.11 6.60
C ILE A 344 12.81 8.78 7.87
N GLY A 345 12.55 7.49 8.11
CA GLY A 345 11.89 7.10 9.35
C GLY A 345 12.77 7.27 10.57
N ALA A 346 14.08 7.13 10.41
CA ALA A 346 14.99 7.34 11.53
C ALA A 346 15.10 8.82 11.89
N ILE A 347 14.75 9.71 10.96
CA ILE A 347 14.72 11.14 11.28
C ILE A 347 13.45 11.49 12.02
N GLU A 348 12.31 10.95 11.57
CA GLU A 348 11.04 11.22 12.23
C GLU A 348 10.98 10.64 13.64
N VAL A 349 11.87 9.72 13.97
CA VAL A 349 11.87 9.15 15.32
C VAL A 349 12.61 10.07 16.29
N ARG A 350 13.74 10.63 15.86
CA ARG A 350 14.52 11.50 16.73
C ARG A 350 14.18 12.98 16.56
N TYR A 351 13.80 13.40 15.37
CA TYR A 351 13.52 14.80 15.10
C TYR A 351 12.03 15.08 14.93
N GLY A 352 11.17 14.07 15.03
CA GLY A 352 9.74 14.27 14.92
C GLY A 352 9.30 14.54 13.50
N PRO A 353 8.03 14.26 13.21
CA PRO A 353 7.50 14.49 11.85
C PRO A 353 7.33 15.97 11.58
N ARG A 354 8.09 16.49 10.61
CA ARG A 354 8.03 17.89 10.22
C ARG A 354 7.93 17.97 8.70
N ARG A 355 7.73 19.18 8.20
CA ARG A 355 7.67 19.42 6.77
C ARG A 355 9.10 19.48 6.21
N LEU A 356 9.23 19.83 4.94
CA LEU A 356 10.54 20.03 4.33
C LEU A 356 10.96 21.48 4.54
N GLY A 357 12.11 21.67 5.19
CA GLY A 357 12.61 23.00 5.51
C GLY A 357 12.62 23.31 7.00
N GLN A 358 11.85 22.58 7.80
CA GLN A 358 11.88 22.79 9.24
C GLN A 358 13.16 22.24 9.86
N LEU A 359 13.83 21.30 9.19
CA LEU A 359 15.13 20.81 9.59
C LEU A 359 16.18 21.25 8.57
N SER A 360 17.45 21.18 8.98
CA SER A 360 18.53 21.58 8.11
C SER A 360 19.84 21.06 8.66
N GLY A 361 20.77 20.79 7.75
CA GLY A 361 22.10 20.39 8.15
C GLY A 361 22.24 18.97 8.67
N LEU A 362 21.20 18.15 8.51
CA LEU A 362 21.29 16.77 9.00
C LEU A 362 22.36 15.97 8.30
N ALA A 363 22.84 16.43 7.14
CA ALA A 363 23.98 15.77 6.50
C ALA A 363 25.28 16.05 7.21
N LYS A 364 25.32 17.08 8.06
CA LYS A 364 26.53 17.42 8.81
C LYS A 364 26.54 16.81 10.20
N THR A 365 25.39 16.80 10.87
CA THR A 365 25.31 16.27 12.22
C THR A 365 25.03 14.77 12.26
N GLU A 366 24.40 14.23 11.23
CA GLU A 366 24.08 12.80 11.15
C GLU A 366 24.53 12.27 9.80
N PRO A 367 25.83 11.98 9.64
CA PRO A 367 26.30 11.52 8.32
C PRO A 367 25.90 10.10 7.98
N LEU A 368 25.68 9.24 8.98
CA LEU A 368 25.31 7.86 8.69
C LEU A 368 23.98 7.79 7.96
N VAL A 369 22.93 8.40 8.53
CA VAL A 369 21.63 8.36 7.89
C VAL A 369 21.64 9.17 6.60
N ALA A 370 22.47 10.21 6.52
CA ALA A 370 22.57 10.97 5.28
C ALA A 370 23.12 10.12 4.15
N VAL A 371 24.16 9.34 4.43
CA VAL A 371 24.71 8.42 3.43
C VAL A 371 23.67 7.37 3.06
N ALA A 372 23.05 6.77 4.09
CA ALA A 372 22.07 5.72 3.84
C ALA A 372 20.89 6.25 3.03
N PHE A 373 20.58 7.54 3.15
CA PHE A 373 19.49 8.10 2.37
C PHE A 373 19.92 8.47 0.96
N PHE A 374 21.11 9.06 0.81
CA PHE A 374 21.51 9.51 -0.52
C PHE A 374 21.82 8.33 -1.43
N ALA A 375 22.41 7.26 -0.89
CA ALA A 375 22.62 6.07 -1.69
C ALA A 375 21.30 5.51 -2.21
N SER A 376 20.32 5.37 -1.32
CA SER A 376 19.03 4.83 -1.75
C SER A 376 18.29 5.80 -2.66
N ALA A 377 18.51 7.10 -2.51
CA ALA A 377 17.84 8.07 -3.37
C ALA A 377 18.41 8.01 -4.79
N MET A 378 19.73 7.96 -4.91
CA MET A 378 20.33 7.81 -6.22
C MET A 378 19.97 6.47 -6.85
N SER A 379 19.81 5.43 -6.03
CA SER A 379 19.37 4.15 -6.59
C SER A 379 17.93 4.24 -7.07
N LEU A 380 17.07 4.92 -6.31
CA LEU A 380 15.68 5.07 -6.71
C LEU A 380 15.56 5.87 -8.00
N ALA A 381 16.37 6.92 -8.15
CA ALA A 381 16.37 7.69 -9.38
C ALA A 381 17.09 6.98 -10.52
N GLY A 382 17.70 5.83 -10.26
CA GLY A 382 18.40 5.09 -11.29
C GLY A 382 19.71 5.71 -11.69
N ILE A 383 20.66 5.75 -10.76
CA ILE A 383 21.98 6.32 -11.01
C ILE A 383 22.99 5.18 -11.07
N PRO A 384 23.91 5.19 -12.04
CA PRO A 384 24.76 4.02 -12.32
C PRO A 384 25.41 3.40 -11.09
N PRO A 385 26.06 4.17 -10.19
CA PRO A 385 26.80 3.51 -9.11
C PRO A 385 25.95 2.60 -8.22
N PHE A 386 24.64 2.56 -8.44
CA PHE A 386 23.75 1.78 -7.59
C PHE A 386 22.90 0.80 -8.41
N SER A 387 21.97 0.12 -7.74
CA SER A 387 21.22 -0.96 -8.39
C SER A 387 20.19 -0.43 -9.37
N GLY A 388 19.41 0.58 -8.95
CA GLY A 388 18.32 1.09 -9.74
C GLY A 388 18.66 1.43 -11.18
N PHE A 389 19.94 1.71 -11.43
CA PHE A 389 20.38 1.95 -12.80
C PHE A 389 20.24 0.69 -13.64
N VAL A 390 20.66 -0.45 -13.10
CA VAL A 390 20.50 -1.71 -13.83
C VAL A 390 19.04 -1.98 -14.11
N ALA A 391 18.18 -1.77 -13.10
CA ALA A 391 16.75 -2.02 -13.28
C ALA A 391 16.17 -1.13 -14.37
N LYS A 392 16.41 0.18 -14.28
CA LYS A 392 15.83 1.09 -15.25
C LYS A 392 16.40 0.88 -16.65
N LEU A 393 17.69 0.52 -16.74
CA LEU A 393 18.30 0.28 -18.04
C LEU A 393 17.70 -0.96 -18.69
N SER A 394 17.58 -2.05 -17.93
CA SER A 394 16.96 -3.25 -18.47
C SER A 394 15.50 -3.00 -18.85
N LEU A 395 14.81 -2.18 -18.05
CA LEU A 395 13.40 -1.90 -18.35
C LEU A 395 13.27 -1.07 -19.62
N ILE A 396 14.15 -0.08 -19.80
CA ILE A 396 14.11 0.74 -21.01
C ILE A 396 14.48 -0.09 -22.23
N ILE A 397 15.44 -1.00 -22.08
CA ILE A 397 15.82 -1.88 -23.18
C ILE A 397 14.65 -2.77 -23.55
N ALA A 398 13.96 -3.33 -22.56
CA ALA A 398 12.81 -4.18 -22.84
C ALA A 398 11.64 -3.40 -23.43
N ALA A 399 11.50 -2.13 -23.05
CA ALA A 399 10.41 -1.33 -23.58
C ALA A 399 10.66 -0.91 -25.01
N LEU A 400 11.91 -0.56 -25.35
CA LEU A 400 12.24 -0.25 -26.72
C LEU A 400 12.28 -1.50 -27.60
N ASP A 401 12.55 -2.67 -27.01
CA ASP A 401 12.54 -3.89 -27.78
C ASP A 401 11.11 -4.27 -28.20
N ALA A 402 10.17 -4.18 -27.26
CA ALA A 402 8.78 -4.48 -27.55
C ALA A 402 8.11 -3.43 -28.41
N GLY A 403 8.80 -2.36 -28.78
CA GLY A 403 8.24 -1.32 -29.61
C GLY A 403 7.44 -0.26 -28.88
N GLN A 404 7.23 -0.41 -27.57
CA GLN A 404 6.47 0.56 -26.79
C GLN A 404 7.35 1.77 -26.54
N ILE A 405 7.35 2.69 -27.50
CA ILE A 405 8.19 3.88 -27.38
C ILE A 405 7.62 4.84 -26.34
N ALA A 406 6.29 4.95 -26.28
CA ALA A 406 5.68 5.87 -25.32
C ALA A 406 5.94 5.43 -23.89
N ALA A 407 5.80 4.14 -23.61
CA ALA A 407 6.09 3.64 -22.27
C ALA A 407 7.55 3.85 -21.91
N ALA A 408 8.46 3.63 -22.87
CA ALA A 408 9.87 3.88 -22.62
C ALA A 408 10.14 5.35 -22.37
N ALA A 409 9.52 6.23 -23.17
CA ALA A 409 9.71 7.67 -22.98
C ALA A 409 9.21 8.11 -21.61
N VAL A 410 8.07 7.59 -21.17
CA VAL A 410 7.57 7.96 -19.85
C VAL A 410 8.47 7.41 -18.76
N ALA A 411 8.90 6.15 -18.89
CA ALA A 411 9.77 5.56 -17.88
C ALA A 411 11.16 6.16 -17.84
N VAL A 412 11.54 6.94 -18.84
CA VAL A 412 12.86 7.57 -18.82
C VAL A 412 12.71 9.04 -18.44
N VAL A 413 11.54 9.64 -18.69
CA VAL A 413 11.32 11.03 -18.29
C VAL A 413 10.97 11.13 -16.81
N VAL A 414 10.21 10.15 -16.29
CA VAL A 414 9.80 10.18 -14.89
C VAL A 414 10.99 10.15 -13.95
N SER A 415 12.13 9.63 -14.40
CA SER A 415 13.32 9.64 -13.55
C SER A 415 13.80 11.06 -13.25
N ILE A 416 13.57 11.99 -14.17
CA ILE A 416 13.94 13.37 -13.90
C ILE A 416 13.12 13.93 -12.75
N LEU A 417 11.82 13.65 -12.73
CA LEU A 417 10.97 14.14 -11.65
C LEU A 417 11.29 13.41 -10.34
N THR A 418 11.61 12.12 -10.43
CA THR A 418 12.03 11.38 -9.23
C THR A 418 13.28 12.00 -8.63
N LEU A 419 14.27 12.29 -9.47
CA LEU A 419 15.48 12.94 -8.98
C LEU A 419 15.18 14.33 -8.44
N LEU A 420 14.28 15.06 -9.08
CA LEU A 420 13.91 16.38 -8.59
C LEU A 420 13.32 16.30 -7.18
N SER A 421 12.45 15.33 -6.95
CA SER A 421 11.83 15.24 -5.63
C SER A 421 12.80 14.72 -4.58
N MET A 422 13.65 13.76 -4.94
CA MET A 422 14.66 13.29 -4.00
C MET A 422 15.65 14.41 -3.66
N LEU A 423 15.97 15.26 -4.64
CA LEU A 423 16.82 16.41 -4.36
C LEU A 423 16.10 17.45 -3.52
N LYS A 424 14.78 17.58 -3.69
CA LYS A 424 14.02 18.45 -2.82
C LYS A 424 14.10 17.99 -1.37
N ILE A 425 13.99 16.68 -1.15
CA ILE A 425 14.15 16.14 0.20
C ILE A 425 15.56 16.39 0.71
N TRP A 426 16.56 16.04 -0.10
CA TRP A 426 17.96 16.19 0.28
C TRP A 426 18.31 17.64 0.60
N THR A 427 17.64 18.60 -0.06
CA THR A 427 17.93 20.00 0.17
C THR A 427 17.15 20.55 1.36
N GLY A 428 15.91 20.08 1.56
CA GLY A 428 15.11 20.58 2.65
C GLY A 428 15.35 19.92 3.99
N ILE A 429 16.10 18.81 4.03
CA ILE A 429 16.39 18.11 5.27
C ILE A 429 17.89 18.06 5.56
N PHE A 430 18.69 17.73 4.55
CA PHE A 430 20.10 17.41 4.79
C PHE A 430 21.06 18.54 4.48
N LEU A 431 20.80 19.32 3.43
CA LEU A 431 21.71 20.39 3.04
C LEU A 431 21.33 21.69 3.75
N GLY A 432 22.33 22.35 4.34
CA GLY A 432 22.10 23.61 5.02
C GLY A 432 22.92 23.73 6.28
N GLU A 433 22.81 24.86 6.97
CA GLU A 433 23.56 24.93 8.22
C GLU A 433 22.74 24.34 9.36
N PRO A 434 23.35 23.56 10.24
CA PRO A 434 22.60 22.98 11.36
C PRO A 434 22.09 24.05 12.31
N THR A 435 20.79 24.23 12.34
CA THR A 435 20.12 25.19 13.21
C THR A 435 19.54 24.50 14.44
N PRO A 436 19.53 25.17 15.58
CA PRO A 436 18.96 24.57 16.79
C PRO A 436 17.46 24.41 16.66
N THR A 437 16.96 23.21 16.94
CA THR A 437 15.54 22.89 16.85
C THR A 437 15.04 22.39 18.20
N ASP A 438 13.72 22.48 18.38
CA ASP A 438 13.10 22.16 19.65
C ASP A 438 13.05 20.65 19.88
N SER A 439 13.12 20.25 21.15
CA SER A 439 13.04 18.85 21.54
C SER A 439 11.57 18.47 21.64
N ARG A 440 10.98 18.18 20.49
CA ARG A 440 9.58 17.78 20.41
C ARG A 440 9.46 16.78 19.27
N THR A 441 9.56 15.50 19.63
CA THR A 441 9.60 14.41 18.65
C THR A 441 8.27 13.68 18.51
N LEU A 442 7.20 14.24 19.07
CA LEU A 442 5.89 13.63 19.01
C LEU A 442 4.84 14.71 18.81
N PRO A 443 4.07 14.66 17.72
CA PRO A 443 3.05 15.68 17.50
C PRO A 443 1.98 15.63 18.57
N GLU A 444 1.31 16.77 18.76
CA GLU A 444 0.29 16.88 19.80
C GLU A 444 -0.89 16.00 19.42
N GLY A 445 -1.03 14.86 20.10
CA GLY A 445 -2.03 13.89 19.76
C GLY A 445 -1.51 12.47 19.89
N LEU A 446 -0.19 12.31 19.80
CA LEU A 446 0.45 11.02 19.99
C LEU A 446 1.24 10.92 21.28
N ASP A 447 1.45 12.03 21.97
CA ASP A 447 2.31 11.99 23.16
C ASP A 447 1.48 11.64 24.39
N PRO A 448 2.05 10.89 25.34
CA PRO A 448 1.31 10.45 26.53
C PRO A 448 1.13 11.54 27.58
N ALA A 449 0.76 12.74 27.13
CA ALA A 449 0.44 13.83 28.04
C ALA A 449 -0.80 14.61 27.65
N HIS A 450 -1.30 14.50 26.43
CA HIS A 450 -2.51 15.17 25.97
C HIS A 450 -3.49 14.17 25.37
N SER A 451 -3.60 13.00 26.00
CA SER A 451 -4.50 11.96 25.52
C SER A 451 -5.02 11.18 26.71
N GLU A 452 -6.35 11.04 26.78
CA GLU A 452 -6.98 10.36 27.91
C GLU A 452 -6.86 8.84 27.84
N ALA A 453 -6.21 8.30 26.80
CA ALA A 453 -6.07 6.87 26.68
C ALA A 453 -5.13 6.32 27.73
N THR A 454 -5.10 5.00 27.86
CA THR A 454 -4.21 4.32 28.79
C THR A 454 -2.90 3.91 28.16
N GLY A 455 -2.75 4.04 26.85
CA GLY A 455 -1.52 3.73 26.18
C GLY A 455 -1.28 2.24 26.02
N ILE A 456 -0.59 1.85 24.96
CA ILE A 456 -0.27 0.43 24.77
C ILE A 456 0.81 0.03 25.77
N PRO A 457 0.64 -1.06 26.52
CA PRO A 457 1.60 -1.40 27.57
C PRO A 457 2.98 -1.65 26.99
N ASP A 458 3.95 -0.86 27.47
CA ASP A 458 5.32 -0.98 27.00
C ASP A 458 6.01 -2.15 27.69
N GLY A 459 6.94 -2.78 26.97
CA GLY A 459 7.65 -3.92 27.48
C GLY A 459 8.78 -3.54 28.42
N ARG A 460 9.46 -2.43 28.12
CA ARG A 460 10.51 -1.92 28.98
C ARG A 460 9.97 -0.94 30.01
N ASP A 461 8.91 -1.35 30.70
CA ASP A 461 8.29 -0.52 31.73
C ASP A 461 8.31 -1.15 33.12
N VAL A 462 8.54 -2.46 33.22
CA VAL A 462 8.57 -3.10 34.53
C VAL A 462 9.77 -2.65 35.35
N ASP A 463 10.76 -2.03 34.71
CA ASP A 463 11.89 -1.49 35.45
C ASP A 463 11.47 -0.41 36.45
N GLY A 464 10.33 0.22 36.22
CA GLY A 464 9.86 1.31 37.05
C GLY A 464 10.33 2.68 36.59
N ARG A 465 11.57 2.75 36.10
CA ARG A 465 12.12 4.01 35.61
C ARG A 465 11.90 4.18 34.11
N HIS A 466 10.65 4.05 33.69
CA HIS A 466 10.27 4.25 32.30
C HIS A 466 8.78 4.56 32.25
N ARG A 467 8.42 5.67 31.61
CA ARG A 467 7.02 6.05 31.54
C ARG A 467 6.29 5.30 30.43
N ASP A 468 6.68 5.53 29.19
CA ASP A 468 6.12 4.84 28.03
C ASP A 468 7.24 4.52 27.04
N GLY A 469 8.36 4.01 27.56
CA GLY A 469 9.53 3.83 26.75
C GLY A 469 10.41 5.05 26.69
N VAL A 470 10.34 5.91 27.71
CA VAL A 470 11.19 7.09 27.83
C VAL A 470 11.87 7.04 29.18
N GLU A 471 13.16 7.38 29.20
CA GLU A 471 13.95 7.26 30.42
C GLU A 471 13.61 8.38 31.41
N ILE A 472 12.50 8.22 32.14
CA ILE A 472 12.20 9.13 33.23
C ILE A 472 13.34 9.05 34.24
N THR A 473 13.79 10.23 34.71
CA THR A 473 14.99 10.29 35.55
C THR A 473 14.83 9.44 36.81
N GLY A 474 13.68 9.55 37.48
CA GLY A 474 13.41 8.78 38.68
C GLY A 474 13.18 9.71 39.86
N ALA A 475 13.29 9.13 41.05
CA ALA A 475 13.08 9.88 42.29
C ALA A 475 13.66 9.09 43.45
N ALA A 476 14.45 9.75 44.27
CA ALA A 476 15.07 9.10 45.43
C ALA A 476 14.58 9.73 46.73
N PRO A 517 10.39 22.49 24.09
CA PRO A 517 10.93 23.36 25.12
C PRO A 517 12.09 24.20 24.59
N ASP A 518 13.12 24.38 25.41
CA ASP A 518 14.29 25.11 24.98
C ASP A 518 14.94 24.44 23.78
N MET A 519 15.42 25.26 22.84
CA MET A 519 15.97 24.73 21.60
C MET A 519 17.26 23.95 21.88
N VAL A 520 17.35 22.76 21.31
CA VAL A 520 18.53 21.91 21.49
C VAL A 520 19.59 22.33 20.48
N PRO A 521 20.84 22.53 20.91
CA PRO A 521 21.89 22.83 19.94
C PRO A 521 22.08 21.65 18.99
N PRO A 522 22.59 21.90 17.79
CA PRO A 522 22.75 20.81 16.83
C PRO A 522 23.71 19.75 17.33
N GLY A 523 23.29 18.50 17.18
CA GLY A 523 24.10 17.39 17.62
C GLY A 523 23.71 16.10 16.91
N ARG A 524 24.25 15.00 17.41
CA ARG A 524 24.01 13.68 16.81
C ARG A 524 22.93 12.97 17.63
N ARG A 525 21.69 13.03 17.15
CA ARG A 525 20.58 12.37 17.83
C ARG A 525 20.43 10.92 17.43
N ILE A 526 20.54 10.62 16.13
CA ILE A 526 20.30 9.28 15.63
C ILE A 526 21.55 8.44 15.86
N GLY A 527 21.49 7.55 16.84
CA GLY A 527 22.60 6.67 17.13
C GLY A 527 22.83 5.66 16.02
N LEU A 528 23.72 4.72 16.30
CA LEU A 528 24.06 3.71 15.31
C LEU A 528 22.94 2.70 15.14
N ALA A 529 22.21 2.39 16.21
CA ALA A 529 21.17 1.37 16.13
C ALA A 529 19.99 1.80 15.28
N LEU A 530 19.79 3.11 15.08
CA LEU A 530 18.69 3.59 14.27
C LEU A 530 19.08 3.80 12.81
N ALA A 531 20.31 4.21 12.55
CA ALA A 531 20.79 4.42 11.18
C ALA A 531 21.45 3.20 10.59
N ALA A 532 21.60 2.12 11.35
CA ALA A 532 22.23 0.91 10.86
C ALA A 532 21.30 0.07 9.98
N PRO A 533 20.01 -0.09 10.33
CA PRO A 533 19.12 -0.81 9.40
C PRO A 533 18.90 -0.09 8.09
N ALA A 534 18.90 1.24 8.10
CA ALA A 534 18.79 1.99 6.86
C ALA A 534 20.09 1.99 6.05
N LEU A 535 21.22 1.73 6.70
CA LEU A 535 22.50 1.68 6.00
C LEU A 535 22.79 0.30 5.44
N ALA A 536 22.40 -0.76 6.16
CA ALA A 536 22.59 -2.12 5.66
C ALA A 536 21.86 -2.30 4.33
N LEU A 537 20.58 -1.92 4.28
CA LEU A 537 19.84 -1.98 3.03
C LEU A 537 20.29 -0.94 2.03
N SER A 538 21.22 -0.07 2.39
CA SER A 538 21.76 0.92 1.47
C SER A 538 23.08 0.49 0.84
N VAL A 539 23.72 -0.54 1.38
CA VAL A 539 24.85 -1.17 0.71
C VAL A 539 24.40 -2.39 -0.08
N VAL A 540 23.23 -2.95 0.20
CA VAL A 540 22.67 -3.99 -0.65
C VAL A 540 22.32 -3.41 -2.01
N THR A 541 21.75 -2.20 -2.04
CA THR A 541 21.42 -1.56 -3.30
C THR A 541 22.64 -1.04 -4.04
N LEU A 542 23.83 -1.12 -3.44
CA LEU A 542 25.07 -0.83 -4.12
C LEU A 542 25.81 -2.10 -4.53
N ALA A 543 25.75 -3.13 -3.69
CA ALA A 543 26.27 -4.44 -4.08
C ALA A 543 25.49 -5.01 -5.26
N LEU A 544 24.20 -4.71 -5.35
CA LEU A 544 23.39 -5.11 -6.48
C LEU A 544 23.60 -4.22 -7.70
N GLY A 545 24.25 -3.08 -7.53
CA GLY A 545 24.58 -2.22 -8.65
C GLY A 545 25.91 -2.58 -9.26
N LEU A 546 26.94 -2.72 -8.42
CA LEU A 546 28.24 -3.16 -8.90
C LEU A 546 28.17 -4.60 -9.39
N GLY A 547 27.85 -5.53 -8.49
CA GLY A 547 27.56 -6.88 -8.91
C GLY A 547 26.07 -7.10 -9.09
N GLY A 548 25.59 -6.99 -10.31
CA GLY A 548 24.16 -7.12 -10.56
C GLY A 548 23.85 -8.35 -11.38
N GLN A 549 24.88 -8.93 -11.99
CA GLN A 549 24.68 -10.16 -12.75
C GLN A 549 24.14 -11.28 -11.87
N LEU A 550 24.54 -11.32 -10.60
CA LEU A 550 24.03 -12.34 -9.69
C LEU A 550 22.51 -12.27 -9.58
N LEU A 551 21.96 -11.06 -9.38
CA LEU A 551 20.52 -10.93 -9.29
C LEU A 551 19.85 -10.94 -10.66
N LEU A 552 20.57 -10.53 -11.70
CA LEU A 552 19.99 -10.56 -13.04
C LEU A 552 19.78 -11.98 -13.51
N GLU A 553 20.70 -12.89 -13.16
CA GLU A 553 20.52 -14.29 -13.51
C GLU A 553 19.31 -14.89 -12.81
N LEU A 554 19.14 -14.58 -11.52
CA LEU A 554 17.99 -15.10 -10.80
C LEU A 554 16.69 -14.50 -11.31
N SER A 555 16.72 -13.22 -11.69
CA SER A 555 15.51 -12.61 -12.27
C SER A 555 15.19 -13.24 -13.62
N GLY A 556 16.20 -13.58 -14.42
CA GLY A 556 15.95 -14.27 -15.67
C GLY A 556 15.40 -15.67 -15.45
N THR A 557 15.92 -16.38 -14.44
CA THR A 557 15.40 -17.71 -14.15
C THR A 557 14.00 -17.66 -13.58
N ALA A 558 13.64 -16.56 -12.91
CA ALA A 558 12.27 -16.40 -12.43
C ALA A 558 11.34 -16.02 -13.56
N ALA A 559 11.79 -15.19 -14.49
CA ALA A 559 11.00 -14.87 -15.67
C ALA A 559 10.78 -16.10 -16.53
N ALA A 560 11.77 -17.00 -16.59
CA ALA A 560 11.60 -18.24 -17.33
C ALA A 560 10.51 -19.12 -16.76
N ASN A 561 10.01 -18.83 -15.57
CA ASN A 561 8.87 -19.53 -14.99
C ASN A 561 7.55 -18.82 -15.27
N LEU A 562 7.59 -17.68 -15.95
CA LEU A 562 6.39 -16.91 -16.27
C LEU A 562 6.10 -16.88 -17.76
N TYR A 563 7.10 -16.61 -18.60
CA TYR A 563 6.87 -16.65 -20.04
C TYR A 563 6.86 -18.07 -20.59
N ASP A 564 7.00 -19.07 -19.73
CA ASP A 564 6.94 -20.48 -20.14
C ASP A 564 6.50 -21.30 -18.94
N PRO A 565 5.22 -21.25 -18.60
CA PRO A 565 4.76 -21.89 -17.37
C PRO A 565 4.48 -23.38 -17.53
N THR A 566 4.96 -23.97 -18.63
CA THR A 566 4.78 -25.40 -18.83
C THR A 566 5.46 -26.20 -17.72
N THR A 567 6.64 -25.77 -17.29
CA THR A 567 7.35 -26.46 -16.22
C THR A 567 6.72 -26.22 -14.86
N TYR A 568 5.87 -25.20 -14.72
CA TYR A 568 5.15 -24.94 -13.48
C TYR A 568 3.84 -25.69 -13.43
N ILE A 569 3.08 -25.66 -14.52
CA ILE A 569 1.82 -26.40 -14.58
C ILE A 569 2.07 -27.91 -14.58
N GLN A 570 3.14 -28.35 -15.24
CA GLN A 570 3.49 -29.76 -15.22
C GLN A 570 3.96 -30.22 -13.85
N ALA A 571 4.33 -29.27 -12.98
CA ALA A 571 4.78 -29.62 -11.63
C ALA A 571 3.63 -29.56 -10.63
N VAL A 572 2.71 -28.62 -10.79
CA VAL A 572 1.58 -28.55 -9.87
C VAL A 572 0.57 -29.66 -10.16
N LEU A 573 0.47 -30.09 -11.41
CA LEU A 573 -0.51 -31.11 -11.82
C LEU A 573 0.13 -32.47 -12.00
N GLY A 574 1.11 -32.81 -11.17
CA GLY A 574 1.77 -34.10 -11.27
C GLY A 574 3.14 -34.13 -10.62
N VAL B 1 44.26 -6.72 -19.83
CA VAL B 1 43.67 -6.42 -18.53
C VAL B 1 44.44 -5.29 -17.87
N THR B 2 45.54 -4.88 -18.49
CA THR B 2 46.35 -3.81 -17.92
C THR B 2 45.64 -2.46 -17.98
N LEU B 3 44.77 -2.26 -18.96
CA LEU B 3 44.01 -1.01 -19.02
C LEU B 3 42.96 -0.96 -17.91
N THR B 4 42.28 -2.08 -17.67
CA THR B 4 41.39 -2.15 -16.52
C THR B 4 42.16 -2.01 -15.21
N LEU B 5 43.41 -2.49 -15.19
CA LEU B 5 44.24 -2.28 -14.01
C LEU B 5 44.55 -0.79 -13.82
N ALA B 6 44.80 -0.07 -14.92
CA ALA B 6 45.04 1.36 -14.82
C ALA B 6 43.82 2.09 -14.30
N LEU B 7 42.63 1.71 -14.78
CA LEU B 7 41.41 2.33 -14.26
C LEU B 7 41.19 1.99 -12.79
N ALA B 8 41.47 0.75 -12.40
CA ALA B 8 41.33 0.36 -11.00
C ALA B 8 42.30 1.13 -10.12
N VAL B 9 43.49 1.42 -10.64
CA VAL B 9 44.45 2.22 -9.88
C VAL B 9 43.99 3.66 -9.79
N ALA B 10 43.39 4.17 -10.86
CA ALA B 10 42.84 5.53 -10.82
C ALA B 10 41.74 5.64 -9.76
N PHE B 11 40.96 4.58 -9.58
CA PHE B 11 39.94 4.61 -8.54
C PHE B 11 40.52 4.35 -7.16
N GLY B 12 41.56 3.53 -7.06
CA GLY B 12 42.24 3.34 -5.79
C GLY B 12 42.91 4.60 -5.30
N ILE B 13 43.32 5.47 -6.22
CA ILE B 13 43.84 6.78 -5.83
C ILE B 13 42.77 7.55 -5.07
N ALA B 14 41.53 7.54 -5.57
CA ALA B 14 40.45 8.20 -4.86
C ALA B 14 40.12 7.49 -3.55
N ALA B 15 40.27 6.16 -3.53
CA ALA B 15 40.03 5.42 -2.30
C ALA B 15 41.04 5.79 -1.22
N ILE B 16 42.29 6.05 -1.62
CA ILE B 16 43.35 6.32 -0.65
C ILE B 16 43.54 7.80 -0.36
N SER B 17 42.95 8.69 -1.16
CA SER B 17 43.15 10.13 -0.98
C SER B 17 42.64 10.67 0.36
N PRO B 18 41.53 10.17 0.93
CA PRO B 18 41.16 10.64 2.27
C PRO B 18 42.17 10.28 3.35
N LEU B 19 42.78 9.10 3.25
CA LEU B 19 43.83 8.74 4.20
C LEU B 19 45.01 9.68 4.11
N LEU B 20 45.44 10.01 2.89
CA LEU B 20 46.54 10.96 2.73
C LEU B 20 46.14 12.34 3.20
N ALA B 21 44.88 12.73 3.01
CA ALA B 21 44.43 14.04 3.46
C ALA B 21 44.38 14.13 4.97
N ARG B 22 44.08 13.03 5.65
CA ARG B 22 44.13 13.02 7.11
C ARG B 22 45.56 12.91 7.63
N THR B 23 46.44 12.24 6.90
CA THR B 23 47.84 12.18 7.31
C THR B 23 48.53 13.50 7.05
N MET B 24 48.58 13.94 5.80
CA MET B 24 49.07 15.26 5.42
C MET B 24 47.85 16.16 5.23
N GLY B 25 47.78 17.24 6.01
CA GLY B 25 46.62 18.11 6.01
C GLY B 25 46.23 18.61 4.65
N ARG B 26 47.07 19.45 4.04
CA ARG B 26 46.88 19.90 2.67
C ARG B 26 47.97 19.45 1.72
N ASP B 27 49.11 19.00 2.23
CA ASP B 27 50.18 18.49 1.37
C ASP B 27 49.81 17.20 0.67
N ALA B 28 48.66 16.61 0.99
CA ALA B 28 48.23 15.40 0.31
C ALA B 28 48.01 15.62 -1.18
N GLY B 29 47.88 16.87 -1.61
CA GLY B 29 47.82 17.16 -3.02
C GLY B 29 49.12 16.94 -3.76
N TRP B 30 50.23 16.79 -3.04
CA TRP B 30 51.52 16.55 -3.68
C TRP B 30 51.67 15.09 -4.12
N PRO B 31 51.36 14.10 -3.27
CA PRO B 31 51.40 12.72 -3.79
C PRO B 31 50.41 12.47 -4.91
N LEU B 32 49.17 12.92 -4.74
CA LEU B 32 48.15 12.72 -5.77
C LEU B 32 48.58 13.34 -7.09
N ALA B 33 49.13 14.56 -7.04
CA ALA B 33 49.66 15.18 -8.26
C ALA B 33 50.72 14.31 -8.90
N ALA B 34 51.56 13.67 -8.10
CA ALA B 34 52.56 12.74 -8.59
C ALA B 34 52.05 11.31 -8.66
N MET B 35 50.79 11.07 -8.34
CA MET B 35 50.17 9.76 -8.47
C MET B 35 49.06 9.73 -9.50
N LEU B 36 48.35 10.84 -9.69
CA LEU B 36 47.36 10.97 -10.74
C LEU B 36 47.96 11.41 -12.06
N GLY B 37 49.15 12.00 -12.05
CA GLY B 37 49.83 12.38 -13.26
C GLY B 37 50.75 11.28 -13.74
N GLY B 38 51.48 10.66 -12.81
CA GLY B 38 52.29 9.52 -13.17
C GLY B 38 51.49 8.42 -13.83
N LEU B 39 50.28 8.17 -13.32
CA LEU B 39 49.37 7.23 -13.97
C LEU B 39 49.18 7.58 -15.44
N ALA B 40 48.99 8.86 -15.74
CA ALA B 40 48.96 9.29 -17.14
C ALA B 40 50.23 8.86 -17.85
N LEU B 41 51.39 9.21 -17.29
CA LEU B 41 52.66 8.79 -17.88
C LEU B 41 52.74 7.28 -18.04
N TYR B 42 51.96 6.53 -17.27
CA TYR B 42 51.87 5.09 -17.49
C TYR B 42 50.93 4.79 -18.65
N ILE B 43 49.70 5.30 -18.57
CA ILE B 43 48.69 5.00 -19.59
C ILE B 43 49.18 5.40 -20.98
N TRP B 44 49.99 6.46 -21.05
CA TRP B 44 50.51 6.88 -22.34
C TRP B 44 51.66 5.98 -22.80
N PHE B 45 52.51 5.54 -21.87
CA PHE B 45 53.75 4.87 -22.26
C PHE B 45 53.60 3.35 -22.32
N ALA B 46 53.29 2.72 -21.18
CA ALA B 46 53.29 1.26 -21.12
C ALA B 46 51.93 0.67 -21.46
N ILE B 47 51.36 1.14 -22.56
CA ILE B 47 50.10 0.63 -23.11
C ILE B 47 50.11 0.99 -24.60
N PRO B 48 49.97 0.02 -25.50
CA PRO B 48 49.96 0.33 -26.93
C PRO B 48 48.87 1.33 -27.30
N VAL B 49 49.03 1.91 -28.49
CA VAL B 49 48.15 2.99 -28.93
C VAL B 49 46.70 2.52 -29.07
N ASP B 50 46.47 1.21 -29.20
CA ASP B 50 45.11 0.69 -29.34
C ASP B 50 45.04 -0.68 -28.66
N THR B 51 44.60 -0.68 -27.40
CA THR B 51 44.38 -1.89 -26.64
C THR B 51 42.93 -1.94 -26.19
N VAL B 52 42.34 -3.13 -26.21
CA VAL B 52 40.96 -3.33 -25.80
C VAL B 52 40.95 -4.38 -24.69
N ALA B 53 40.77 -3.93 -23.46
CA ALA B 53 40.61 -4.81 -22.31
C ALA B 53 39.15 -4.85 -21.94
N SER B 54 38.65 -6.06 -21.66
CA SER B 54 37.23 -6.26 -21.38
C SER B 54 37.07 -7.34 -20.33
N VAL B 55 36.44 -7.00 -19.22
CA VAL B 55 36.13 -7.96 -18.17
C VAL B 55 34.62 -8.05 -18.03
N GLU B 56 34.14 -9.23 -17.69
CA GLU B 56 32.70 -9.47 -17.61
C GLU B 56 32.10 -8.70 -16.44
N TRP B 57 31.05 -7.94 -16.72
CA TRP B 57 30.32 -7.21 -15.69
C TRP B 57 28.88 -7.69 -15.57
N MET B 58 28.13 -7.71 -16.66
CA MET B 58 26.74 -8.16 -16.66
C MET B 58 26.44 -8.83 -17.98
N PRO B 59 26.85 -10.09 -18.14
CA PRO B 59 26.58 -10.80 -19.40
C PRO B 59 25.10 -10.97 -19.70
N ALA B 60 24.23 -10.87 -18.69
CA ALA B 60 22.80 -10.98 -18.96
C ALA B 60 22.32 -9.83 -19.85
N LEU B 61 22.65 -8.60 -19.47
CA LEU B 61 22.33 -7.44 -20.28
C LEU B 61 23.25 -7.27 -21.48
N GLY B 62 24.17 -8.20 -21.72
CA GLY B 62 25.14 -8.03 -22.77
C GLY B 62 26.15 -6.94 -22.50
N VAL B 63 26.26 -6.50 -21.26
CA VAL B 63 27.14 -5.39 -20.88
C VAL B 63 28.40 -5.98 -20.24
N GLU B 64 29.56 -5.52 -20.69
CA GLU B 64 30.84 -5.92 -20.13
C GLU B 64 31.69 -4.68 -19.92
N LEU B 65 32.48 -4.68 -18.85
CA LEU B 65 33.37 -3.56 -18.60
C LEU B 65 34.50 -3.60 -19.62
N ARG B 66 34.31 -2.91 -20.74
CA ARG B 66 35.19 -2.99 -21.89
C ARG B 66 35.81 -1.62 -22.13
N LEU B 67 37.08 -1.48 -21.80
CA LEU B 67 37.80 -0.23 -21.95
C LEU B 67 38.64 -0.27 -23.23
N SER B 68 38.62 0.83 -23.98
CA SER B 68 39.42 0.96 -25.19
C SER B 68 40.20 2.26 -25.13
N LEU B 69 41.37 2.26 -25.75
CA LEU B 69 42.28 3.39 -25.71
C LEU B 69 42.63 3.85 -27.12
N ASP B 70 41.61 4.00 -27.96
CA ASP B 70 41.83 4.57 -29.29
C ASP B 70 42.46 5.96 -29.15
N PRO B 71 43.18 6.41 -30.18
CA PRO B 71 43.99 7.64 -30.02
C PRO B 71 43.22 8.85 -29.53
N LEU B 72 41.93 8.96 -29.84
CA LEU B 72 41.12 10.02 -29.24
C LEU B 72 41.12 9.91 -27.72
N ALA B 73 40.91 8.69 -27.21
CA ALA B 73 41.07 8.47 -25.78
C ALA B 73 42.51 8.68 -25.35
N ARG B 74 43.48 8.28 -26.17
CA ARG B 74 44.87 8.48 -25.77
C ARG B 74 45.21 9.95 -25.58
N VAL B 75 44.47 10.83 -26.24
CA VAL B 75 44.66 12.26 -26.04
C VAL B 75 43.83 12.76 -24.87
N PHE B 76 42.59 12.26 -24.73
CA PHE B 76 41.71 12.81 -23.70
C PHE B 76 42.06 12.34 -22.30
N THR B 77 42.50 11.08 -22.13
CA THR B 77 43.00 10.67 -20.82
C THR B 77 44.19 11.52 -20.40
N MET B 78 45.06 11.85 -21.35
CA MET B 78 46.19 12.71 -21.02
C MET B 78 45.72 14.10 -20.63
N ILE B 79 44.82 14.69 -21.42
CA ILE B 79 44.37 16.05 -21.14
C ILE B 79 43.52 16.10 -19.86
N VAL B 80 43.02 14.97 -19.39
CA VAL B 80 42.30 14.93 -18.14
C VAL B 80 43.24 14.73 -16.95
N LEU B 81 44.09 13.70 -17.02
CA LEU B 81 44.96 13.38 -15.90
C LEU B 81 46.05 14.41 -15.69
N GLY B 82 46.56 15.03 -16.76
CA GLY B 82 47.56 16.06 -16.58
C GLY B 82 47.01 17.30 -15.90
N ILE B 83 45.82 17.74 -16.32
CA ILE B 83 45.18 18.87 -15.67
C ILE B 83 44.80 18.52 -14.24
N GLY B 84 44.38 17.27 -14.01
CA GLY B 84 44.10 16.84 -12.64
C GLY B 84 45.33 16.88 -11.76
N ALA B 85 46.47 16.42 -12.28
CA ALA B 85 47.70 16.45 -11.53
C ALA B 85 48.15 17.87 -11.24
N VAL B 86 48.08 18.76 -12.24
CA VAL B 86 48.50 20.14 -12.00
C VAL B 86 47.54 20.83 -11.05
N VAL B 87 46.26 20.44 -11.06
CA VAL B 87 45.31 21.05 -10.14
C VAL B 87 45.54 20.53 -8.72
N MET B 88 45.95 19.28 -8.58
CA MET B 88 46.33 18.79 -7.26
C MET B 88 47.57 19.51 -6.74
N ALA B 89 48.57 19.70 -7.60
CA ALA B 89 49.77 20.41 -7.20
C ALA B 89 49.45 21.86 -6.83
N TYR B 90 48.46 22.46 -7.47
CA TYR B 90 48.07 23.82 -7.12
C TYR B 90 47.22 23.87 -5.85
N SER B 91 46.36 22.87 -5.67
CA SER B 91 45.48 22.84 -4.50
C SER B 91 46.21 22.44 -3.23
N SER B 92 47.36 21.79 -3.35
CA SER B 92 48.14 21.50 -2.15
C SER B 92 48.61 22.77 -1.46
N ARG B 93 48.75 23.86 -2.22
CA ARG B 93 49.10 25.16 -1.65
C ARG B 93 47.94 26.14 -1.62
N TYR B 94 46.87 25.89 -2.38
CA TYR B 94 45.73 26.80 -2.35
C TYR B 94 44.92 26.63 -1.07
N LEU B 95 44.61 25.39 -0.70
CA LEU B 95 43.79 25.15 0.47
C LEU B 95 44.45 25.67 1.74
N GLY B 96 43.63 26.01 2.73
CA GLY B 96 44.14 26.49 3.99
C GLY B 96 44.88 25.41 4.76
N ARG B 97 45.66 25.84 5.75
CA ARG B 97 46.46 24.93 6.57
C ARG B 97 45.55 24.21 7.55
N GLY B 98 44.65 23.39 7.00
CA GLY B 98 43.74 22.59 7.79
C GLY B 98 44.18 21.13 7.88
N SER B 99 43.44 20.38 8.68
CA SER B 99 43.69 18.95 8.85
C SER B 99 42.67 18.09 8.13
N GLY B 100 41.41 18.52 8.05
CA GLY B 100 40.41 17.75 7.36
C GLY B 100 40.10 18.29 5.98
N HIS B 101 40.65 17.63 4.96
CA HIS B 101 40.38 17.97 3.57
C HIS B 101 40.02 16.75 2.74
N GLY B 102 39.70 15.62 3.38
CA GLY B 102 39.41 14.42 2.63
C GLY B 102 38.19 14.54 1.73
N GLY B 103 37.21 15.34 2.14
CA GLY B 103 36.04 15.52 1.31
C GLY B 103 36.34 16.18 -0.02
N TYR B 104 37.39 16.99 -0.07
CA TYR B 104 37.77 17.65 -1.31
C TYR B 104 38.59 16.74 -2.21
N TYR B 105 39.56 16.03 -1.64
CA TYR B 105 40.44 15.20 -2.44
C TYR B 105 39.74 13.92 -2.90
N GLY B 106 39.01 13.28 -2.00
CA GLY B 106 38.26 12.08 -2.37
C GLY B 106 37.26 12.31 -3.48
N LEU B 107 36.89 13.56 -3.75
CA LEU B 107 36.03 13.90 -4.86
C LEU B 107 36.81 14.38 -6.08
N MET B 108 37.81 15.24 -5.89
CA MET B 108 38.56 15.77 -7.02
C MET B 108 39.42 14.72 -7.68
N THR B 109 39.75 13.63 -6.98
CA THR B 109 40.44 12.51 -7.61
C THR B 109 39.46 11.47 -8.12
N LEU B 110 38.31 11.30 -7.46
CA LEU B 110 37.25 10.49 -8.02
C LEU B 110 36.68 11.12 -9.28
N PHE B 111 36.74 12.45 -9.38
CA PHE B 111 36.41 13.13 -10.62
C PHE B 111 37.33 12.68 -11.75
N ALA B 112 38.63 12.63 -11.49
CA ALA B 112 39.59 12.17 -12.49
C ALA B 112 39.35 10.71 -12.84
N ALA B 113 39.02 9.88 -11.86
CA ALA B 113 38.76 8.47 -12.15
C ALA B 113 37.52 8.30 -13.00
N SER B 114 36.46 9.07 -12.71
CA SER B 114 35.24 8.97 -13.51
C SER B 114 35.48 9.50 -14.92
N MET B 115 36.26 10.56 -15.06
CA MET B 115 36.59 11.05 -16.40
C MET B 115 37.41 10.03 -17.17
N LEU B 116 38.37 9.39 -16.49
CA LEU B 116 39.15 8.33 -17.13
C LEU B 116 38.26 7.19 -17.59
N GLY B 117 37.32 6.79 -16.74
CA GLY B 117 36.37 5.76 -17.15
C GLY B 117 35.49 6.19 -18.31
N LEU B 118 35.18 7.48 -18.40
CA LEU B 118 34.34 7.95 -19.50
C LEU B 118 35.11 7.96 -20.82
N VAL B 119 36.34 8.47 -20.81
CA VAL B 119 37.10 8.52 -22.06
C VAL B 119 37.61 7.14 -22.44
N LEU B 120 37.86 6.28 -21.46
CA LEU B 120 38.27 4.89 -21.70
C LEU B 120 37.05 3.97 -21.70
N ALA B 121 36.05 4.26 -22.51
CA ALA B 121 34.81 3.49 -22.53
C ALA B 121 34.56 2.99 -23.94
N ASP B 122 34.64 1.67 -24.13
CA ASP B 122 34.25 1.05 -25.38
C ASP B 122 32.85 0.45 -25.34
N ASP B 123 32.29 0.28 -24.14
CA ASP B 123 30.90 -0.10 -23.99
C ASP B 123 30.07 1.14 -23.74
N VAL B 124 28.89 1.21 -24.36
CA VAL B 124 28.07 2.41 -24.23
C VAL B 124 27.46 2.49 -22.83
N VAL B 125 27.19 1.33 -22.20
CA VAL B 125 26.59 1.35 -20.88
C VAL B 125 27.59 1.81 -19.84
N VAL B 126 28.84 1.35 -19.93
CA VAL B 126 29.85 1.84 -19.00
C VAL B 126 30.18 3.31 -19.30
N LEU B 127 29.99 3.73 -20.55
CA LEU B 127 30.13 5.15 -20.87
C LEU B 127 29.08 5.98 -20.13
N PHE B 128 27.83 5.52 -20.15
CA PHE B 128 26.79 6.21 -19.38
C PHE B 128 27.06 6.16 -17.89
N VAL B 129 27.61 5.03 -17.42
CA VAL B 129 27.93 4.88 -16.00
C VAL B 129 28.94 5.93 -15.58
N ALA B 130 30.03 6.07 -16.35
CA ALA B 130 31.03 7.09 -16.03
C ALA B 130 30.47 8.49 -16.21
N TRP B 131 29.57 8.68 -17.18
CA TRP B 131 28.89 9.96 -17.35
C TRP B 131 28.23 10.41 -16.06
N GLU B 132 27.34 9.57 -15.53
CA GLU B 132 26.67 9.95 -14.29
C GLU B 132 27.58 9.90 -13.09
N PHE B 133 28.66 9.13 -13.13
CA PHE B 133 29.68 9.22 -12.08
C PHE B 133 30.24 10.64 -12.02
N THR B 134 30.65 11.17 -13.17
CA THR B 134 31.14 12.55 -13.22
C THR B 134 30.08 13.53 -12.76
N THR B 135 28.82 13.33 -13.18
CA THR B 135 27.80 14.29 -12.81
C THR B 135 27.53 14.27 -11.29
N LEU B 136 27.60 13.09 -10.67
CA LEU B 136 27.40 13.02 -9.23
C LEU B 136 28.58 13.62 -8.48
N CYS B 137 29.80 13.31 -8.92
CA CYS B 137 30.97 13.91 -8.28
C CYS B 137 30.95 15.42 -8.42
N SER B 138 30.49 15.94 -9.55
CA SER B 138 30.41 17.38 -9.73
C SER B 138 29.33 17.98 -8.83
N PHE B 139 28.18 17.31 -8.72
CA PHE B 139 27.15 17.78 -7.80
C PHE B 139 27.70 17.88 -6.39
N PHE B 140 28.43 16.85 -5.95
CA PHE B 140 28.97 16.88 -4.59
C PHE B 140 30.09 17.90 -4.44
N LEU B 141 30.83 18.19 -5.51
CA LEU B 141 31.83 19.25 -5.43
C LEU B 141 31.19 20.62 -5.33
N ILE B 142 30.06 20.84 -6.00
CA ILE B 142 29.38 22.12 -5.89
C ILE B 142 28.68 22.25 -4.54
N THR B 143 28.20 21.13 -3.97
CA THR B 143 27.59 21.20 -2.65
C THR B 143 28.57 21.63 -1.57
N LEU B 144 29.87 21.64 -1.84
CA LEU B 144 30.83 22.18 -0.90
C LEU B 144 30.68 23.70 -0.84
N ALA B 145 31.56 24.32 -0.04
CA ALA B 145 31.50 25.76 0.23
C ALA B 145 30.19 26.15 0.91
N GLY B 146 29.75 25.32 1.84
CA GLY B 146 28.59 25.60 2.66
C GLY B 146 27.30 25.68 1.87
N PRO B 147 26.34 26.46 2.38
CA PRO B 147 25.05 26.60 1.72
C PRO B 147 25.04 27.61 0.58
N LYS B 148 26.17 28.26 0.31
CA LYS B 148 26.25 29.17 -0.83
C LYS B 148 25.94 28.45 -2.14
N GLY B 149 26.29 27.18 -2.23
CA GLY B 149 26.10 26.43 -3.46
C GLY B 149 25.27 25.18 -3.34
N THR B 150 24.22 25.22 -2.52
CA THR B 150 23.31 24.08 -2.46
C THR B 150 22.26 24.13 -3.56
N GLN B 151 21.85 25.33 -3.97
CA GLN B 151 20.91 25.47 -5.07
C GLN B 151 21.62 25.33 -6.41
N PRO B 152 22.77 25.99 -6.63
CA PRO B 152 23.51 25.74 -7.88
C PRO B 152 23.87 24.28 -8.08
N ALA B 153 24.19 23.55 -7.02
CA ALA B 153 24.49 22.13 -7.17
C ALA B 153 23.25 21.35 -7.59
N VAL B 154 22.10 21.67 -7.02
CA VAL B 154 20.86 20.99 -7.40
C VAL B 154 20.55 21.26 -8.86
N ARG B 155 20.70 22.52 -9.29
CA ARG B 155 20.41 22.84 -10.69
C ARG B 155 21.41 22.19 -11.63
N THR B 156 22.68 22.13 -11.23
CA THR B 156 23.68 21.45 -12.04
C THR B 156 23.35 19.98 -12.19
N LEU B 157 23.02 19.31 -11.09
CA LEU B 157 22.66 17.90 -11.18
C LEU B 157 21.43 17.69 -12.05
N LEU B 158 20.42 18.54 -11.89
CA LEU B 158 19.19 18.39 -12.66
C LEU B 158 19.45 18.58 -14.16
N VAL B 159 20.21 19.61 -14.52
CA VAL B 159 20.41 19.90 -15.93
C VAL B 159 21.34 18.87 -16.57
N THR B 160 22.37 18.43 -15.83
CA THR B 160 23.28 17.45 -16.41
C THR B 160 22.77 16.02 -16.30
N VAL B 161 21.68 15.78 -15.59
CA VAL B 161 21.02 14.49 -15.64
C VAL B 161 19.93 14.48 -16.71
N ALA B 162 19.17 15.57 -16.85
CA ALA B 162 18.19 15.66 -17.90
C ALA B 162 18.80 15.43 -19.28
N GLY B 163 20.08 15.79 -19.44
CA GLY B 163 20.80 15.46 -20.66
C GLY B 163 21.55 14.15 -20.52
N GLY B 164 22.21 13.96 -19.39
CA GLY B 164 22.90 12.71 -19.11
C GLY B 164 22.00 11.49 -19.09
N LEU B 165 20.69 11.68 -19.11
CA LEU B 165 19.73 10.59 -19.22
C LEU B 165 19.15 10.47 -20.62
N CYS B 166 19.21 11.51 -21.44
CA CYS B 166 19.00 11.33 -22.87
C CYS B 166 20.05 10.43 -23.47
N LEU B 167 21.28 10.46 -22.92
CA LEU B 167 22.30 9.52 -23.33
C LEU B 167 21.90 8.10 -22.99
N LEU B 168 21.17 7.90 -21.88
CA LEU B 168 20.64 6.56 -21.59
C LEU B 168 19.69 6.11 -22.69
N THR B 169 18.81 7.01 -23.15
CA THR B 169 17.87 6.63 -24.21
C THR B 169 18.61 6.33 -25.50
N ALA B 170 19.63 7.12 -25.84
CA ALA B 170 20.42 6.84 -27.03
C ALA B 170 21.14 5.50 -26.91
N ALA B 171 21.68 5.21 -25.74
CA ALA B 171 22.36 3.93 -25.53
C ALA B 171 21.39 2.76 -25.67
N ALA B 172 20.21 2.87 -25.06
CA ALA B 172 19.24 1.79 -25.15
C ALA B 172 18.75 1.60 -26.58
N LEU B 173 18.56 2.71 -27.31
CA LEU B 173 18.15 2.61 -28.71
C LEU B 173 19.22 1.92 -29.55
N MET B 174 20.48 2.31 -29.36
CA MET B 174 21.55 1.68 -30.11
C MET B 174 21.75 0.23 -29.72
N VAL B 175 21.40 -0.13 -28.48
CA VAL B 175 21.54 -1.52 -28.05
C VAL B 175 20.44 -2.37 -28.65
N VAL B 176 19.19 -1.88 -28.64
CA VAL B 176 18.09 -2.68 -29.17
C VAL B 176 18.14 -2.72 -30.69
N ARG B 177 18.72 -1.70 -31.33
CA ARG B 177 18.79 -1.71 -32.79
C ARG B 177 19.96 -2.56 -33.28
N THR B 178 21.18 -2.20 -32.90
CA THR B 178 22.37 -2.90 -33.38
C THR B 178 22.62 -4.21 -32.64
N GLY B 179 21.81 -4.54 -31.64
CA GLY B 179 21.91 -5.83 -30.96
C GLY B 179 23.15 -6.04 -30.12
N THR B 180 24.05 -5.07 -30.05
CA THR B 180 25.29 -5.21 -29.30
C THR B 180 25.58 -3.92 -28.56
N THR B 181 26.28 -4.05 -27.43
CA THR B 181 26.69 -2.90 -26.63
C THR B 181 28.22 -2.80 -26.72
N VAL B 182 28.70 -2.21 -27.82
CA VAL B 182 30.11 -1.93 -28.03
C VAL B 182 30.19 -0.65 -28.84
N LEU B 183 30.87 0.36 -28.31
CA LEU B 183 30.94 1.64 -29.02
C LEU B 183 31.72 1.51 -30.33
N SER B 184 32.74 0.64 -30.36
CA SER B 184 33.50 0.45 -31.59
C SER B 184 32.71 -0.31 -32.64
N GLU B 185 31.66 -1.03 -32.25
CA GLU B 185 30.85 -1.79 -33.19
C GLU B 185 29.51 -1.14 -33.49
N ILE B 186 29.11 -0.14 -32.72
CA ILE B 186 27.86 0.58 -32.98
C ILE B 186 28.09 1.72 -33.96
N LEU B 187 29.22 2.41 -33.87
CA LEU B 187 29.47 3.55 -34.74
C LEU B 187 29.73 3.12 -36.18
N VAL B 188 30.25 1.91 -36.38
CA VAL B 188 30.54 1.44 -37.73
C VAL B 188 29.41 0.54 -38.21
N ASP B 189 28.31 0.53 -37.47
CA ASP B 189 27.14 -0.24 -37.88
C ASP B 189 26.52 0.38 -39.14
N PRO B 190 25.97 -0.46 -40.03
CA PRO B 190 25.37 0.09 -41.25
C PRO B 190 24.00 0.70 -41.02
N VAL B 191 23.60 0.87 -39.77
CA VAL B 191 22.30 1.46 -39.48
C VAL B 191 22.31 2.96 -39.74
N TRP B 192 23.44 3.63 -39.51
CA TRP B 192 23.52 5.07 -39.71
C TRP B 192 23.37 5.47 -41.18
N SER B 193 23.46 4.52 -42.11
CA SER B 193 23.29 4.79 -43.52
C SER B 193 22.05 4.16 -44.13
N ALA B 194 21.43 3.20 -43.43
CA ALA B 194 20.24 2.54 -43.95
C ALA B 194 19.02 3.42 -43.83
N ASP B 195 18.67 3.81 -42.61
CA ASP B 195 17.50 4.67 -42.36
C ASP B 195 17.95 5.93 -41.62
N PRO B 196 17.82 7.11 -42.22
CA PRO B 196 18.22 8.34 -41.52
C PRO B 196 17.26 8.74 -40.41
N ALA B 197 16.06 8.16 -40.36
CA ALA B 197 15.12 8.51 -39.29
C ALA B 197 15.56 8.01 -37.93
N PHE B 198 16.51 7.07 -37.88
CA PHE B 198 17.08 6.60 -36.63
C PHE B 198 18.34 7.37 -36.27
N ALA B 199 19.22 7.58 -37.24
CA ALA B 199 20.41 8.40 -37.00
C ALA B 199 20.04 9.81 -36.61
N ALA B 200 18.92 10.34 -37.12
CA ALA B 200 18.49 11.68 -36.75
C ALA B 200 18.07 11.73 -35.29
N VAL B 201 17.29 10.74 -34.85
CA VAL B 201 16.85 10.68 -33.45
C VAL B 201 18.06 10.52 -32.54
N ILE B 202 19.00 9.65 -32.91
CA ILE B 202 20.17 9.44 -32.07
C ILE B 202 21.03 10.70 -32.02
N ALA B 203 21.14 11.41 -33.14
CA ALA B 203 21.91 12.65 -33.16
C ALA B 203 21.28 13.70 -32.26
N VAL B 204 19.96 13.82 -32.31
CA VAL B 204 19.29 14.79 -31.44
C VAL B 204 19.48 14.42 -29.97
N LEU B 205 19.31 13.14 -29.65
CA LEU B 205 19.46 12.71 -28.26
C LEU B 205 20.87 12.94 -27.75
N ILE B 206 21.88 12.65 -28.57
CA ILE B 206 23.25 12.80 -28.11
C ILE B 206 23.66 14.26 -28.06
N ALA B 207 23.17 15.09 -29.00
CA ALA B 207 23.42 16.51 -28.92
C ALA B 207 22.82 17.10 -27.65
N MET B 208 21.62 16.66 -27.29
CA MET B 208 21.03 17.11 -26.02
C MET B 208 21.80 16.56 -24.82
N ALA B 209 22.37 15.36 -24.95
CA ALA B 209 23.13 14.78 -23.85
C ALA B 209 24.47 15.47 -23.67
N ALA B 210 25.00 16.10 -24.70
CA ALA B 210 26.28 16.79 -24.61
C ALA B 210 26.14 18.31 -24.51
N PHE B 211 24.95 18.84 -24.80
CA PHE B 211 24.71 20.26 -24.56
C PHE B 211 24.48 20.55 -23.09
N THR B 212 24.20 19.53 -22.29
CA THR B 212 23.97 19.70 -20.86
C THR B 212 25.23 19.47 -20.04
N LYS B 213 26.07 18.52 -20.45
CA LYS B 213 27.34 18.34 -19.76
C LYS B 213 28.26 19.52 -19.99
N SER B 214 28.29 20.04 -21.22
CA SER B 214 28.82 21.36 -21.48
C SER B 214 27.74 22.38 -21.14
N ALA B 215 27.92 23.64 -21.51
CA ALA B 215 26.93 24.68 -21.25
C ALA B 215 26.63 25.39 -22.57
N GLN B 216 25.70 24.84 -23.33
CA GLN B 216 25.33 25.40 -24.62
C GLN B 216 24.09 26.26 -24.49
N PHE B 217 23.53 26.67 -25.63
CA PHE B 217 22.48 27.68 -25.73
C PHE B 217 21.35 27.49 -24.71
N PRO B 218 20.63 26.36 -24.71
CA PRO B 218 19.46 26.27 -23.82
C PRO B 218 19.83 26.02 -22.38
N PHE B 219 20.92 25.27 -22.15
CA PHE B 219 21.29 24.80 -20.83
C PHE B 219 22.50 25.52 -20.27
N GLN B 220 22.77 26.75 -20.72
CA GLN B 220 23.96 27.47 -20.27
C GLN B 220 23.84 27.95 -18.82
N ALA B 221 22.67 27.86 -18.21
CA ALA B 221 22.47 28.45 -16.89
C ALA B 221 22.75 27.46 -15.76
N TRP B 222 23.90 26.80 -15.82
CA TRP B 222 24.41 26.09 -14.65
C TRP B 222 25.91 26.25 -14.47
N LEU B 223 26.63 26.74 -15.45
CA LEU B 223 28.05 27.02 -15.33
C LEU B 223 28.32 28.34 -14.61
N PRO B 224 27.63 29.43 -14.95
CA PRO B 224 27.92 30.71 -14.26
C PRO B 224 27.66 30.69 -12.77
N ASP B 225 26.72 29.88 -12.28
CA ASP B 225 26.45 29.85 -10.85
C ASP B 225 27.21 28.76 -10.11
N ALA B 226 27.56 27.66 -10.78
CA ALA B 226 28.38 26.63 -10.18
C ALA B 226 29.76 27.18 -9.83
N MET B 227 30.00 28.45 -10.20
CA MET B 227 31.20 29.15 -9.78
C MET B 227 31.23 29.41 -8.28
N VAL B 228 30.13 29.14 -7.56
CA VAL B 228 30.15 29.28 -6.12
C VAL B 228 31.14 28.33 -5.46
N ALA B 229 31.57 27.30 -6.16
CA ALA B 229 32.50 26.33 -5.61
C ALA B 229 33.93 26.87 -5.65
N ALA B 230 34.82 26.15 -4.97
CA ALA B 230 36.21 26.57 -4.88
C ALA B 230 36.85 26.65 -6.27
N THR B 231 37.78 27.57 -6.43
CA THR B 231 38.38 27.83 -7.73
C THR B 231 39.22 26.68 -8.30
N PRO B 232 39.81 25.78 -7.50
CA PRO B 232 40.46 24.61 -8.14
C PRO B 232 39.47 23.64 -8.74
N VAL B 233 38.33 23.39 -8.08
CA VAL B 233 37.33 22.52 -8.69
C VAL B 233 36.73 23.20 -9.91
N SER B 234 36.69 24.53 -9.90
CA SER B 234 36.27 25.26 -11.10
C SER B 234 37.29 25.10 -12.22
N ALA B 235 38.58 25.16 -11.89
CA ALA B 235 39.62 24.94 -12.88
C ALA B 235 39.49 23.57 -13.51
N TYR B 236 39.31 22.54 -12.68
CA TYR B 236 39.17 21.19 -13.23
C TYR B 236 37.89 21.06 -14.04
N LEU B 237 36.75 21.48 -13.48
CA LEU B 237 35.46 21.35 -14.14
C LEU B 237 35.41 22.10 -15.45
N HIS B 238 36.19 23.17 -15.59
CA HIS B 238 36.19 23.97 -16.80
C HIS B 238 37.30 23.59 -17.77
N ALA B 239 38.45 23.13 -17.29
CA ALA B 239 39.51 22.74 -18.21
C ALA B 239 39.19 21.39 -18.85
N ALA B 240 39.22 20.31 -18.05
CA ALA B 240 38.64 19.04 -18.50
C ALA B 240 38.24 18.24 -17.26
N ALA B 241 37.00 18.41 -16.81
CA ALA B 241 36.43 17.42 -15.91
C ALA B 241 35.01 17.06 -16.28
N MET B 242 34.23 18.05 -16.66
CA MET B 242 32.85 17.76 -17.08
C MET B 242 32.46 18.47 -18.35
N VAL B 243 32.92 19.70 -18.56
CA VAL B 243 32.58 20.42 -19.77
C VAL B 243 33.25 19.80 -20.99
N LYS B 244 34.33 19.05 -20.79
CA LYS B 244 34.93 18.29 -21.88
C LYS B 244 34.29 16.92 -22.05
N ALA B 245 33.47 16.47 -21.10
CA ALA B 245 32.77 15.21 -21.27
C ALA B 245 31.83 15.26 -22.46
N GLY B 246 31.03 16.33 -22.55
CA GLY B 246 30.13 16.47 -23.68
C GLY B 246 30.87 16.59 -24.99
N ILE B 247 32.02 17.27 -24.99
CA ILE B 247 32.77 17.45 -26.22
C ILE B 247 33.43 16.15 -26.65
N TYR B 248 33.92 15.35 -25.69
CA TYR B 248 34.42 14.03 -26.03
C TYR B 248 33.30 13.14 -26.55
N LEU B 249 32.09 13.29 -26.02
CA LEU B 249 30.97 12.51 -26.52
C LEU B 249 30.63 12.90 -27.95
N LEU B 250 30.67 14.20 -28.25
CA LEU B 250 30.43 14.65 -29.62
C LEU B 250 31.55 14.23 -30.55
N LEU B 251 32.78 14.11 -30.04
CA LEU B 251 33.89 13.68 -30.88
C LEU B 251 33.86 12.19 -31.15
N ARG B 252 33.47 11.40 -30.13
CA ARG B 252 33.40 9.95 -30.30
C ARG B 252 32.30 9.57 -31.27
N PHE B 253 31.10 10.08 -31.05
CA PHE B 253 29.95 9.73 -31.88
C PHE B 253 29.98 10.43 -33.23
N SER B 254 30.99 11.24 -33.52
CA SER B 254 31.07 11.90 -34.81
C SER B 254 31.52 10.97 -35.93
N GLU B 255 31.90 9.74 -35.61
CA GLU B 255 32.25 8.78 -36.66
C GLU B 255 31.02 8.32 -37.42
N ALA B 256 29.88 8.20 -36.75
CA ALA B 256 28.64 7.76 -37.37
C ALA B 256 27.73 8.91 -37.74
N LEU B 257 27.43 9.79 -36.80
CA LEU B 257 26.47 10.87 -37.01
C LEU B 257 27.15 12.17 -37.45
N HIS B 258 27.92 12.13 -38.53
CA HIS B 258 28.54 13.35 -39.03
C HIS B 258 27.99 13.81 -40.36
N ASP B 259 27.27 12.96 -41.08
CA ASP B 259 26.70 13.31 -42.37
C ASP B 259 25.19 13.50 -42.31
N VAL B 260 24.58 13.32 -41.15
CA VAL B 260 23.14 13.49 -40.98
C VAL B 260 22.85 14.98 -40.82
N PRO B 261 21.93 15.55 -41.60
CA PRO B 261 21.76 17.01 -41.58
C PRO B 261 21.31 17.56 -40.23
N VAL B 262 20.47 16.82 -39.50
CA VAL B 262 19.98 17.35 -38.23
C VAL B 262 21.11 17.48 -37.22
N TRP B 263 22.07 16.56 -37.25
CA TRP B 263 23.22 16.67 -36.37
C TRP B 263 24.04 17.90 -36.69
N ASN B 264 24.40 18.06 -37.98
CA ASN B 264 25.16 19.23 -38.39
C ASN B 264 24.48 20.52 -37.97
N LEU B 265 23.18 20.62 -38.21
CA LEU B 265 22.46 21.85 -37.89
C LEU B 265 22.41 22.07 -36.38
N LEU B 266 21.94 21.07 -35.63
CA LEU B 266 21.77 21.22 -34.19
C LEU B 266 23.10 21.48 -33.50
N LEU B 267 24.20 21.01 -34.07
CA LEU B 267 25.51 21.29 -33.49
C LEU B 267 25.98 22.69 -33.87
N ILE B 268 26.00 22.99 -35.17
CA ILE B 268 26.58 24.25 -35.64
C ILE B 268 25.81 25.44 -35.09
N THR B 269 24.48 25.46 -35.28
CA THR B 269 23.74 26.66 -34.91
C THR B 269 23.72 26.85 -33.40
N CYS B 270 23.59 25.76 -32.63
CA CYS B 270 23.57 25.90 -31.18
C CYS B 270 24.94 26.33 -30.64
N GLY B 271 26.00 25.69 -31.13
CA GLY B 271 27.34 26.06 -30.69
C GLY B 271 27.68 27.50 -31.03
N MET B 272 27.23 27.97 -32.20
CA MET B 272 27.58 29.34 -32.57
C MET B 272 26.73 30.35 -31.83
N THR B 273 25.44 30.07 -31.63
CA THR B 273 24.63 30.96 -30.80
C THR B 273 25.19 31.07 -29.40
N THR B 274 25.59 29.93 -28.81
CA THR B 274 26.12 30.00 -27.45
C THR B 274 27.52 30.60 -27.44
N ALA B 275 28.29 30.47 -28.53
CA ALA B 275 29.59 31.13 -28.59
C ALA B 275 29.42 32.64 -28.58
N VAL B 276 28.53 33.16 -29.43
CA VAL B 276 28.30 34.60 -29.47
C VAL B 276 27.73 35.10 -28.14
N LEU B 277 26.70 34.42 -27.64
CA LEU B 277 26.03 34.83 -26.42
C LEU B 277 26.77 34.37 -25.16
N GLY B 278 27.96 33.82 -25.30
CA GLY B 278 28.80 33.61 -24.15
C GLY B 278 29.92 34.61 -24.15
N ALA B 279 30.46 34.89 -25.34
CA ALA B 279 31.48 35.93 -25.45
C ALA B 279 30.91 37.30 -25.09
N VAL B 280 29.68 37.59 -25.53
CA VAL B 280 29.08 38.89 -25.23
C VAL B 280 28.84 39.03 -23.73
N PHE B 281 28.24 38.01 -23.12
CA PHE B 281 27.94 38.09 -21.68
C PHE B 281 29.19 38.01 -20.82
N ALA B 282 30.28 37.43 -21.34
CA ALA B 282 31.56 37.54 -20.64
C ALA B 282 32.13 38.95 -20.77
N MET B 283 31.91 39.58 -21.92
CA MET B 283 32.32 40.98 -22.09
C MET B 283 31.55 41.88 -21.13
N GLN B 284 30.29 41.54 -20.84
CA GLN B 284 29.47 42.42 -20.00
C GLN B 284 29.71 42.18 -18.51
N ARG B 285 30.10 40.97 -18.10
CA ARG B 285 30.15 40.64 -16.70
C ARG B 285 31.34 41.33 -16.02
N ASP B 286 31.32 41.31 -14.68
CA ASP B 286 32.33 42.02 -13.89
C ASP B 286 33.17 41.09 -13.03
N ASP B 287 32.54 40.18 -12.29
CA ASP B 287 33.29 39.28 -11.42
C ASP B 287 34.00 38.22 -12.25
N LEU B 288 35.31 38.10 -12.06
CA LEU B 288 36.11 37.15 -12.83
C LEU B 288 35.70 35.70 -12.61
N LYS B 289 34.86 35.42 -11.62
CA LYS B 289 34.29 34.08 -11.53
C LYS B 289 33.16 33.89 -12.52
N GLU B 290 32.40 34.95 -12.82
CA GLU B 290 31.35 34.84 -13.83
C GLU B 290 31.92 35.03 -15.23
N LEU B 291 32.94 35.88 -15.37
CA LEU B 291 33.54 36.08 -16.68
C LEU B 291 34.19 34.81 -17.17
N LEU B 292 34.92 34.10 -16.31
CA LEU B 292 35.54 32.85 -16.71
C LEU B 292 34.52 31.78 -17.06
N ALA B 293 33.38 31.74 -16.38
CA ALA B 293 32.33 30.79 -16.74
C ALA B 293 31.70 31.11 -18.08
N TYR B 294 31.35 32.39 -18.32
CA TYR B 294 30.79 32.76 -19.61
C TYR B 294 31.84 32.73 -20.72
N SER B 295 33.11 32.63 -20.38
CA SER B 295 34.16 32.41 -21.37
C SER B 295 34.32 30.94 -21.69
N THR B 296 34.26 30.08 -20.68
CA THR B 296 34.24 28.65 -20.94
C THR B 296 33.04 28.26 -21.77
N ILE B 297 31.89 28.88 -21.51
CA ILE B 297 30.70 28.61 -22.32
C ILE B 297 30.98 28.91 -23.79
N SER B 298 31.56 30.08 -24.06
CA SER B 298 31.81 30.46 -25.45
C SER B 298 32.87 29.59 -26.11
N GLN B 299 33.89 29.17 -25.34
CA GLN B 299 34.90 28.29 -25.91
C GLN B 299 34.32 26.91 -26.24
N LEU B 300 33.51 26.36 -25.33
CA LEU B 300 32.85 25.09 -25.64
C LEU B 300 31.90 25.24 -26.81
N GLY B 301 31.29 26.42 -26.97
CA GLY B 301 30.44 26.65 -28.13
C GLY B 301 31.22 26.65 -29.43
N PHE B 302 32.34 27.36 -29.45
CA PHE B 302 33.27 27.27 -30.58
C PHE B 302 33.60 25.83 -30.90
N LEU B 303 33.91 25.05 -29.86
CA LEU B 303 34.34 23.67 -30.06
C LEU B 303 33.22 22.82 -30.64
N VAL B 304 32.00 22.92 -30.10
CA VAL B 304 30.92 22.08 -30.59
C VAL B 304 30.51 22.53 -31.99
N ALA B 305 30.68 23.81 -32.31
CA ALA B 305 30.40 24.26 -33.66
C ALA B 305 31.38 23.66 -34.67
N THR B 306 32.68 23.77 -34.37
CA THR B 306 33.65 23.20 -35.30
C THR B 306 33.62 21.68 -35.29
N ILE B 307 32.98 21.07 -34.29
CA ILE B 307 32.72 19.64 -34.36
C ILE B 307 31.55 19.36 -35.29
N GLY B 308 30.47 20.12 -35.15
CA GLY B 308 29.32 19.98 -36.03
C GLY B 308 29.63 20.26 -37.48
N VAL B 309 30.72 20.97 -37.77
CA VAL B 309 31.18 21.06 -39.14
C VAL B 309 31.34 19.67 -39.74
N GLY B 310 31.91 18.74 -38.97
CA GLY B 310 31.90 17.34 -39.32
C GLY B 310 32.69 16.94 -40.55
N THR B 311 33.94 17.40 -40.63
CA THR B 311 34.86 17.03 -41.69
C THR B 311 36.20 16.69 -41.06
N PRO B 312 37.02 15.88 -41.73
CA PRO B 312 38.33 15.54 -41.17
C PRO B 312 39.17 16.76 -40.80
N ALA B 313 39.07 17.85 -41.56
CA ALA B 313 39.76 19.08 -41.20
C ALA B 313 39.17 19.75 -39.98
N ALA B 314 37.99 19.32 -39.53
CA ALA B 314 37.33 19.94 -38.39
C ALA B 314 37.66 19.26 -37.08
N MET B 315 37.82 17.94 -37.07
CA MET B 315 38.13 17.24 -35.84
C MET B 315 39.53 17.57 -35.34
N VAL B 316 40.47 17.80 -36.26
CA VAL B 316 41.80 18.23 -35.86
C VAL B 316 41.73 19.56 -35.12
N ALA B 317 40.98 20.51 -35.68
CA ALA B 317 40.81 21.79 -35.01
C ALA B 317 40.11 21.63 -33.67
N ALA B 318 39.10 20.78 -33.61
CA ALA B 318 38.39 20.57 -32.35
C ALA B 318 39.31 20.00 -31.28
N ILE B 319 40.15 19.04 -31.63
CA ILE B 319 41.02 18.42 -30.63
C ILE B 319 42.11 19.40 -30.20
N ILE B 320 42.72 20.11 -31.15
CA ILE B 320 43.78 21.03 -30.78
C ILE B 320 43.22 22.18 -29.95
N HIS B 321 41.98 22.61 -30.21
CA HIS B 321 41.40 23.65 -29.40
C HIS B 321 40.95 23.14 -28.04
N THR B 322 40.52 21.88 -27.95
CA THR B 322 40.25 21.30 -26.64
C THR B 322 41.51 21.28 -25.80
N ILE B 323 42.65 20.92 -26.39
CA ILE B 323 43.91 20.92 -25.65
C ILE B 323 44.26 22.35 -25.23
N ALA B 324 44.22 23.27 -26.19
CA ALA B 324 44.58 24.66 -25.89
C ALA B 324 43.70 25.24 -24.80
N HIS B 325 42.40 24.95 -24.84
CA HIS B 325 41.48 25.47 -23.84
C HIS B 325 41.74 24.85 -22.49
N ALA B 326 41.87 23.52 -22.43
CA ALA B 326 42.18 22.86 -21.17
C ALA B 326 43.49 23.35 -20.58
N LEU B 327 44.38 23.91 -21.41
CA LEU B 327 45.58 24.54 -20.86
C LEU B 327 45.28 25.95 -20.33
N PHE B 328 44.80 26.84 -21.21
CA PHE B 328 44.77 28.25 -20.82
C PHE B 328 43.66 28.54 -19.82
N LYS B 329 42.52 27.85 -19.89
CA LYS B 329 41.48 28.09 -18.91
C LYS B 329 41.86 27.56 -17.54
N SER B 330 42.51 26.40 -17.49
CA SER B 330 43.03 25.89 -16.22
C SER B 330 44.02 26.86 -15.61
N SER B 331 44.95 27.37 -16.42
CA SER B 331 45.94 28.30 -15.89
C SER B 331 45.29 29.62 -15.49
N LEU B 332 44.26 30.07 -16.21
CA LEU B 332 43.57 31.30 -15.84
C LEU B 332 42.84 31.14 -14.52
N PHE B 333 42.19 30.00 -14.32
CA PHE B 333 41.50 29.77 -13.05
C PHE B 333 42.49 29.70 -11.89
N MET B 334 43.59 28.97 -12.08
CA MET B 334 44.57 28.88 -11.01
C MET B 334 45.24 30.22 -10.73
N PHE B 335 45.38 31.07 -11.75
CA PHE B 335 45.96 32.39 -11.53
C PHE B 335 44.98 33.33 -10.84
N VAL B 336 43.69 33.24 -11.18
CA VAL B 336 42.69 33.98 -10.42
C VAL B 336 42.72 33.56 -8.97
N GLY B 337 42.85 32.25 -8.72
CA GLY B 337 42.93 31.78 -7.35
C GLY B 337 44.16 32.30 -6.62
N VAL B 338 45.30 32.31 -7.30
CA VAL B 338 46.53 32.74 -6.63
C VAL B 338 46.50 34.25 -6.38
N VAL B 339 45.92 35.02 -7.30
CA VAL B 339 45.82 36.47 -7.10
C VAL B 339 44.73 36.83 -6.11
N ASP B 340 43.79 35.91 -5.85
CA ASP B 340 42.83 36.12 -4.78
C ASP B 340 43.43 35.79 -3.42
N HIS B 341 44.19 34.68 -3.35
CA HIS B 341 44.75 34.26 -2.08
C HIS B 341 45.99 35.03 -1.68
N GLN B 342 46.63 35.74 -2.62
CA GLN B 342 47.78 36.54 -2.25
C GLN B 342 47.43 37.97 -1.88
N THR B 343 46.24 38.44 -2.25
CA THR B 343 45.74 39.74 -1.83
C THR B 343 44.66 39.63 -0.77
N GLY B 344 43.62 38.83 -1.01
CA GLY B 344 42.59 38.60 -0.03
C GLY B 344 41.20 38.64 -0.62
N THR B 345 41.00 39.50 -1.63
CA THR B 345 39.71 39.63 -2.29
C THR B 345 39.95 39.84 -3.78
N ARG B 346 39.21 39.10 -4.61
CA ARG B 346 39.25 39.36 -6.04
C ARG B 346 38.50 40.64 -6.39
N ALA B 347 37.43 40.95 -5.66
CA ALA B 347 36.68 42.19 -5.88
C ALA B 347 35.94 42.53 -4.58
N MET B 348 36.51 43.45 -3.81
CA MET B 348 35.81 44.04 -2.66
C MET B 348 35.46 45.50 -2.88
N SER B 349 36.36 46.25 -3.53
CA SER B 349 36.09 47.60 -4.01
C SER B 349 36.67 47.79 -5.40
N GLY B 350 36.87 46.70 -6.14
CA GLY B 350 37.65 46.69 -7.35
C GLY B 350 39.06 46.21 -7.07
N LEU B 351 39.91 46.36 -8.08
CA LEU B 351 41.32 46.02 -7.92
C LEU B 351 42.12 46.62 -9.07
N PRO B 352 43.23 47.31 -8.78
CA PRO B 352 44.12 47.76 -9.85
C PRO B 352 44.55 46.59 -10.72
N ARG B 353 44.67 46.84 -12.02
CA ARG B 353 45.01 45.81 -13.00
C ARG B 353 46.22 45.01 -12.54
N LEU B 354 46.22 43.72 -12.88
CA LEU B 354 47.22 42.77 -12.38
C LEU B 354 48.65 43.22 -12.65
N TYR B 355 48.87 44.05 -13.67
CA TYR B 355 50.21 44.57 -13.88
C TYR B 355 50.46 45.78 -12.99
N ARG B 356 50.11 45.65 -11.71
CA ARG B 356 50.58 46.55 -10.67
C ARG B 356 51.72 45.85 -9.95
N ILE B 357 51.45 44.66 -9.43
CA ILE B 357 52.49 43.70 -9.08
C ILE B 357 52.76 42.83 -10.29
N MET B 358 53.59 43.32 -11.21
CA MET B 358 53.82 42.66 -12.48
C MET B 358 54.67 41.39 -12.36
N PRO B 359 55.79 41.39 -11.63
CA PRO B 359 56.61 40.18 -11.59
C PRO B 359 55.85 38.99 -11.04
N GLY B 360 56.08 37.82 -11.66
CA GLY B 360 55.53 36.57 -11.22
C GLY B 360 54.19 36.18 -11.81
N THR B 361 53.10 36.79 -11.37
CA THR B 361 51.78 36.29 -11.74
C THR B 361 51.03 37.17 -12.73
N ALA B 362 51.62 38.26 -13.22
CA ALA B 362 50.97 39.05 -14.26
C ALA B 362 51.32 38.56 -15.65
N ILE B 363 52.59 38.17 -15.89
CA ILE B 363 52.94 37.58 -17.16
C ILE B 363 52.31 36.22 -17.35
N GLY B 364 51.94 35.54 -16.27
CA GLY B 364 51.20 34.30 -16.41
C GLY B 364 49.82 34.52 -16.99
N VAL B 365 49.08 35.48 -16.45
CA VAL B 365 47.79 35.82 -17.02
C VAL B 365 47.96 36.41 -18.41
N GLY B 366 49.07 37.11 -18.66
CA GLY B 366 49.34 37.62 -19.99
C GLY B 366 49.64 36.54 -21.01
N LEU B 367 50.16 35.39 -20.56
CA LEU B 367 50.37 34.24 -21.43
C LEU B 367 49.14 33.36 -21.56
N ALA B 368 48.23 33.44 -20.59
CA ALA B 368 47.00 32.65 -20.65
C ALA B 368 45.91 33.34 -21.45
N ALA B 369 45.58 34.59 -21.09
CA ALA B 369 44.53 35.31 -21.80
C ALA B 369 44.92 35.59 -23.24
N ALA B 370 46.22 35.73 -23.53
CA ALA B 370 46.64 35.93 -24.91
C ALA B 370 46.27 34.74 -25.77
N SER B 371 46.50 33.52 -25.28
CA SER B 371 46.11 32.34 -26.04
C SER B 371 44.60 32.14 -26.01
N MET B 372 43.93 32.60 -24.94
CA MET B 372 42.48 32.59 -24.93
C MET B 372 41.92 33.45 -26.05
N ALA B 373 42.58 34.58 -26.34
CA ALA B 373 42.17 35.44 -27.44
C ALA B 373 42.70 34.95 -28.77
N GLY B 374 43.84 34.27 -28.77
CA GLY B 374 44.43 33.78 -29.99
C GLY B 374 45.52 34.68 -30.55
N LEU B 375 46.35 35.22 -29.66
CA LEU B 375 47.47 36.03 -30.12
C LEU B 375 48.52 35.14 -30.78
N PRO B 376 49.21 35.65 -31.80
CA PRO B 376 49.95 34.78 -32.73
C PRO B 376 50.90 33.82 -32.03
N PRO B 377 51.87 34.30 -31.23
CA PRO B 377 52.90 33.37 -30.75
C PRO B 377 52.45 32.51 -29.59
N LEU B 378 51.24 31.95 -29.68
CA LEU B 378 50.68 31.11 -28.63
C LEU B 378 50.08 29.86 -29.26
N LEU B 379 49.48 29.02 -28.41
CA LEU B 379 48.77 27.84 -28.91
C LEU B 379 47.32 28.15 -29.25
N GLY B 380 46.74 29.17 -28.62
CA GLY B 380 45.38 29.55 -28.95
C GLY B 380 45.24 30.09 -30.36
N PHE B 381 46.30 30.69 -30.89
CA PHE B 381 46.20 31.30 -32.21
C PHE B 381 46.17 30.25 -33.32
N VAL B 382 47.10 29.28 -33.26
CA VAL B 382 47.12 28.24 -34.27
C VAL B 382 45.83 27.42 -34.20
N SER B 383 45.34 27.18 -33.00
CA SER B 383 44.09 26.44 -32.85
C SER B 383 42.90 27.24 -33.37
N LYS B 384 42.87 28.55 -33.12
CA LYS B 384 41.76 29.36 -33.60
C LYS B 384 41.78 29.49 -35.12
N GLU B 385 42.97 29.64 -35.72
CA GLU B 385 43.03 29.71 -37.17
C GLU B 385 42.72 28.35 -37.80
N TRP B 386 43.04 27.26 -37.10
CA TRP B 386 42.61 25.95 -37.57
C TRP B 386 41.09 25.82 -37.52
N MET B 387 40.47 26.31 -36.45
CA MET B 387 39.02 26.30 -36.36
C MET B 387 38.39 27.13 -37.48
N PHE B 388 38.99 28.28 -37.79
CA PHE B 388 38.47 29.11 -38.87
C PHE B 388 38.63 28.42 -40.22
N LYS B 389 39.80 27.79 -40.46
CA LYS B 389 40.01 27.04 -41.68
C LYS B 389 39.01 25.90 -41.80
N SER B 390 38.63 25.29 -40.68
CA SER B 390 37.65 24.21 -40.71
C SER B 390 36.26 24.73 -41.02
N MET B 391 35.83 25.79 -40.33
CA MET B 391 34.46 26.29 -40.47
C MET B 391 34.19 26.86 -41.86
N LEU B 392 35.22 27.18 -42.63
CA LEU B 392 35.01 27.79 -43.94
C LEU B 392 34.38 26.83 -44.94
N ASP B 393 34.47 25.52 -44.70
CA ASP B 393 33.86 24.52 -45.56
C ASP B 393 32.77 23.76 -44.82
N ALA B 394 32.01 24.48 -44.00
CA ALA B 394 30.92 23.87 -43.26
C ALA B 394 29.83 23.39 -44.22
N PRO B 395 29.04 22.40 -43.83
CA PRO B 395 27.96 21.93 -44.70
C PRO B 395 26.83 22.93 -44.82
N GLY B 396 25.80 22.59 -45.59
CA GLY B 396 24.66 23.46 -45.78
C GLY B 396 24.68 24.26 -47.07
N GLY B 397 25.56 23.94 -48.00
CA GLY B 397 25.66 24.65 -49.25
C GLY B 397 26.90 25.51 -49.31
N ALA B 398 26.94 26.38 -50.31
CA ALA B 398 28.06 27.28 -50.51
C ALA B 398 27.87 28.64 -49.84
N TRP B 399 26.67 28.93 -49.34
CA TRP B 399 26.39 30.20 -48.68
C TRP B 399 26.53 30.13 -47.17
N ALA B 400 26.00 29.08 -46.54
CA ALA B 400 26.08 28.96 -45.09
C ALA B 400 27.43 28.45 -44.61
N GLY B 401 28.40 28.30 -45.51
CA GLY B 401 29.76 28.01 -45.12
C GLY B 401 30.50 29.25 -44.67
N PRO B 402 30.67 30.21 -45.58
CA PRO B 402 31.33 31.47 -45.19
C PRO B 402 30.57 32.26 -44.15
N ALA B 403 29.25 32.13 -44.09
CA ALA B 403 28.49 32.81 -43.03
C ALA B 403 28.88 32.27 -41.67
N LEU B 404 29.18 30.98 -41.58
CA LEU B 404 29.67 30.43 -40.32
C LEU B 404 31.00 31.07 -39.93
N GLY B 405 31.87 31.32 -40.91
CA GLY B 405 33.12 32.00 -40.62
C GLY B 405 32.91 33.43 -40.20
N ALA B 406 31.98 34.13 -40.83
CA ALA B 406 31.69 35.51 -40.45
C ALA B 406 30.98 35.61 -39.11
N LEU B 407 30.39 34.52 -38.63
CA LEU B 407 29.85 34.51 -37.28
C LEU B 407 30.93 34.16 -36.27
N ALA B 408 31.80 33.20 -36.60
CA ALA B 408 32.93 32.89 -35.73
C ALA B 408 33.86 34.07 -35.59
N VAL B 409 33.93 34.94 -36.60
CA VAL B 409 34.78 36.12 -36.48
C VAL B 409 34.19 37.11 -35.49
N PHE B 410 32.85 37.21 -35.42
CA PHE B 410 32.23 38.02 -34.40
C PHE B 410 32.49 37.45 -33.01
N ALA B 411 32.31 36.14 -32.87
CA ALA B 411 32.54 35.51 -31.58
C ALA B 411 33.98 35.66 -31.12
N ALA B 412 34.94 35.55 -32.05
CA ALA B 412 36.34 35.69 -31.70
C ALA B 412 36.70 37.14 -31.42
N THR B 413 36.06 38.09 -32.10
CA THR B 413 36.23 39.50 -31.73
C THR B 413 35.81 39.73 -30.29
N PHE B 414 34.62 39.25 -29.92
CA PHE B 414 34.17 39.43 -28.54
C PHE B 414 35.05 38.68 -27.56
N THR B 415 35.62 37.53 -27.97
CA THR B 415 36.46 36.78 -27.04
C THR B 415 37.79 37.48 -26.82
N PHE B 416 38.35 38.11 -27.87
CA PHE B 416 39.53 38.94 -27.68
C PHE B 416 39.21 40.13 -26.80
N ALA B 417 38.03 40.72 -26.99
CA ALA B 417 37.61 41.85 -26.16
C ALA B 417 37.59 41.47 -24.69
N TYR B 418 36.93 40.35 -24.35
CA TYR B 418 36.83 40.03 -22.94
C TYR B 418 38.13 39.48 -22.37
N SER B 419 38.99 38.87 -23.19
CA SER B 419 40.30 38.47 -22.67
C SER B 419 41.18 39.69 -22.39
N ALA B 420 41.12 40.70 -23.26
CA ALA B 420 41.83 41.94 -22.98
C ALA B 420 41.28 42.61 -21.74
N ARG B 421 39.96 42.55 -21.55
CA ARG B 421 39.37 43.08 -20.32
C ARG B 421 39.83 42.28 -19.11
N PHE B 422 40.04 40.98 -19.26
CA PHE B 422 40.58 40.16 -18.19
C PHE B 422 41.98 40.63 -17.80
N LEU B 423 42.87 40.75 -18.79
CA LEU B 423 44.25 41.09 -18.49
C LEU B 423 44.35 42.48 -17.87
N LEU B 424 43.49 43.40 -18.28
CA LEU B 424 43.54 44.77 -17.78
C LEU B 424 42.12 45.31 -17.65
N GLY B 425 41.80 45.85 -16.48
CA GLY B 425 40.50 46.45 -16.25
C GLY B 425 39.96 46.11 -14.87
N GLY B 426 39.14 47.01 -14.34
CA GLY B 426 38.53 46.77 -13.04
C GLY B 426 37.51 45.64 -13.11
N PHE B 427 37.61 44.70 -12.19
CA PHE B 427 36.77 43.50 -12.18
C PHE B 427 35.79 43.52 -11.01
N VAL B 428 35.24 44.69 -10.70
CA VAL B 428 34.29 44.83 -9.60
C VAL B 428 33.03 44.01 -9.83
N GLU B 446 52.55 45.10 2.90
CA GLU B 446 51.81 45.20 1.64
C GLU B 446 51.56 43.82 1.05
N THR B 447 51.16 43.79 -0.21
CA THR B 447 50.96 42.54 -0.94
C THR B 447 52.22 42.08 -1.65
N ILE B 448 53.40 42.56 -1.22
CA ILE B 448 54.67 42.21 -1.85
C ILE B 448 55.00 40.75 -1.53
N GLU B 449 54.17 40.10 -0.72
CA GLU B 449 54.33 38.68 -0.44
C GLU B 449 53.90 37.93 -1.70
N ALA B 450 54.85 37.83 -2.65
CA ALA B 450 54.59 37.21 -3.93
C ALA B 450 54.19 35.75 -3.74
N PRO B 451 53.48 35.18 -4.70
CA PRO B 451 53.07 33.77 -4.58
C PRO B 451 54.28 32.86 -4.41
N ARG B 452 54.12 31.88 -3.51
CA ARG B 452 55.19 30.95 -3.22
C ARG B 452 55.65 30.22 -4.48
N ALA B 453 56.95 29.94 -4.54
CA ALA B 453 57.51 29.26 -5.70
C ALA B 453 56.87 27.89 -5.92
N SER B 454 56.29 27.29 -4.89
CA SER B 454 55.56 26.03 -5.02
C SER B 454 54.05 26.25 -5.08
N PHE B 455 53.62 27.50 -5.25
CA PHE B 455 52.21 27.85 -5.39
C PHE B 455 51.90 28.41 -6.76
N PHE B 456 52.71 29.34 -7.25
CA PHE B 456 52.52 29.91 -8.58
C PHE B 456 53.02 28.98 -9.69
N LEU B 457 53.96 28.08 -9.38
CA LEU B 457 54.44 27.16 -10.41
C LEU B 457 53.35 26.24 -10.94
N PRO B 458 52.56 25.55 -10.10
CA PRO B 458 51.48 24.72 -10.65
C PRO B 458 50.41 25.53 -11.36
N ALA B 459 50.41 26.85 -11.22
CA ALA B 459 49.49 27.70 -11.95
C ALA B 459 50.09 28.26 -13.23
N ALA B 460 51.41 28.22 -13.37
CA ALA B 460 52.09 28.70 -14.56
C ALA B 460 52.53 27.57 -15.48
N LEU B 461 52.30 26.32 -15.09
CA LEU B 461 52.67 25.21 -15.97
C LEU B 461 51.78 25.14 -17.20
N PRO B 462 50.45 25.23 -17.09
CA PRO B 462 49.64 25.27 -18.32
C PRO B 462 49.86 26.52 -19.14
N ALA B 463 50.07 27.68 -18.50
CA ALA B 463 50.26 28.91 -19.25
C ALA B 463 51.55 28.87 -20.05
N VAL B 464 52.60 28.25 -19.50
CA VAL B 464 53.86 28.15 -20.23
C VAL B 464 53.80 27.00 -21.24
N LEU B 465 53.06 25.95 -20.92
CA LEU B 465 52.85 24.87 -21.89
C LEU B 465 52.14 25.40 -23.14
N GLY B 466 51.20 26.32 -22.95
CA GLY B 466 50.56 26.96 -24.10
C GLY B 466 51.57 27.62 -25.01
N LEU B 467 52.51 28.37 -24.44
CA LEU B 467 53.52 29.06 -25.24
C LEU B 467 54.44 28.06 -25.94
N VAL B 468 54.97 27.09 -25.19
CA VAL B 468 55.91 26.14 -25.77
C VAL B 468 55.25 25.16 -26.72
N LEU B 469 53.92 25.06 -26.70
CA LEU B 469 53.22 24.25 -27.70
C LEU B 469 52.76 25.08 -28.89
N GLY B 470 52.57 26.38 -28.70
CA GLY B 470 52.32 27.24 -29.85
C GLY B 470 53.56 27.45 -30.70
N LEU B 471 54.71 27.67 -30.05
CA LEU B 471 55.95 27.84 -30.78
C LEU B 471 56.42 26.51 -31.39
N THR B 472 56.69 25.53 -30.54
CA THR B 472 57.06 24.20 -31.01
C THR B 472 55.80 23.36 -31.23
N GLY B 473 54.99 23.80 -32.19
CA GLY B 473 53.75 23.12 -32.50
C GLY B 473 53.95 21.78 -33.16
N PHE B 474 55.16 21.46 -33.60
CA PHE B 474 55.42 20.21 -34.32
C PHE B 474 55.35 18.98 -33.43
N LEU B 475 55.01 19.13 -32.15
CA LEU B 475 54.93 17.99 -31.24
C LEU B 475 53.53 17.40 -31.12
N LEU B 476 52.52 18.05 -31.72
CA LEU B 476 51.14 17.65 -31.48
C LEU B 476 50.45 17.05 -32.69
N GLU B 477 51.00 17.18 -33.91
CA GLU B 477 50.31 16.64 -35.08
C GLU B 477 50.18 15.13 -35.04
N PRO B 478 51.20 14.32 -34.67
CA PRO B 478 50.99 12.87 -34.62
C PRO B 478 49.80 12.49 -33.75
N ALA B 479 49.82 12.91 -32.49
CA ALA B 479 48.77 12.53 -31.57
C ALA B 479 47.42 13.09 -31.99
N VAL B 480 47.38 14.35 -32.42
CA VAL B 480 46.11 14.99 -32.74
C VAL B 480 45.50 14.38 -34.00
N ALA B 481 46.31 14.21 -35.05
CA ALA B 481 45.82 13.60 -36.27
C ALA B 481 45.39 12.16 -36.05
N ALA B 482 46.12 11.42 -35.21
CA ALA B 482 45.70 10.05 -34.91
C ALA B 482 44.43 10.03 -34.09
N ALA B 483 44.21 11.06 -33.27
CA ALA B 483 42.96 11.17 -32.51
C ALA B 483 41.82 11.73 -33.33
N ALA B 484 42.10 12.29 -34.52
CA ALA B 484 41.06 12.79 -35.39
C ALA B 484 40.59 11.75 -36.40
N ARG B 485 41.53 10.95 -36.94
CA ARG B 485 41.12 9.83 -37.79
C ARG B 485 40.52 8.68 -37.00
N ALA B 486 40.47 8.80 -35.67
CA ALA B 486 39.75 7.84 -34.83
C ALA B 486 38.46 8.40 -34.28
N SER B 487 38.26 9.71 -34.32
CA SER B 487 36.98 10.28 -33.94
C SER B 487 35.97 10.17 -35.07
N ILE B 488 36.40 10.40 -36.30
CA ILE B 488 35.58 10.12 -37.48
C ILE B 488 36.35 9.19 -38.40
N GLY B 489 35.76 8.84 -39.53
CA GLY B 489 36.35 7.86 -40.41
C GLY B 489 37.67 8.29 -41.04
N GLU B 490 37.63 9.28 -41.92
CA GLU B 490 38.81 9.68 -42.67
C GLU B 490 39.83 10.37 -41.76
N GLY B 491 41.00 10.64 -42.33
CA GLY B 491 42.06 11.31 -41.63
C GLY B 491 42.52 12.56 -42.39
N TYR B 492 43.24 13.42 -41.68
CA TYR B 492 43.67 14.69 -42.25
C TYR B 492 45.12 14.95 -41.85
N GLU B 493 45.95 15.25 -42.84
CA GLU B 493 47.35 15.62 -42.57
C GLU B 493 47.39 16.95 -41.85
N ALA B 494 47.74 16.93 -40.57
CA ALA B 494 47.68 18.10 -39.72
C ALA B 494 49.06 18.71 -39.52
N ASP B 495 49.09 20.04 -39.40
CA ASP B 495 50.33 20.75 -39.10
C ASP B 495 49.99 22.03 -38.36
N PHE B 496 50.65 22.25 -37.22
CA PHE B 496 50.45 23.43 -36.38
C PHE B 496 51.77 24.17 -36.35
N GLY B 497 51.95 25.13 -37.27
CA GLY B 497 53.24 25.75 -37.41
C GLY B 497 53.26 27.26 -37.55
N LEU B 498 52.09 27.90 -37.50
CA LEU B 498 51.99 29.35 -37.63
C LEU B 498 52.56 29.85 -38.95
N TRP B 499 52.44 29.04 -40.00
CA TRP B 499 53.03 29.39 -41.28
C TRP B 499 52.44 30.71 -41.80
N HIS B 500 53.29 31.52 -42.41
CA HIS B 500 52.86 32.81 -42.95
C HIS B 500 52.41 32.69 -44.40
N GLY B 501 51.52 31.73 -44.66
CA GLY B 501 50.89 31.59 -45.96
C GLY B 501 49.52 32.21 -45.94
N PHE B 502 49.34 33.28 -46.71
CA PHE B 502 48.13 34.10 -46.61
C PHE B 502 46.95 33.32 -47.17
N ALA B 503 46.17 32.72 -46.28
CA ALA B 503 44.94 32.02 -46.56
C ALA B 503 43.82 32.60 -45.72
N PRO B 504 42.56 32.47 -46.15
CA PRO B 504 41.46 33.03 -45.36
C PRO B 504 41.40 32.52 -43.92
N GLU B 505 42.12 31.45 -43.61
CA GLU B 505 42.23 31.02 -42.21
C GLU B 505 42.99 32.03 -41.37
N LEU B 506 43.75 32.92 -42.00
CA LEU B 506 44.52 33.94 -41.30
C LEU B 506 43.97 35.34 -41.50
N PHE B 507 43.32 35.61 -42.63
CA PHE B 507 42.72 36.92 -42.85
C PHE B 507 41.58 37.18 -41.87
N MET B 508 40.88 36.13 -41.44
CA MET B 508 39.91 36.25 -40.36
C MET B 508 40.56 36.08 -38.99
N SER B 509 41.89 36.21 -38.92
CA SER B 509 42.60 36.29 -37.65
C SER B 509 43.38 37.59 -37.49
N MET B 510 43.66 38.30 -38.58
CA MET B 510 44.07 39.69 -38.49
C MET B 510 42.87 40.62 -38.34
N ILE B 511 41.69 40.16 -38.75
CA ILE B 511 40.46 40.93 -38.55
C ILE B 511 39.99 40.80 -37.11
N VAL B 512 40.13 39.61 -36.53
CA VAL B 512 39.73 39.41 -35.13
C VAL B 512 40.52 40.33 -34.21
N ILE B 513 41.85 40.31 -34.33
CA ILE B 513 42.69 41.14 -33.47
C ILE B 513 42.39 42.62 -33.68
N THR B 514 42.23 43.05 -34.94
CA THR B 514 41.99 44.45 -35.24
C THR B 514 40.68 44.91 -34.64
N LEU B 515 39.58 44.23 -34.98
CA LEU B 515 38.28 44.63 -34.46
C LEU B 515 38.18 44.47 -32.95
N GLY B 516 38.93 43.52 -32.37
CA GLY B 516 38.90 43.38 -30.93
C GLY B 516 39.63 44.51 -30.22
N ILE B 517 40.74 44.96 -30.78
CA ILE B 517 41.41 46.14 -30.25
C ILE B 517 40.50 47.36 -30.37
N VAL B 518 39.88 47.52 -31.54
CA VAL B 518 38.92 48.61 -31.74
C VAL B 518 37.78 48.51 -30.73
N LEU B 519 37.39 47.30 -30.36
CA LEU B 519 36.29 47.12 -29.41
C LEU B 519 36.74 47.47 -28.00
N VAL B 520 37.91 46.99 -27.59
CA VAL B 520 38.35 47.21 -26.21
C VAL B 520 38.74 48.66 -25.98
N VAL B 521 39.11 49.40 -27.04
CA VAL B 521 39.32 50.83 -26.88
C VAL B 521 38.04 51.64 -26.97
N VAL B 522 36.90 50.98 -27.18
CA VAL B 522 35.60 51.64 -27.23
C VAL B 522 34.64 50.90 -26.30
N ARG B 523 35.21 50.20 -25.31
CA ARG B 523 34.44 49.23 -24.52
C ARG B 523 33.24 49.87 -23.83
N HIS B 524 33.41 51.08 -23.27
CA HIS B 524 32.36 51.64 -22.41
C HIS B 524 31.08 51.94 -23.17
N PRO B 525 31.08 52.69 -24.28
CA PRO B 525 29.81 52.88 -25.01
C PRO B 525 29.22 51.57 -25.52
N VAL B 526 30.05 50.62 -25.93
CA VAL B 526 29.53 49.35 -26.42
C VAL B 526 28.78 48.62 -25.31
N ASP B 527 29.38 48.51 -24.13
CA ASP B 527 28.74 47.77 -23.05
C ASP B 527 27.51 48.50 -22.52
N ARG B 528 27.57 49.83 -22.43
CA ARG B 528 26.37 50.57 -22.06
C ARG B 528 25.34 50.61 -23.18
N PHE B 529 25.68 50.13 -24.36
CA PHE B 529 24.76 50.10 -25.50
C PHE B 529 24.02 48.77 -25.59
N LEU B 530 24.75 47.66 -25.63
CA LEU B 530 24.10 46.37 -25.88
C LEU B 530 23.58 45.70 -24.61
N ASP B 531 23.66 46.37 -23.46
CA ASP B 531 23.16 45.79 -22.23
C ASP B 531 21.66 46.03 -22.06
N ARG B 532 21.20 47.24 -22.36
CA ARG B 532 19.79 47.58 -22.16
C ARG B 532 18.89 46.86 -23.15
N GLU B 533 19.36 46.67 -24.38
CA GLU B 533 18.59 46.01 -25.42
C GLU B 533 18.85 44.51 -25.49
N LEU B 534 19.28 43.90 -24.39
CA LEU B 534 19.60 42.46 -24.52
C LEU B 534 18.40 41.62 -24.07
N ALA B 535 17.83 41.91 -22.89
CA ALA B 535 16.71 41.11 -22.31
C ALA B 535 17.27 39.79 -21.76
N PRO B 536 16.66 39.15 -20.74
CA PRO B 536 17.36 38.10 -20.00
C PRO B 536 17.48 36.73 -20.69
N ILE B 537 18.22 36.61 -21.81
CA ILE B 537 18.43 35.28 -22.35
C ILE B 537 19.20 34.41 -21.35
N THR B 538 20.23 34.97 -20.74
CA THR B 538 20.98 34.27 -19.70
C THR B 538 20.22 34.36 -18.38
N GLY B 539 20.89 33.98 -17.31
CA GLY B 539 20.22 33.95 -16.01
C GLY B 539 19.66 32.58 -15.71
N VAL B 540 19.68 32.23 -14.42
CA VAL B 540 19.26 30.91 -13.98
C VAL B 540 17.77 30.83 -13.71
N ALA B 541 17.03 31.92 -13.93
CA ALA B 541 15.60 31.95 -13.64
C ALA B 541 14.77 31.23 -14.69
N THR B 542 15.39 30.49 -15.60
CA THR B 542 14.64 29.67 -16.55
C THR B 542 14.61 28.20 -16.16
N VAL B 543 15.61 27.72 -15.43
CA VAL B 543 15.56 26.37 -14.89
C VAL B 543 14.73 26.35 -13.62
N ASP B 544 14.89 27.36 -12.77
CA ASP B 544 14.05 27.46 -11.58
C ASP B 544 12.59 27.64 -11.94
N ALA B 545 12.30 28.33 -13.03
CA ALA B 545 10.92 28.44 -13.49
C ALA B 545 10.36 27.08 -13.88
N LEU B 546 11.18 26.25 -14.54
CA LEU B 546 10.73 24.92 -14.91
C LEU B 546 10.51 24.04 -13.69
N ARG B 547 11.41 24.13 -12.69
CA ARG B 547 11.22 23.37 -11.47
C ARG B 547 9.97 23.83 -10.73
N ARG B 548 9.71 25.14 -10.71
CA ARG B 548 8.51 25.65 -10.07
C ARG B 548 7.26 25.19 -10.79
N TRP B 549 7.29 25.16 -12.12
CA TRP B 549 6.15 24.63 -12.88
C TRP B 549 5.93 23.16 -12.58
N ALA B 550 7.02 22.38 -12.49
CA ALA B 550 6.87 20.97 -12.16
C ALA B 550 6.27 20.78 -10.78
N ILE B 551 6.71 21.58 -9.81
CA ILE B 551 6.19 21.45 -8.45
C ILE B 551 4.72 21.86 -8.41
N ALA B 552 4.35 22.92 -9.13
CA ALA B 552 2.96 23.34 -9.15
C ALA B 552 2.07 22.29 -9.81
N GLY B 553 2.52 21.73 -10.93
CA GLY B 553 1.74 20.67 -11.57
C GLY B 553 1.62 19.44 -10.69
N GLY B 554 2.69 19.09 -9.97
CA GLY B 554 2.61 17.97 -9.06
C GLY B 554 1.66 18.23 -7.90
N ALA B 555 1.63 19.46 -7.41
CA ALA B 555 0.68 19.81 -6.35
C ALA B 555 -0.75 19.78 -6.87
N ARG B 556 -0.96 20.17 -8.12
CA ARG B 556 -2.31 20.12 -8.68
C ARG B 556 -2.75 18.70 -8.98
N VAL B 557 -1.79 17.81 -9.25
CA VAL B 557 -2.15 16.42 -9.48
C VAL B 557 -2.41 15.70 -8.16
N GLY B 558 -1.57 15.94 -7.15
CA GLY B 558 -1.80 15.36 -5.84
C GLY B 558 -3.03 15.91 -5.14
N ASP B 559 -3.51 17.08 -5.56
CA ASP B 559 -4.70 17.67 -4.95
C ASP B 559 -5.98 16.95 -5.35
N VAL B 560 -5.91 16.02 -6.29
CA VAL B 560 -7.10 15.25 -6.67
C VAL B 560 -7.49 14.29 -5.55
N THR B 561 -6.51 13.65 -4.94
CA THR B 561 -6.72 12.70 -3.85
C THR B 561 -6.21 13.24 -2.53
N ARG B 562 -6.41 14.54 -2.30
CA ARG B 562 -5.90 15.16 -1.09
C ARG B 562 -6.68 14.72 0.15
N THR B 563 -8.01 14.80 0.07
CA THR B 563 -8.83 14.44 1.23
C THR B 563 -8.69 12.96 1.54
N ASP B 564 -8.39 12.66 2.80
CA ASP B 564 -8.27 11.27 3.26
C ASP B 564 -9.56 10.84 3.93
N ARG B 565 -10.62 10.73 3.13
CA ARG B 565 -11.89 10.20 3.58
C ARG B 565 -12.35 9.10 2.64
N ILE B 566 -13.02 8.09 3.21
CA ILE B 566 -13.35 6.88 2.47
C ILE B 566 -14.25 7.20 1.28
N SER B 567 -15.15 8.17 1.45
CA SER B 567 -16.17 8.43 0.42
C SER B 567 -15.56 8.84 -0.92
N ARG B 568 -14.31 9.31 -0.94
CA ARG B 568 -13.68 9.75 -2.18
C ARG B 568 -12.81 8.67 -2.81
N HIS B 569 -11.92 8.07 -2.04
CA HIS B 569 -11.05 7.03 -2.58
C HIS B 569 -11.80 5.77 -2.97
N VAL B 570 -13.06 5.63 -2.55
CA VAL B 570 -13.88 4.54 -3.06
C VAL B 570 -14.50 4.92 -4.40
N TRP B 571 -14.78 6.21 -4.62
CA TRP B 571 -15.27 6.65 -5.93
C TRP B 571 -14.30 6.25 -7.03
N ALA B 572 -13.00 6.35 -6.75
CA ALA B 572 -12.00 5.92 -7.75
C ALA B 572 -12.09 4.43 -8.00
N VAL B 573 -12.49 3.64 -7.01
CA VAL B 573 -12.67 2.20 -7.22
C VAL B 573 -13.94 1.93 -8.01
N LEU B 574 -15.03 2.63 -7.68
CA LEU B 574 -16.31 2.35 -8.32
C LEU B 574 -16.31 2.84 -9.77
N LEU B 575 -15.55 3.88 -10.09
CA LEU B 575 -15.48 4.32 -11.48
C LEU B 575 -14.79 3.29 -12.36
N VAL B 576 -13.68 2.72 -11.87
CA VAL B 576 -13.03 1.65 -12.62
C VAL B 576 -13.89 0.40 -12.65
N LEU B 577 -14.68 0.16 -11.60
CA LEU B 577 -15.62 -0.95 -11.63
C LEU B 577 -16.67 -0.75 -12.71
N VAL B 578 -17.16 0.48 -12.87
CA VAL B 578 -18.14 0.76 -13.91
C VAL B 578 -17.50 0.62 -15.29
N ALA B 579 -16.24 1.03 -15.43
CA ALA B 579 -15.54 0.86 -16.70
C ALA B 579 -15.37 -0.61 -17.04
N LEU B 580 -14.95 -1.42 -16.07
CA LEU B 580 -14.81 -2.85 -16.29
C LEU B 580 -16.16 -3.50 -16.57
N ALA B 581 -17.23 -2.99 -15.97
CA ALA B 581 -18.57 -3.52 -16.26
C ALA B 581 -18.98 -3.18 -17.69
N ALA B 582 -18.70 -1.97 -18.14
CA ALA B 582 -18.99 -1.60 -19.52
C ALA B 582 -18.20 -2.45 -20.49
N VAL B 583 -16.97 -2.82 -20.12
CA VAL B 583 -16.19 -3.73 -20.95
C VAL B 583 -16.82 -5.12 -20.97
N GLY B 584 -17.18 -5.64 -19.78
CA GLY B 584 -17.68 -6.99 -19.69
C GLY B 584 -19.05 -7.18 -20.30
N VAL B 585 -19.86 -6.12 -20.34
CA VAL B 585 -21.21 -6.24 -20.89
C VAL B 585 -21.15 -6.61 -22.36
N VAL B 586 -20.28 -5.94 -23.12
CA VAL B 586 -20.06 -6.31 -24.52
C VAL B 586 -19.07 -7.45 -24.67
N ALA B 587 -18.33 -7.79 -23.62
CA ALA B 587 -17.32 -8.83 -23.70
C ALA B 587 -17.89 -10.24 -23.48
N VAL B 588 -18.76 -10.39 -22.49
CA VAL B 588 -19.20 -11.71 -22.04
C VAL B 588 -20.34 -12.20 -22.92
N ARG B 589 -20.21 -13.43 -23.43
CA ARG B 589 -21.29 -14.15 -24.07
C ARG B 589 -21.60 -15.38 -23.25
N PRO B 590 -22.78 -15.51 -22.65
CA PRO B 590 -23.02 -16.61 -21.72
C PRO B 590 -23.38 -17.90 -22.43
N GLU B 591 -22.95 -19.01 -21.82
CA GLU B 591 -23.28 -20.33 -22.31
C GLU B 591 -24.71 -20.71 -21.89
N PRO B 592 -25.30 -21.72 -22.53
CA PRO B 592 -26.64 -22.16 -22.13
C PRO B 592 -26.66 -22.64 -20.69
N GLU B 593 -27.76 -22.36 -20.01
CA GLU B 593 -27.90 -22.69 -18.60
C GLU B 593 -28.03 -24.20 -18.39
N VAL B 594 -27.61 -24.64 -17.22
CA VAL B 594 -27.71 -26.05 -16.82
C VAL B 594 -28.81 -26.17 -15.78
N GLY B 595 -29.85 -26.92 -16.10
CA GLY B 595 -30.98 -27.02 -15.20
C GLY B 595 -31.68 -25.67 -15.09
N SER B 596 -31.97 -25.26 -13.85
CA SER B 596 -32.53 -23.95 -13.59
C SER B 596 -32.19 -23.52 -12.18
N PRO B 597 -31.38 -22.47 -12.01
CA PRO B 597 -30.96 -22.06 -10.66
C PRO B 597 -32.00 -21.28 -9.87
N VAL B 598 -33.26 -21.25 -10.31
CA VAL B 598 -34.32 -20.52 -9.63
C VAL B 598 -35.42 -21.49 -9.26
N ARG B 599 -35.79 -21.49 -7.98
CA ARG B 599 -36.85 -22.34 -7.46
C ARG B 599 -38.05 -21.49 -7.06
N ALA B 600 -39.12 -22.17 -6.65
CA ALA B 600 -40.32 -21.46 -6.23
C ALA B 600 -40.10 -20.73 -4.90
N GLU B 601 -39.52 -21.43 -3.92
CA GLU B 601 -39.31 -20.83 -2.61
C GLU B 601 -38.05 -19.98 -2.62
N ASP B 602 -37.96 -19.10 -3.59
CA ASP B 602 -36.78 -18.29 -3.82
C ASP B 602 -37.11 -16.82 -4.00
N TRP B 603 -38.25 -16.51 -4.63
CA TRP B 603 -38.66 -15.13 -4.77
C TRP B 603 -39.09 -14.55 -3.43
N ILE B 604 -39.55 -15.40 -2.49
CA ILE B 604 -39.94 -14.88 -1.19
C ILE B 604 -38.71 -14.40 -0.42
N VAL B 605 -37.62 -15.16 -0.44
CA VAL B 605 -36.42 -14.72 0.25
C VAL B 605 -35.75 -13.59 -0.52
N VAL B 606 -35.88 -13.57 -1.85
CA VAL B 606 -35.38 -12.43 -2.61
C VAL B 606 -36.14 -11.16 -2.22
N VAL B 607 -37.45 -11.24 -2.06
CA VAL B 607 -38.25 -10.08 -1.67
C VAL B 607 -37.89 -9.64 -0.26
N LEU B 608 -37.72 -10.59 0.66
CA LEU B 608 -37.35 -10.23 2.02
C LEU B 608 -35.99 -9.57 2.06
N LEU B 609 -35.04 -10.06 1.25
CA LEU B 609 -33.71 -9.46 1.23
C LEU B 609 -33.74 -8.06 0.62
N VAL B 610 -34.52 -7.88 -0.45
CA VAL B 610 -34.66 -6.55 -1.06
C VAL B 610 -35.27 -5.58 -0.07
N VAL B 611 -36.31 -6.02 0.65
CA VAL B 611 -36.98 -5.15 1.60
C VAL B 611 -36.04 -4.79 2.74
N GLY B 612 -35.29 -5.77 3.25
CA GLY B 612 -34.33 -5.47 4.32
C GLY B 612 -33.25 -4.51 3.87
N THR B 613 -32.72 -4.72 2.66
CA THR B 613 -31.67 -3.83 2.15
C THR B 613 -32.19 -2.41 1.94
N ALA B 614 -33.42 -2.28 1.41
CA ALA B 614 -33.99 -0.95 1.22
C ALA B 614 -34.24 -0.27 2.56
N ALA B 615 -34.77 -1.02 3.53
CA ALA B 615 -35.01 -0.43 4.85
C ALA B 615 -33.70 -0.06 5.54
N MET B 616 -32.61 -0.74 5.20
CA MET B 616 -31.32 -0.37 5.77
C MET B 616 -30.75 0.87 5.10
N VAL B 617 -30.88 0.97 3.78
CA VAL B 617 -30.28 2.11 3.07
C VAL B 617 -31.12 3.38 3.18
N ILE B 618 -32.39 3.27 3.55
CA ILE B 618 -33.21 4.46 3.76
C ILE B 618 -33.45 4.73 5.24
N SER B 619 -32.78 4.00 6.13
CA SER B 619 -32.95 4.20 7.56
C SER B 619 -32.20 5.45 8.01
N ARG B 620 -32.91 6.36 8.67
CA ARG B 620 -32.32 7.60 9.16
C ARG B 620 -31.94 7.51 10.64
N SER B 621 -32.11 6.36 11.27
CA SER B 621 -31.79 6.19 12.68
C SER B 621 -30.90 4.97 12.85
N ARG B 622 -29.90 5.09 13.72
CA ARG B 622 -28.91 4.03 13.89
C ARG B 622 -29.53 2.72 14.39
N LEU B 623 -30.67 2.78 15.07
CA LEU B 623 -31.27 1.55 15.59
C LEU B 623 -32.04 0.80 14.50
N GLY B 624 -32.79 1.52 13.68
CA GLY B 624 -33.41 0.89 12.52
C GLY B 624 -32.38 0.24 11.62
N ALA B 625 -31.19 0.83 11.52
CA ALA B 625 -30.16 0.27 10.66
C ALA B 625 -29.61 -1.03 11.21
N VAL B 626 -29.40 -1.12 12.53
CA VAL B 626 -28.90 -2.38 13.08
C VAL B 626 -30.00 -3.44 13.07
N ALA B 627 -31.26 -3.04 13.26
CA ALA B 627 -32.35 -4.00 13.11
C ALA B 627 -32.41 -4.55 11.70
N ASN B 628 -32.25 -3.67 10.70
CA ASN B 628 -32.24 -4.13 9.32
C ASN B 628 -30.99 -4.94 9.00
N VAL B 629 -29.89 -4.70 9.71
CA VAL B 629 -28.71 -5.54 9.54
C VAL B 629 -28.98 -6.94 10.05
N GLY B 630 -29.61 -7.06 11.22
CA GLY B 630 -30.02 -8.36 11.71
C GLY B 630 -31.00 -9.05 10.76
N ILE B 631 -31.90 -8.27 10.17
CA ILE B 631 -32.88 -8.86 9.26
C ILE B 631 -32.21 -9.33 7.97
N VAL B 632 -31.26 -8.57 7.44
CA VAL B 632 -30.53 -8.99 6.25
C VAL B 632 -29.68 -10.21 6.56
N GLY B 633 -29.12 -10.28 7.77
CA GLY B 633 -28.40 -11.49 8.16
C GLY B 633 -29.29 -12.71 8.21
N PHE B 634 -30.50 -12.55 8.77
CA PHE B 634 -31.45 -13.67 8.79
C PHE B 634 -31.88 -14.06 7.39
N ALA B 635 -32.10 -13.08 6.51
CA ALA B 635 -32.48 -13.39 5.14
C ALA B 635 -31.35 -14.07 4.39
N MET B 636 -30.11 -13.71 4.67
CA MET B 636 -28.98 -14.38 4.04
C MET B 636 -28.80 -15.79 4.58
N ALA B 637 -29.11 -16.00 5.86
CA ALA B 637 -29.10 -17.36 6.39
C ALA B 637 -30.16 -18.21 5.73
N LEU B 638 -31.37 -17.66 5.57
CA LEU B 638 -32.42 -18.35 4.84
C LEU B 638 -32.01 -18.61 3.40
N TRP B 639 -31.27 -17.68 2.80
CA TRP B 639 -30.75 -17.88 1.45
C TRP B 639 -29.80 -19.06 1.40
N PHE B 640 -28.79 -19.07 2.29
CA PHE B 640 -27.83 -20.16 2.32
C PHE B 640 -28.49 -21.49 2.61
N PHE B 641 -29.56 -21.49 3.40
CA PHE B 641 -30.25 -22.74 3.70
C PHE B 641 -31.13 -23.19 2.55
N THR B 642 -31.66 -22.26 1.77
CA THR B 642 -32.45 -22.63 0.59
C THR B 642 -31.57 -23.27 -0.48
N LEU B 643 -30.34 -22.77 -0.63
CA LEU B 643 -29.41 -23.31 -1.60
C LEU B 643 -28.80 -24.63 -1.18
N GLY B 644 -29.13 -25.14 0.00
CA GLY B 644 -28.59 -26.39 0.46
C GLY B 644 -27.28 -26.29 1.22
N ALA B 645 -27.02 -25.17 1.86
CA ALA B 645 -25.83 -24.99 2.68
C ALA B 645 -26.28 -24.84 4.13
N VAL B 646 -26.22 -25.94 4.87
CA VAL B 646 -26.71 -25.93 6.25
C VAL B 646 -25.67 -25.36 7.20
N ASP B 647 -24.41 -25.83 7.07
CA ASP B 647 -23.35 -25.31 7.92
C ASP B 647 -23.12 -23.82 7.68
N VAL B 648 -23.19 -23.40 6.42
CA VAL B 648 -23.03 -21.99 6.11
C VAL B 648 -24.19 -21.18 6.66
N ALA B 649 -25.41 -21.74 6.64
CA ALA B 649 -26.54 -21.04 7.22
C ALA B 649 -26.38 -20.88 8.73
N LEU B 650 -25.93 -21.95 9.40
CA LEU B 650 -25.64 -21.88 10.83
C LEU B 650 -24.64 -20.76 11.12
N THR B 651 -23.51 -20.78 10.42
CA THR B 651 -22.48 -19.77 10.67
C THR B 651 -22.99 -18.37 10.34
N GLN B 652 -23.84 -18.23 9.32
CA GLN B 652 -24.37 -16.92 8.98
C GLN B 652 -25.30 -16.40 10.07
N LEU B 653 -26.17 -17.25 10.60
CA LEU B 653 -27.02 -16.87 11.73
C LEU B 653 -26.17 -16.39 12.90
N LEU B 654 -25.16 -17.19 13.27
CA LEU B 654 -24.37 -16.87 14.45
C LEU B 654 -23.54 -15.60 14.24
N VAL B 655 -22.99 -15.42 13.03
CA VAL B 655 -22.22 -14.21 12.75
C VAL B 655 -23.14 -13.00 12.72
N GLU B 656 -24.38 -13.17 12.27
CA GLU B 656 -25.33 -12.06 12.31
C GLU B 656 -25.62 -11.65 13.75
N VAL B 657 -25.84 -12.62 14.64
CA VAL B 657 -26.14 -12.25 16.02
C VAL B 657 -24.91 -11.63 16.69
N LEU B 658 -23.71 -12.14 16.39
CA LEU B 658 -22.51 -11.62 17.02
C LEU B 658 -22.03 -10.32 16.40
N THR B 659 -22.53 -9.95 15.22
CA THR B 659 -22.27 -8.62 14.70
C THR B 659 -23.34 -7.63 15.13
N VAL B 660 -24.57 -8.09 15.35
CA VAL B 660 -25.58 -7.21 15.93
C VAL B 660 -25.20 -6.81 17.34
N VAL B 661 -24.69 -7.77 18.13
CA VAL B 661 -24.25 -7.45 19.48
C VAL B 661 -23.15 -6.40 19.47
N VAL B 662 -22.17 -6.55 18.57
CA VAL B 662 -21.05 -5.62 18.54
C VAL B 662 -21.49 -4.26 18.01
N ILE B 663 -22.39 -4.24 17.02
CA ILE B 663 -22.89 -2.96 16.52
C ILE B 663 -23.68 -2.24 17.61
N VAL B 664 -24.40 -2.99 18.45
CA VAL B 664 -25.08 -2.36 19.58
C VAL B 664 -24.06 -1.80 20.57
N LEU B 665 -23.01 -2.57 20.86
CA LEU B 665 -21.99 -2.13 21.81
C LEU B 665 -21.28 -0.88 21.33
N VAL B 666 -21.16 -0.68 20.01
CA VAL B 666 -20.50 0.51 19.49
C VAL B 666 -21.47 1.60 19.09
N LEU B 667 -22.77 1.31 19.06
CA LEU B 667 -23.78 2.33 18.81
C LEU B 667 -24.31 2.95 20.09
N GLN B 668 -24.17 2.28 21.22
CA GLN B 668 -24.51 2.91 22.49
C GLN B 668 -23.60 4.10 22.80
N ARG B 669 -22.56 4.34 22.01
CA ARG B 669 -21.65 5.45 22.21
C ARG B 669 -21.85 6.58 21.21
N LEU B 670 -22.53 6.33 20.11
CA LEU B 670 -22.72 7.27 19.02
C LEU B 670 -24.11 7.88 19.06
N PRO B 671 -24.32 9.00 18.36
CA PRO B 671 -25.65 9.62 18.37
C PRO B 671 -26.73 8.71 17.79
N ARG B 672 -27.97 9.17 17.92
CA ARG B 672 -29.12 8.32 17.57
C ARG B 672 -29.40 8.31 16.08
N ALA B 673 -29.09 9.39 15.38
CA ALA B 673 -29.42 9.51 13.96
C ALA B 673 -28.15 9.63 13.14
N PHE B 674 -28.17 9.05 11.94
CA PHE B 674 -27.04 9.19 11.03
C PHE B 674 -26.83 10.65 10.67
N HIS B 675 -25.64 10.96 10.20
CA HIS B 675 -25.32 12.32 9.80
C HIS B 675 -26.09 12.67 8.52
N THR B 676 -26.72 13.84 8.50
CA THR B 676 -27.49 14.25 7.33
C THR B 676 -26.55 14.63 6.20
N VAL B 677 -26.66 13.94 5.08
CA VAL B 677 -25.83 14.18 3.91
C VAL B 677 -26.64 14.96 2.88
N SER B 678 -26.04 15.99 2.31
CA SER B 678 -26.75 16.91 1.44
C SER B 678 -27.31 16.19 0.21
N ARG B 679 -28.41 16.74 -0.31
CA ARG B 679 -28.95 16.27 -1.57
C ARG B 679 -27.95 16.54 -2.70
N SER B 680 -28.22 15.97 -3.87
CA SER B 680 -27.32 16.01 -5.01
C SER B 680 -26.02 15.29 -4.70
N ARG B 681 -25.94 14.68 -3.52
CA ARG B 681 -24.91 13.71 -3.17
C ARG B 681 -25.49 12.33 -2.91
N THR B 682 -26.73 12.26 -2.43
CA THR B 682 -27.44 10.99 -2.42
C THR B 682 -27.90 10.60 -3.81
N LEU B 683 -28.20 11.57 -4.67
CA LEU B 683 -28.63 11.27 -6.02
C LEU B 683 -27.51 10.63 -6.82
N VAL B 684 -26.31 11.20 -6.77
CA VAL B 684 -25.19 10.64 -7.52
C VAL B 684 -24.79 9.29 -6.93
N SER B 685 -24.82 9.16 -5.61
CA SER B 685 -24.49 7.88 -4.99
C SER B 685 -25.49 6.80 -5.41
N ALA B 686 -26.78 7.13 -5.42
CA ALA B 686 -27.78 6.16 -5.84
C ALA B 686 -27.66 5.85 -7.33
N ALA B 687 -27.30 6.86 -8.14
CA ALA B 687 -27.16 6.63 -9.57
C ALA B 687 -25.99 5.72 -9.89
N VAL B 688 -24.90 5.83 -9.12
CA VAL B 688 -23.80 4.89 -9.36
C VAL B 688 -24.08 3.55 -8.70
N ALA B 689 -24.88 3.53 -7.63
CA ALA B 689 -25.20 2.26 -6.97
C ALA B 689 -26.10 1.42 -7.85
N ILE B 690 -27.07 2.05 -8.51
CA ILE B 690 -27.94 1.32 -9.44
C ILE B 690 -27.10 0.69 -10.55
N VAL B 691 -26.13 1.44 -11.08
CA VAL B 691 -25.32 0.95 -12.18
C VAL B 691 -24.46 -0.23 -11.72
N VAL B 692 -23.78 -0.08 -10.59
CA VAL B 692 -22.93 -1.18 -10.12
C VAL B 692 -23.78 -2.39 -9.70
N GLY B 693 -25.00 -2.16 -9.23
CA GLY B 693 -25.87 -3.28 -8.90
C GLY B 693 -26.30 -4.05 -10.12
N LEU B 694 -26.73 -3.33 -11.17
CA LEU B 694 -27.06 -3.99 -12.43
C LEU B 694 -25.85 -4.74 -12.98
N ALA B 695 -24.66 -4.15 -12.86
CA ALA B 695 -23.46 -4.80 -13.36
C ALA B 695 -23.19 -6.11 -12.63
N SER B 696 -23.22 -6.07 -11.29
CA SER B 696 -22.95 -7.27 -10.52
C SER B 696 -24.04 -8.32 -10.73
N GLY B 697 -25.29 -7.88 -10.87
CA GLY B 697 -26.36 -8.83 -11.15
C GLY B 697 -26.16 -9.52 -12.48
N ALA B 698 -25.82 -8.76 -13.51
CA ALA B 698 -25.55 -9.37 -14.82
C ALA B 698 -24.35 -10.31 -14.75
N ALA B 699 -23.33 -9.94 -13.97
CA ALA B 699 -22.16 -10.79 -13.83
C ALA B 699 -22.51 -12.13 -13.20
N VAL B 700 -23.26 -12.10 -12.10
CA VAL B 700 -23.65 -13.34 -11.44
C VAL B 700 -24.69 -14.10 -12.24
N TRP B 701 -25.43 -13.44 -13.13
CA TRP B 701 -26.40 -14.14 -13.94
C TRP B 701 -25.77 -14.83 -15.15
N ALA B 702 -24.69 -14.25 -15.68
CA ALA B 702 -24.09 -14.75 -16.91
C ALA B 702 -22.82 -15.55 -16.69
N MET B 703 -22.54 -15.97 -15.45
CA MET B 703 -21.28 -16.63 -15.18
C MET B 703 -21.36 -17.81 -14.21
N THR B 704 -22.54 -18.19 -13.73
CA THR B 704 -22.61 -19.18 -12.66
C THR B 704 -23.27 -20.48 -13.08
N GLY B 705 -24.51 -20.45 -13.59
CA GLY B 705 -25.21 -21.68 -13.86
C GLY B 705 -24.99 -22.22 -15.27
N ARG B 706 -23.73 -22.35 -15.67
CA ARG B 706 -23.41 -22.72 -17.05
C ARG B 706 -22.56 -23.97 -17.16
N ARG B 707 -22.22 -24.62 -16.05
CA ARG B 707 -21.40 -25.83 -16.08
C ARG B 707 -22.03 -26.88 -15.17
N GLU B 708 -21.77 -28.14 -15.49
CA GLU B 708 -22.39 -29.26 -14.78
C GLU B 708 -21.99 -29.28 -13.31
N LEU B 709 -20.71 -29.54 -13.05
CA LEU B 709 -20.20 -29.63 -11.69
C LEU B 709 -18.68 -29.66 -11.71
N SER B 710 -18.04 -28.86 -10.85
CA SER B 710 -16.59 -28.83 -10.80
C SER B 710 -16.03 -30.21 -10.50
N ASP B 711 -14.90 -30.54 -11.13
CA ASP B 711 -14.28 -31.83 -10.91
C ASP B 711 -13.85 -31.99 -9.47
N VAL B 712 -13.37 -30.91 -8.83
CA VAL B 712 -13.04 -30.98 -7.42
C VAL B 712 -14.31 -31.14 -6.58
N GLY B 713 -15.42 -30.58 -7.05
CA GLY B 713 -16.68 -30.80 -6.35
C GLY B 713 -17.14 -32.25 -6.43
N ARG B 714 -17.08 -32.83 -7.62
CA ARG B 714 -17.39 -34.24 -7.78
C ARG B 714 -16.46 -35.12 -6.94
N TYR B 715 -15.18 -34.72 -6.83
CA TYR B 715 -14.26 -35.47 -5.99
C TYR B 715 -14.67 -35.39 -4.52
N PHE B 716 -14.94 -34.17 -4.03
CA PHE B 716 -15.33 -34.00 -2.64
C PHE B 716 -16.59 -34.80 -2.32
N LEU B 717 -17.59 -34.76 -3.19
CA LEU B 717 -18.80 -35.54 -2.93
C LEU B 717 -18.56 -37.03 -3.08
N ASP B 718 -17.58 -37.44 -3.88
CA ASP B 718 -17.32 -38.86 -4.08
C ASP B 718 -16.39 -39.45 -3.03
N ASN B 719 -15.35 -38.72 -2.65
CA ASN B 719 -14.31 -39.24 -1.77
C ASN B 719 -14.23 -38.46 -0.47
N ALA B 720 -15.38 -38.18 0.14
CA ALA B 720 -15.39 -37.55 1.46
C ALA B 720 -15.37 -38.59 2.58
N GLU B 721 -16.29 -39.56 2.52
CA GLU B 721 -16.33 -40.59 3.53
C GLU B 721 -15.20 -41.61 3.37
N GLN B 722 -14.67 -41.76 2.16
CA GLN B 722 -13.59 -42.72 1.95
C GLN B 722 -12.23 -42.16 2.34
N ASP B 723 -12.01 -40.86 2.14
CA ASP B 723 -10.71 -40.28 2.44
C ASP B 723 -10.59 -39.89 3.92
N THR B 724 -11.66 -39.33 4.50
CA THR B 724 -11.60 -38.78 5.84
C THR B 724 -12.52 -39.46 6.84
N GLY B 725 -13.43 -40.32 6.40
CA GLY B 725 -14.34 -40.99 7.30
C GLY B 725 -15.55 -40.19 7.73
N GLY B 726 -15.62 -38.91 7.36
CA GLY B 726 -16.76 -38.07 7.71
C GLY B 726 -17.61 -37.78 6.49
N ILE B 727 -18.91 -37.63 6.70
CA ILE B 727 -19.83 -37.40 5.60
C ILE B 727 -20.16 -35.92 5.39
N ASN B 728 -19.86 -35.07 6.36
CA ASN B 728 -20.07 -33.64 6.21
C ASN B 728 -18.99 -33.09 5.29
N VAL B 729 -19.29 -33.02 3.99
CA VAL B 729 -18.29 -32.66 3.00
C VAL B 729 -17.73 -31.27 3.28
N VAL B 730 -18.58 -30.34 3.71
CA VAL B 730 -18.12 -28.97 3.97
C VAL B 730 -17.10 -28.97 5.10
N ASN B 731 -17.39 -29.68 6.20
CA ASN B 731 -16.49 -29.67 7.33
C ASN B 731 -15.20 -30.42 7.03
N THR B 732 -15.27 -31.52 6.26
CA THR B 732 -14.04 -32.22 5.88
C THR B 732 -13.18 -31.35 4.98
N VAL B 733 -13.80 -30.64 4.03
CA VAL B 733 -13.05 -29.70 3.21
C VAL B 733 -12.39 -28.64 4.07
N LEU B 734 -13.11 -28.18 5.11
CA LEU B 734 -12.58 -27.11 5.95
C LEU B 734 -11.47 -27.57 6.88
N VAL B 735 -11.50 -28.83 7.33
CA VAL B 735 -10.56 -29.28 8.35
C VAL B 735 -9.57 -30.31 7.83
N ASP B 736 -9.87 -31.01 6.74
CA ASP B 736 -9.01 -32.08 6.24
C ASP B 736 -8.35 -31.74 4.92
N TYR B 737 -9.13 -31.37 3.91
CA TYR B 737 -8.53 -31.07 2.60
C TYR B 737 -7.89 -29.69 2.60
N ARG B 738 -8.70 -28.64 2.72
CA ARG B 738 -8.19 -27.28 2.73
C ARG B 738 -8.10 -26.74 4.16
N ALA B 739 -7.32 -27.43 4.99
CA ALA B 739 -7.16 -27.01 6.37
C ALA B 739 -6.35 -25.73 6.48
N LEU B 740 -5.58 -25.39 5.45
CA LEU B 740 -4.81 -24.15 5.50
C LEU B 740 -5.72 -22.93 5.50
N ASP B 741 -6.83 -22.99 4.78
CA ASP B 741 -7.79 -21.89 4.81
C ASP B 741 -8.35 -21.70 6.22
N THR B 742 -8.66 -22.80 6.90
CA THR B 742 -9.20 -22.71 8.25
C THR B 742 -8.17 -22.18 9.23
N LEU B 743 -6.93 -22.65 9.12
CA LEU B 743 -5.86 -22.10 9.95
C LEU B 743 -5.71 -20.61 9.70
N GLY B 744 -5.73 -20.19 8.44
CA GLY B 744 -5.61 -18.79 8.12
C GLY B 744 -6.73 -17.95 8.69
N GLU B 745 -7.96 -18.42 8.58
CA GLU B 745 -9.07 -17.62 9.08
C GLU B 745 -9.19 -17.63 10.59
N LEU B 746 -8.66 -18.66 11.26
CA LEU B 746 -8.68 -18.64 12.72
C LEU B 746 -7.58 -17.70 13.20
N THR B 747 -6.44 -17.66 12.49
CA THR B 747 -5.41 -16.69 12.83
C THR B 747 -5.90 -15.28 12.56
N VAL B 748 -6.68 -15.09 11.49
CA VAL B 748 -7.26 -13.79 11.20
C VAL B 748 -8.15 -13.33 12.35
N LEU B 749 -9.00 -14.24 12.86
CA LEU B 749 -9.89 -13.87 13.95
C LEU B 749 -9.10 -13.55 15.22
N GLY B 750 -8.14 -14.41 15.58
CA GLY B 750 -7.30 -14.10 16.73
C GLY B 750 -6.57 -12.78 16.60
N VAL B 751 -6.10 -12.47 15.40
CA VAL B 751 -5.42 -11.22 15.16
C VAL B 751 -6.39 -10.05 15.29
N ALA B 752 -7.62 -10.22 14.83
CA ALA B 752 -8.61 -9.16 14.99
C ALA B 752 -8.89 -8.91 16.47
N GLY B 753 -8.89 -9.96 17.28
CA GLY B 753 -9.05 -9.77 18.72
C GLY B 753 -7.88 -9.00 19.31
N LEU B 754 -6.65 -9.42 18.98
CA LEU B 754 -5.48 -8.71 19.47
C LEU B 754 -5.48 -7.26 19.00
N ALA B 755 -5.96 -7.01 17.78
CA ALA B 755 -5.97 -5.66 17.24
C ALA B 755 -7.04 -4.80 17.90
N VAL B 756 -8.18 -5.39 18.26
CA VAL B 756 -9.17 -4.67 19.06
C VAL B 756 -8.56 -4.28 20.39
N ILE B 757 -7.84 -5.21 21.03
CA ILE B 757 -7.17 -4.90 22.29
C ILE B 757 -6.21 -3.74 22.12
N LEU B 758 -5.37 -3.80 21.07
CA LEU B 758 -4.39 -2.73 20.85
C LEU B 758 -5.07 -1.40 20.55
N ALA B 759 -6.15 -1.42 19.78
CA ALA B 759 -6.84 -0.19 19.42
C ALA B 759 -7.47 0.46 20.64
N LEU B 760 -8.14 -0.33 21.48
CA LEU B 760 -8.74 0.25 22.68
C LEU B 760 -7.73 0.51 23.78
N HIS B 761 -6.49 0.04 23.63
CA HIS B 761 -5.42 0.49 24.51
C HIS B 761 -4.74 1.75 24.01
N ALA B 762 -4.76 2.00 22.71
CA ALA B 762 -4.09 3.16 22.15
C ALA B 762 -4.94 4.41 22.23
N ARG B 763 -6.26 4.28 22.12
CA ARG B 763 -7.17 5.42 22.17
C ARG B 763 -8.36 5.09 23.04
N ARG B 764 -8.75 6.03 23.89
CA ARG B 764 -9.94 5.87 24.71
C ARG B 764 -11.16 5.83 23.82
N ALA B 765 -11.94 4.76 23.95
CA ALA B 765 -13.20 4.68 23.22
C ALA B 765 -14.16 5.76 23.73
N LEU B 766 -15.07 6.17 22.86
CA LEU B 766 -16.07 7.16 23.25
C LEU B 766 -16.87 6.64 24.44
N PRO B 767 -17.15 7.48 25.43
CA PRO B 767 -17.98 7.04 26.55
C PRO B 767 -19.41 6.82 26.09
N ARG B 768 -20.11 5.94 26.80
CA ARG B 768 -21.50 5.65 26.47
C ARG B 768 -22.31 6.95 26.54
N ARG B 769 -23.00 7.26 25.43
CA ARG B 769 -23.67 8.55 25.30
C ARG B 769 -24.70 8.74 26.41
N ASP B 770 -24.67 9.91 27.02
CA ASP B 770 -25.51 10.22 28.19
C ASP B 770 -26.93 10.47 27.71
N VAL B 771 -27.73 9.41 27.65
CA VAL B 771 -29.14 9.57 27.27
C VAL B 771 -29.90 10.14 28.46
N PRO B 772 -30.71 11.18 28.27
CA PRO B 772 -31.49 11.72 29.39
C PRO B 772 -32.75 10.92 29.67
N LEU B 773 -32.62 9.85 30.45
CA LEU B 773 -33.77 9.04 30.83
C LEU B 773 -34.84 9.90 31.49
N ALA B 774 -35.99 10.03 30.83
CA ALA B 774 -37.06 10.91 31.30
C ALA B 774 -38.05 10.16 32.17
N VAL B 775 -37.52 9.57 33.25
CA VAL B 775 -38.32 8.91 34.27
C VAL B 775 -37.71 9.25 35.63
N HIS B 776 -38.56 9.48 36.62
CA HIS B 776 -38.05 9.85 37.93
C HIS B 776 -37.59 8.61 38.69
N ALA B 777 -36.88 8.85 39.80
CA ALA B 777 -36.11 7.79 40.44
C ALA B 777 -37.01 6.75 41.11
N ASP B 778 -38.02 7.20 41.84
CA ASP B 778 -38.81 6.30 42.68
C ASP B 778 -39.78 5.45 41.89
N SER B 779 -39.68 5.44 40.56
CA SER B 779 -40.64 4.64 39.81
C SER B 779 -40.03 3.30 39.41
N PRO B 780 -40.85 2.28 39.22
CA PRO B 780 -40.34 1.01 38.69
C PRO B 780 -39.91 1.14 37.24
N LEU B 781 -39.55 0.02 36.63
CA LEU B 781 -38.91 -0.02 35.32
C LEU B 781 -37.53 0.61 35.34
N LEU B 782 -36.99 0.81 36.54
CA LEU B 782 -35.61 1.23 36.77
C LEU B 782 -34.99 0.23 37.74
N SER B 783 -33.82 0.54 38.29
CA SER B 783 -33.14 -0.34 39.23
C SER B 783 -32.81 -1.69 38.58
N ALA B 784 -31.94 -1.60 37.58
CA ALA B 784 -31.61 -2.74 36.73
C ALA B 784 -31.30 -4.00 37.53
N GLN B 785 -30.72 -3.86 38.72
CA GLN B 785 -30.45 -5.04 39.55
C GLN B 785 -31.74 -5.77 39.89
N ASP B 786 -32.81 -5.02 40.16
CA ASP B 786 -34.10 -5.60 40.48
C ASP B 786 -34.99 -5.82 39.28
N ASN B 787 -34.65 -5.23 38.12
CA ASN B 787 -35.50 -5.30 36.94
C ASN B 787 -34.98 -6.22 35.87
N GLY B 788 -33.75 -6.72 36.00
CA GLY B 788 -33.23 -7.68 35.05
C GLY B 788 -33.46 -9.10 35.52
N VAL B 789 -34.47 -9.27 36.39
CA VAL B 789 -34.75 -10.59 36.96
C VAL B 789 -35.20 -11.56 35.87
N PHE B 790 -35.80 -11.04 34.79
CA PHE B 790 -36.28 -11.91 33.73
C PHE B 790 -35.11 -12.57 32.99
N LEU B 791 -34.10 -11.79 32.63
CA LEU B 791 -32.95 -12.36 31.97
C LEU B 791 -32.04 -13.11 32.93
N ARG B 792 -31.93 -12.64 34.17
CA ARG B 792 -31.06 -13.33 35.13
C ARG B 792 -31.58 -14.71 35.48
N THR B 793 -32.86 -14.99 35.24
CA THR B 793 -33.42 -16.32 35.46
C THR B 793 -33.44 -17.16 34.21
N PHE B 794 -33.87 -16.60 33.08
CA PHE B 794 -33.82 -17.34 31.83
C PHE B 794 -32.40 -17.75 31.47
N ALA B 795 -31.41 -16.98 31.92
CA ALA B 795 -30.02 -17.38 31.71
C ALA B 795 -29.65 -18.61 32.53
N ARG B 796 -30.35 -18.86 33.65
CA ARG B 796 -30.09 -20.07 34.42
C ARG B 796 -30.40 -21.34 33.64
N ILE B 797 -31.22 -21.24 32.60
CA ILE B 797 -31.48 -22.36 31.70
C ILE B 797 -30.88 -22.15 30.33
N LEU B 798 -30.45 -20.95 30.00
CA LEU B 798 -29.79 -20.67 28.73
C LEU B 798 -28.28 -20.82 28.80
N GLY B 799 -27.71 -20.93 30.00
CA GLY B 799 -26.30 -21.13 30.15
C GLY B 799 -25.90 -22.57 29.87
N PRO B 800 -26.41 -23.50 30.68
CA PRO B 800 -26.15 -24.92 30.38
C PRO B 800 -26.61 -25.33 29.00
N LEU B 801 -27.73 -24.82 28.52
CA LEU B 801 -28.19 -25.17 27.18
C LEU B 801 -27.19 -24.72 26.13
N ILE B 802 -26.69 -23.48 26.25
CA ILE B 802 -25.74 -22.97 25.26
C ILE B 802 -24.42 -23.72 25.35
N VAL B 803 -23.99 -24.08 26.57
CA VAL B 803 -22.72 -24.79 26.72
C VAL B 803 -22.81 -26.19 26.13
N LEU B 804 -23.88 -26.92 26.44
CA LEU B 804 -24.03 -28.26 25.86
C LEU B 804 -24.32 -28.19 24.37
N LEU B 805 -24.86 -27.08 23.86
CA LEU B 805 -25.00 -26.94 22.42
C LEU B 805 -23.66 -26.67 21.75
N SER B 806 -22.80 -25.88 22.40
CA SER B 806 -21.46 -25.66 21.86
C SER B 806 -20.62 -26.92 21.91
N LEU B 807 -20.85 -27.78 22.90
CA LEU B 807 -20.17 -29.07 22.95
C LEU B 807 -20.84 -30.11 22.06
N TYR B 808 -22.11 -29.90 21.70
CA TYR B 808 -22.80 -30.82 20.81
C TYR B 808 -22.32 -30.66 19.37
N PHE B 809 -22.20 -29.42 18.91
CA PHE B 809 -21.72 -29.19 17.55
C PHE B 809 -20.23 -29.50 17.42
N LEU B 810 -19.48 -29.38 18.51
CA LEU B 810 -18.03 -29.56 18.42
C LEU B 810 -17.65 -31.01 18.11
N VAL B 811 -18.44 -31.97 18.60
CA VAL B 811 -18.10 -33.37 18.37
C VAL B 811 -18.82 -33.96 17.16
N ARG B 812 -20.00 -33.44 16.81
CA ARG B 812 -20.76 -33.94 15.69
C ARG B 812 -20.40 -33.26 14.38
N GLY B 813 -19.42 -32.36 14.39
CA GLY B 813 -19.12 -31.55 13.21
C GLY B 813 -18.67 -32.33 12.01
N HIS B 814 -18.24 -33.58 12.19
CA HIS B 814 -17.71 -34.36 11.08
C HIS B 814 -18.79 -35.11 10.31
N ASN B 815 -19.97 -35.30 10.90
CA ASN B 815 -21.07 -36.00 10.24
C ASN B 815 -22.38 -35.23 10.37
N ALA B 816 -22.32 -33.94 10.67
CA ALA B 816 -23.50 -33.14 10.91
C ALA B 816 -23.12 -31.67 10.81
N PRO B 817 -24.08 -30.78 10.56
CA PRO B 817 -23.74 -29.37 10.36
C PRO B 817 -23.12 -28.73 11.59
N GLY B 818 -21.98 -28.06 11.37
CA GLY B 818 -21.36 -27.24 12.38
C GLY B 818 -20.18 -27.90 13.07
N GLY B 819 -18.96 -27.61 12.65
CA GLY B 819 -17.83 -28.29 13.25
C GLY B 819 -17.10 -27.58 14.37
N GLY B 820 -16.51 -26.41 14.09
CA GLY B 820 -15.89 -25.66 15.16
C GLY B 820 -16.22 -24.18 15.18
N PHE B 821 -16.56 -23.63 14.02
CA PHE B 821 -16.88 -22.21 13.95
C PHE B 821 -18.28 -21.93 14.46
N ASN B 822 -19.25 -22.76 14.07
CA ASN B 822 -20.57 -22.65 14.66
C ASN B 822 -20.53 -22.96 16.14
N SER B 823 -19.73 -23.97 16.53
CA SER B 823 -19.55 -24.28 17.95
C SER B 823 -19.04 -23.07 18.71
N ALA B 824 -18.09 -22.32 18.13
CA ALA B 824 -17.50 -21.21 18.85
C ALA B 824 -18.37 -19.97 18.84
N LEU B 825 -19.07 -19.72 17.73
CA LEU B 825 -19.96 -18.56 17.69
C LEU B 825 -21.20 -18.78 18.55
N ILE B 826 -21.64 -20.02 18.72
CA ILE B 826 -22.75 -20.28 19.63
C ILE B 826 -22.33 -20.21 21.09
N GLY B 827 -21.03 -20.13 21.37
CA GLY B 827 -20.55 -19.85 22.71
C GLY B 827 -20.32 -18.38 22.88
N GLY B 828 -19.96 -17.71 21.77
CA GLY B 828 -19.93 -16.27 21.77
C GLY B 828 -21.29 -15.67 22.03
N ALA B 829 -22.34 -16.32 21.51
CA ALA B 829 -23.70 -15.89 21.83
C ALA B 829 -23.98 -16.05 23.32
N GLY B 830 -23.46 -17.11 23.94
CA GLY B 830 -23.60 -17.26 25.38
C GLY B 830 -22.86 -16.20 26.14
N ILE B 831 -21.70 -15.79 25.63
CA ILE B 831 -20.95 -14.69 26.26
C ILE B 831 -21.73 -13.39 26.14
N ALA B 832 -22.38 -13.17 25.00
CA ALA B 832 -23.23 -12.00 24.85
C ALA B 832 -24.40 -12.05 25.82
N ILE B 833 -24.96 -13.24 26.04
CA ILE B 833 -26.03 -13.40 27.03
C ILE B 833 -25.52 -13.05 28.42
N TYR B 834 -24.33 -13.55 28.76
CA TYR B 834 -23.73 -13.23 30.06
C TYR B 834 -23.47 -11.75 30.22
N TYR B 835 -23.14 -11.06 29.13
CA TYR B 835 -22.96 -9.62 29.19
C TYR B 835 -24.29 -8.90 29.42
N LEU B 836 -25.31 -9.24 28.63
CA LEU B 836 -26.62 -8.62 28.78
C LEU B 836 -27.23 -8.91 30.14
N ARG B 837 -26.84 -10.01 30.77
CA ARG B 837 -27.43 -10.42 32.05
C ARG B 837 -26.94 -9.57 33.21
N ALA B 838 -25.73 -9.01 33.12
CA ALA B 838 -25.11 -8.39 34.27
C ALA B 838 -25.92 -7.22 34.79
N PRO B 839 -25.92 -6.98 36.11
CA PRO B 839 -26.68 -5.85 36.65
C PRO B 839 -26.17 -4.50 36.17
N SER B 840 -24.88 -4.26 36.35
CA SER B 840 -24.26 -2.98 36.01
C SER B 840 -23.05 -3.23 35.12
N ASP B 841 -22.27 -2.16 34.91
CA ASP B 841 -21.12 -2.22 34.01
C ASP B 841 -19.94 -2.94 34.62
N LYS B 842 -19.81 -2.98 35.95
CA LYS B 842 -18.65 -3.60 36.57
C LYS B 842 -18.72 -5.12 36.49
N ALA B 843 -19.90 -5.69 36.71
CA ALA B 843 -20.03 -7.14 36.65
C ALA B 843 -20.04 -7.67 35.21
N ALA B 844 -20.29 -6.81 34.23
CA ALA B 844 -20.39 -7.24 32.85
C ALA B 844 -19.03 -7.55 32.22
N ARG B 845 -17.93 -7.21 32.88
CA ARG B 845 -16.61 -7.46 32.33
C ARG B 845 -16.28 -8.94 32.39
N ILE B 846 -15.93 -9.52 31.24
CA ILE B 846 -15.50 -10.91 31.19
C ILE B 846 -14.20 -11.05 31.98
N ARG B 847 -14.23 -11.84 33.05
CA ARG B 847 -13.12 -11.93 33.98
C ARG B 847 -12.20 -13.12 33.69
N VAL B 848 -12.04 -13.49 32.43
CA VAL B 848 -11.12 -14.56 32.06
C VAL B 848 -9.99 -13.96 31.24
N PRO B 849 -8.79 -14.54 31.24
CA PRO B 849 -7.74 -14.03 30.35
C PRO B 849 -7.98 -14.49 28.92
N TYR B 850 -8.43 -13.57 28.07
CA TYR B 850 -8.80 -13.93 26.70
C TYR B 850 -7.65 -13.84 25.73
N VAL B 851 -6.65 -13.01 26.01
CA VAL B 851 -5.46 -12.98 25.15
C VAL B 851 -4.72 -14.31 25.25
N ALA B 852 -4.62 -14.87 26.46
CA ALA B 852 -4.02 -16.19 26.59
C ALA B 852 -4.89 -17.26 25.95
N VAL B 853 -6.21 -17.06 25.93
CA VAL B 853 -7.09 -18.02 25.26
C VAL B 853 -6.87 -17.98 23.76
N ILE B 854 -6.73 -16.79 23.18
CA ILE B 854 -6.41 -16.67 21.77
C ILE B 854 -5.07 -17.33 21.46
N ALA B 855 -4.08 -17.06 22.31
CA ALA B 855 -2.77 -17.68 22.11
C ALA B 855 -2.86 -19.19 22.16
N ALA B 856 -3.59 -19.74 23.12
CA ALA B 856 -3.72 -21.18 23.23
C ALA B 856 -4.47 -21.77 22.04
N GLY B 857 -5.50 -21.06 21.56
CA GLY B 857 -6.22 -21.55 20.39
C GLY B 857 -5.33 -21.62 19.16
N VAL B 858 -4.58 -20.54 18.90
CA VAL B 858 -3.70 -20.54 17.74
C VAL B 858 -2.60 -21.58 17.90
N ILE B 859 -2.07 -21.74 19.12
CA ILE B 859 -1.02 -22.71 19.36
C ILE B 859 -1.53 -24.12 19.10
N ILE B 860 -2.71 -24.43 19.64
CA ILE B 860 -3.28 -25.77 19.46
C ILE B 860 -3.55 -26.03 17.99
N GLY B 861 -4.09 -25.04 17.27
CA GLY B 861 -4.33 -25.21 15.85
C GLY B 861 -3.05 -25.50 15.07
N VAL B 862 -2.05 -24.64 15.23
CA VAL B 862 -0.81 -24.82 14.48
C VAL B 862 -0.09 -26.10 14.90
N VAL B 863 -0.24 -26.53 16.15
CA VAL B 863 0.44 -27.76 16.58
C VAL B 863 -0.25 -28.99 15.99
N THR B 864 -1.57 -29.09 16.14
CA THR B 864 -2.27 -30.24 15.59
C THR B 864 -2.18 -30.27 14.08
N GLY B 865 -1.96 -29.12 13.43
CA GLY B 865 -1.63 -29.13 12.02
C GLY B 865 -0.21 -29.54 11.75
N LEU B 866 0.70 -29.21 12.67
CA LEU B 866 2.11 -29.56 12.54
C LEU B 866 2.39 -30.99 12.95
N ALA B 867 1.47 -31.64 13.66
CA ALA B 867 1.64 -33.06 13.99
C ALA B 867 1.47 -33.96 12.78
N GLY B 868 0.96 -33.43 11.67
CA GLY B 868 0.78 -34.25 10.48
C GLY B 868 2.08 -34.82 9.94
N PHE B 869 3.20 -34.12 10.18
CA PHE B 869 4.50 -34.62 9.75
C PHE B 869 4.80 -36.00 10.28
N VAL B 870 4.09 -36.46 11.30
CA VAL B 870 4.24 -37.83 11.79
C VAL B 870 4.00 -38.81 10.66
N ASP B 871 2.89 -38.63 9.93
CA ASP B 871 2.58 -39.46 8.76
C ASP B 871 1.95 -38.56 7.72
N GLY B 872 2.77 -38.03 6.82
CA GLY B 872 2.28 -37.16 5.77
C GLY B 872 2.98 -35.81 5.72
N SER B 873 2.21 -34.74 5.93
CA SER B 873 2.75 -33.39 5.84
C SER B 873 1.95 -32.48 6.77
N PHE B 874 2.11 -31.17 6.58
CA PHE B 874 1.48 -30.20 7.46
C PHE B 874 -0.03 -30.19 7.28
N LEU B 875 -0.74 -30.05 8.39
CA LEU B 875 -2.21 -29.96 8.41
C LEU B 875 -2.85 -31.19 7.78
N LEU B 876 -2.43 -32.36 8.25
CA LEU B 876 -3.02 -33.62 7.83
C LEU B 876 -3.54 -34.36 9.06
N PRO B 877 -4.79 -34.83 9.03
CA PRO B 877 -5.32 -35.55 10.19
C PRO B 877 -4.57 -36.84 10.45
N LEU B 878 -4.54 -37.24 11.73
CA LEU B 878 -3.87 -38.46 12.14
C LEU B 878 -4.86 -39.40 12.79
N HIS B 879 -6.00 -39.61 12.14
CA HIS B 879 -7.09 -40.39 12.72
C HIS B 879 -6.62 -41.74 13.25
N ALA B 880 -7.09 -42.09 14.44
CA ALA B 880 -6.79 -43.35 15.08
C ALA B 880 -8.09 -43.97 15.58
N TYR B 881 -8.28 -45.26 15.33
CA TYR B 881 -9.52 -45.94 15.65
C TYR B 881 -9.46 -46.52 17.06
N LEU B 882 -10.46 -46.20 17.87
CA LEU B 882 -10.57 -46.70 19.24
C LEU B 882 -11.90 -47.45 19.35
N GLY B 883 -11.87 -48.76 19.15
CA GLY B 883 -13.10 -49.50 19.08
C GLY B 883 -13.91 -49.16 17.85
N ASP B 884 -15.00 -48.41 18.02
CA ASP B 884 -15.86 -48.02 16.92
C ASP B 884 -16.02 -46.51 16.79
N VAL B 885 -15.09 -45.73 17.33
CA VAL B 885 -15.11 -44.27 17.19
C VAL B 885 -13.91 -43.87 16.33
N HIS B 886 -14.17 -43.10 15.28
CA HIS B 886 -13.13 -42.63 14.37
C HIS B 886 -12.54 -41.34 14.95
N LEU B 887 -11.66 -41.52 15.93
CA LEU B 887 -11.03 -40.37 16.58
C LEU B 887 -9.94 -39.80 15.69
N THR B 888 -10.01 -38.50 15.43
CA THR B 888 -9.08 -37.83 14.54
C THR B 888 -8.64 -36.51 15.14
N THR B 889 -7.46 -36.04 14.72
CA THR B 889 -6.95 -34.77 15.20
C THR B 889 -7.73 -33.58 14.66
N ALA B 890 -8.64 -33.80 13.71
CA ALA B 890 -9.57 -32.74 13.32
C ALA B 890 -10.36 -32.24 14.52
N LEU B 891 -10.63 -33.11 15.49
CA LEU B 891 -11.30 -32.68 16.71
C LEU B 891 -10.42 -31.73 17.51
N ILE B 892 -9.11 -31.99 17.55
CA ILE B 892 -8.21 -31.09 18.29
C ILE B 892 -8.08 -29.76 17.55
N PHE B 893 -8.05 -29.80 16.21
CA PHE B 893 -8.05 -28.56 15.44
C PHE B 893 -9.34 -27.77 15.68
N ASP B 894 -10.46 -28.47 15.82
CA ASP B 894 -11.73 -27.81 16.11
C ASP B 894 -11.71 -27.20 17.51
N VAL B 895 -11.11 -27.89 18.47
CA VAL B 895 -10.97 -27.32 19.81
C VAL B 895 -10.11 -26.07 19.77
N GLY B 896 -9.05 -26.09 18.95
CA GLY B 896 -8.19 -24.93 18.82
C GLY B 896 -8.92 -23.73 18.25
N VAL B 897 -9.63 -23.94 17.13
CA VAL B 897 -10.35 -22.81 16.53
C VAL B 897 -11.49 -22.36 17.45
N TYR B 898 -12.08 -23.29 18.20
CA TYR B 898 -13.09 -22.95 19.19
C TYR B 898 -12.53 -21.99 20.23
N LEU B 899 -11.37 -22.35 20.81
CA LEU B 899 -10.73 -21.47 21.78
C LEU B 899 -10.39 -20.13 21.17
N ALA B 900 -9.91 -20.12 19.93
CA ALA B 900 -9.53 -18.86 19.30
C ALA B 900 -10.73 -17.94 19.15
N VAL B 901 -11.81 -18.44 18.54
CA VAL B 901 -12.98 -17.60 18.31
C VAL B 901 -13.61 -17.18 19.65
N LEU B 902 -13.58 -18.07 20.64
CA LEU B 902 -14.15 -17.72 21.94
C LEU B 902 -13.36 -16.61 22.60
N GLY B 903 -12.03 -16.67 22.52
CA GLY B 903 -11.22 -15.58 23.05
C GLY B 903 -11.44 -14.27 22.31
N VAL B 904 -11.64 -14.35 20.99
CA VAL B 904 -11.91 -13.13 20.22
C VAL B 904 -13.21 -12.49 20.66
N ILE B 905 -14.26 -13.31 20.83
CA ILE B 905 -15.54 -12.76 21.27
C ILE B 905 -15.42 -12.20 22.68
N MET B 906 -14.70 -12.91 23.56
CA MET B 906 -14.48 -12.41 24.91
C MET B 906 -13.81 -11.05 24.90
N ALA B 907 -12.77 -10.89 24.07
CA ALA B 907 -12.08 -9.61 23.99
C ALA B 907 -13.00 -8.52 23.45
N ALA B 908 -13.73 -8.83 22.39
CA ALA B 908 -14.60 -7.83 21.77
C ALA B 908 -15.74 -7.41 22.69
N ILE B 909 -16.17 -8.29 23.59
CA ILE B 909 -17.25 -7.94 24.51
C ILE B 909 -16.71 -7.24 25.75
N ASP B 910 -15.55 -7.65 26.25
CA ASP B 910 -15.03 -7.05 27.48
C ASP B 910 -14.40 -5.69 27.24
N LYS B 911 -13.82 -5.47 26.05
CA LYS B 911 -13.19 -4.18 25.80
C LYS B 911 -14.21 -3.12 25.38
N LEU B 912 -15.19 -3.50 24.57
CA LEU B 912 -16.19 -2.55 24.08
C LEU B 912 -17.37 -2.39 25.02
N GLY B 913 -17.72 -3.42 25.79
CA GLY B 913 -18.87 -3.34 26.67
C GLY B 913 -18.70 -2.37 27.81
N GLY B 914 -19.46 -1.28 27.78
CA GLY B 914 -19.39 -0.29 28.84
C GLY B 914 -18.08 0.48 28.83
N ASP B 915 -17.83 1.18 29.93
CA ASP B 915 -16.59 1.93 30.10
C ASP B 915 -15.70 1.31 31.16
N ASP B 916 -16.19 1.21 32.40
CA ASP B 916 -15.58 0.45 33.49
C ASP B 916 -14.06 0.56 33.49
N ARG B 917 -13.58 1.81 33.60
CA ARG B 917 -12.14 2.06 33.68
C ARG B 917 -11.66 1.61 35.06
N SER B 918 -11.32 0.32 35.15
CA SER B 918 -10.96 -0.29 36.43
C SER B 918 -9.66 -1.08 36.37
N ASP B 919 -8.82 -0.87 35.34
CA ASP B 919 -7.56 -1.61 35.23
C ASP B 919 -6.41 -0.63 34.99
N GLU B 920 -5.98 0.05 36.06
CA GLU B 920 -4.68 0.71 36.18
C GLU B 920 -4.59 1.35 37.56
N PRO B 921 -3.39 1.53 38.12
CA PRO B 921 -3.27 2.29 39.37
C PRO B 921 -3.47 3.79 39.16
N MET C 1 -32.20 -16.80 -11.74
CA MET C 1 -31.75 -15.42 -11.81
C MET C 1 -31.98 -14.69 -10.50
N THR C 2 -32.65 -15.37 -9.57
CA THR C 2 -32.87 -14.78 -8.25
C THR C 2 -31.55 -14.54 -7.52
N LEU C 3 -30.62 -15.50 -7.63
CA LEU C 3 -29.31 -15.32 -7.04
C LEU C 3 -28.52 -14.20 -7.70
N ALA C 4 -29.00 -13.69 -8.83
CA ALA C 4 -28.43 -12.51 -9.44
C ALA C 4 -29.14 -11.24 -9.00
N ILE C 5 -30.47 -11.30 -8.85
CA ILE C 5 -31.22 -10.14 -8.39
C ILE C 5 -30.80 -9.77 -6.97
N SER C 6 -30.66 -10.77 -6.10
CA SER C 6 -30.26 -10.49 -4.72
C SER C 6 -28.84 -9.95 -4.64
N VAL C 7 -27.93 -10.50 -5.44
CA VAL C 7 -26.56 -9.99 -5.45
C VAL C 7 -26.53 -8.56 -5.96
N GLY C 8 -27.29 -8.26 -7.01
CA GLY C 8 -27.34 -6.90 -7.51
C GLY C 8 -27.90 -5.92 -6.50
N VAL C 9 -28.95 -6.33 -5.77
CA VAL C 9 -29.54 -5.46 -4.76
C VAL C 9 -28.56 -5.22 -3.62
N LEU C 10 -27.86 -6.28 -3.19
CA LEU C 10 -26.89 -6.11 -2.11
C LEU C 10 -25.72 -5.24 -2.55
N MET C 11 -25.27 -5.40 -3.79
CA MET C 11 -24.17 -4.58 -4.29
C MET C 11 -24.58 -3.12 -4.41
N ALA C 12 -25.82 -2.87 -4.85
CA ALA C 12 -26.32 -1.50 -4.91
C ALA C 12 -26.40 -0.89 -3.51
N GLY C 13 -26.90 -1.67 -2.55
CA GLY C 13 -26.94 -1.19 -1.17
C GLY C 13 -25.55 -0.87 -0.64
N PHE C 14 -24.57 -1.73 -0.94
CA PHE C 14 -23.20 -1.46 -0.52
C PHE C 14 -22.67 -0.18 -1.15
N VAL C 15 -22.81 -0.04 -2.47
CA VAL C 15 -22.26 1.11 -3.16
C VAL C 15 -22.91 2.40 -2.64
N PHE C 16 -24.19 2.33 -2.28
CA PHE C 16 -24.84 3.51 -1.73
C PHE C 16 -24.33 3.83 -0.33
N LEU C 17 -24.36 2.83 0.56
CA LEU C 17 -24.00 3.08 1.95
C LEU C 17 -22.54 3.50 2.10
N VAL C 18 -21.64 2.87 1.35
CA VAL C 18 -20.22 3.16 1.50
C VAL C 18 -19.89 4.57 1.02
N LEU C 19 -20.82 5.20 0.29
CA LEU C 19 -20.62 6.56 -0.19
C LEU C 19 -21.33 7.60 0.65
N GLN C 20 -21.91 7.19 1.78
CA GLN C 20 -22.65 8.10 2.64
C GLN C 20 -21.75 8.63 3.75
N ARG C 21 -22.35 9.33 4.71
CA ARG C 21 -21.62 9.97 5.79
C ARG C 21 -21.76 9.15 7.07
N GLY C 22 -20.67 9.02 7.79
CA GLY C 22 -20.66 8.25 9.02
C GLY C 22 -19.94 6.92 8.82
N MET C 23 -19.16 6.52 9.81
CA MET C 23 -18.39 5.29 9.69
C MET C 23 -19.24 4.06 9.87
N VAL C 24 -20.29 4.11 10.70
CA VAL C 24 -21.18 2.98 10.83
C VAL C 24 -22.01 2.79 9.57
N ARG C 25 -22.45 3.89 8.96
CA ARG C 25 -23.15 3.82 7.70
C ARG C 25 -22.26 3.32 6.56
N VAL C 26 -20.95 3.23 6.79
CA VAL C 26 -20.03 2.62 5.84
C VAL C 26 -19.78 1.16 6.18
N ILE C 27 -19.70 0.84 7.47
CA ILE C 27 -19.56 -0.55 7.90
C ILE C 27 -20.79 -1.35 7.49
N LEU C 28 -21.97 -0.74 7.49
CA LEU C 28 -23.15 -1.43 7.00
C LEU C 28 -23.03 -1.74 5.51
N GLY C 29 -22.50 -0.80 4.74
CA GLY C 29 -22.27 -1.06 3.34
C GLY C 29 -21.27 -2.18 3.12
N PHE C 30 -20.24 -2.24 3.95
CA PHE C 30 -19.28 -3.32 3.83
C PHE C 30 -19.89 -4.66 4.24
N ILE C 31 -20.81 -4.65 5.20
CA ILE C 31 -21.54 -5.87 5.55
C ILE C 31 -22.37 -6.35 4.36
N LEU C 32 -23.06 -5.42 3.71
CA LEU C 32 -23.85 -5.79 2.54
C LEU C 32 -22.96 -6.29 1.41
N LEU C 33 -21.78 -5.70 1.25
CA LEU C 33 -20.86 -6.14 0.20
C LEU C 33 -20.33 -7.54 0.49
N SER C 34 -20.00 -7.83 1.75
CA SER C 34 -19.61 -9.17 2.13
C SER C 34 -20.73 -10.16 1.88
N HIS C 35 -21.97 -9.76 2.17
CA HIS C 35 -23.11 -10.62 1.88
C HIS C 35 -23.22 -10.89 0.37
N ALA C 36 -23.02 -9.87 -0.45
CA ALA C 36 -23.08 -10.06 -1.89
C ALA C 36 -21.98 -11.00 -2.37
N ALA C 37 -20.78 -10.87 -1.81
CA ALA C 37 -19.70 -11.77 -2.20
C ALA C 37 -20.00 -13.20 -1.80
N HIS C 38 -20.55 -13.41 -0.60
CA HIS C 38 -20.92 -14.74 -0.17
C HIS C 38 -22.00 -15.32 -1.07
N LEU C 39 -22.96 -14.49 -1.48
CA LEU C 39 -24.04 -14.98 -2.33
C LEU C 39 -23.53 -15.34 -3.72
N THR C 40 -22.62 -14.55 -4.28
CA THR C 40 -22.09 -14.90 -5.60
C THR C 40 -21.13 -16.09 -5.51
N LEU C 41 -20.55 -16.33 -4.33
CA LEU C 41 -19.77 -17.55 -4.14
C LEU C 41 -20.69 -18.76 -4.10
N MET C 42 -21.83 -18.64 -3.40
CA MET C 42 -22.79 -19.74 -3.40
C MET C 42 -23.42 -19.95 -4.76
N ALA C 43 -23.48 -18.90 -5.58
CA ALA C 43 -24.01 -19.04 -6.93
C ALA C 43 -23.03 -19.74 -7.87
N ALA C 44 -21.73 -19.68 -7.59
CA ALA C 44 -20.76 -20.29 -8.48
C ALA C 44 -20.82 -21.80 -8.43
N GLY C 45 -21.32 -22.37 -7.34
CA GLY C 45 -21.43 -23.81 -7.21
C GLY C 45 -22.63 -24.38 -7.95
N GLY C 46 -23.03 -23.73 -9.04
CA GLY C 46 -24.16 -24.19 -9.82
C GLY C 46 -25.46 -23.55 -9.40
N ALA C 47 -25.83 -23.70 -8.12
CA ALA C 47 -27.05 -23.17 -7.54
C ALA C 47 -28.29 -23.79 -8.18
N SER C 48 -28.09 -24.76 -9.07
CA SER C 48 -29.18 -25.56 -9.61
C SER C 48 -29.33 -26.89 -8.89
N ARG C 49 -28.46 -27.17 -7.92
CA ARG C 49 -28.56 -28.35 -7.08
C ARG C 49 -28.75 -27.86 -5.65
N ARG C 50 -29.95 -28.08 -5.10
CA ARG C 50 -30.34 -27.48 -3.84
C ARG C 50 -30.34 -28.48 -2.69
N GLU C 51 -29.69 -29.63 -2.87
CA GLU C 51 -29.62 -30.64 -1.82
C GLU C 51 -28.32 -30.49 -1.04
N ALA C 52 -28.41 -30.66 0.27
CA ALA C 52 -27.24 -30.47 1.11
C ALA C 52 -26.29 -31.66 0.95
N PRO C 53 -24.97 -31.42 0.94
CA PRO C 53 -23.99 -32.51 0.84
C PRO C 53 -23.66 -33.14 2.19
N LEU C 54 -24.70 -33.51 2.93
CA LEU C 54 -24.54 -34.10 4.26
C LEU C 54 -25.08 -35.52 4.35
N VAL C 55 -25.42 -36.13 3.22
CA VAL C 55 -25.94 -37.50 3.21
C VAL C 55 -24.77 -38.47 3.24
N SER C 56 -25.04 -39.74 3.53
CA SER C 56 -23.98 -40.73 3.62
C SER C 56 -23.23 -40.85 2.29
N ASP C 57 -23.95 -41.19 1.22
CA ASP C 57 -23.39 -41.25 -0.12
C ASP C 57 -24.03 -40.14 -0.96
N PRO C 58 -23.43 -38.95 -1.02
CA PRO C 58 -24.07 -37.85 -1.76
C PRO C 58 -24.25 -38.20 -3.23
N ASP C 59 -25.37 -37.75 -3.78
CA ASP C 59 -25.72 -38.04 -5.17
C ASP C 59 -25.31 -36.85 -6.04
N PRO C 60 -24.21 -36.96 -6.78
CA PRO C 60 -23.78 -35.84 -7.62
C PRO C 60 -24.84 -35.49 -8.65
N ALA C 61 -24.68 -34.30 -9.22
CA ALA C 61 -25.67 -33.67 -10.11
C ALA C 61 -27.00 -33.44 -9.43
N LEU C 62 -27.08 -33.65 -8.11
CA LEU C 62 -28.27 -33.35 -7.34
C LEU C 62 -28.00 -32.58 -6.05
N THR C 63 -26.79 -32.66 -5.49
CA THR C 63 -26.45 -31.97 -4.26
C THR C 63 -25.60 -30.74 -4.55
N SER C 64 -25.72 -29.74 -3.67
CA SER C 64 -24.96 -28.52 -3.81
C SER C 64 -23.47 -28.80 -3.64
N ASP C 65 -22.65 -28.05 -4.38
CA ASP C 65 -21.22 -28.25 -4.33
C ASP C 65 -20.66 -27.77 -3.00
N GLY C 66 -19.64 -28.47 -2.51
CA GLY C 66 -19.10 -28.22 -1.19
C GLY C 66 -17.97 -27.22 -1.13
N LEU C 67 -17.22 -27.10 -2.23
CA LEU C 67 -16.09 -26.18 -2.23
C LEU C 67 -16.51 -24.72 -2.11
N PRO C 68 -17.49 -24.22 -2.87
CA PRO C 68 -17.95 -22.84 -2.64
C PRO C 68 -18.58 -22.66 -1.27
N GLN C 69 -19.16 -23.71 -0.70
CA GLN C 69 -19.70 -23.60 0.65
C GLN C 69 -18.58 -23.42 1.67
N ALA C 70 -17.48 -24.15 1.52
CA ALA C 70 -16.33 -23.90 2.37
C ALA C 70 -15.76 -22.50 2.13
N PHE C 71 -15.77 -22.05 0.88
CA PHE C 71 -15.27 -20.72 0.57
C PHE C 71 -16.06 -19.65 1.31
N VAL C 72 -17.38 -19.70 1.23
CA VAL C 72 -18.20 -18.71 1.93
C VAL C 72 -18.08 -18.90 3.44
N LEU C 73 -17.92 -20.14 3.90
CA LEU C 73 -17.77 -20.38 5.33
C LEU C 73 -16.50 -19.76 5.88
N THR C 74 -15.46 -19.66 5.06
CA THR C 74 -14.24 -18.99 5.50
C THR C 74 -14.34 -17.47 5.32
N ALA C 75 -14.90 -17.02 4.20
CA ALA C 75 -15.00 -15.59 3.96
C ALA C 75 -15.93 -14.92 4.96
N ILE C 76 -16.93 -15.64 5.47
CA ILE C 76 -17.82 -15.08 6.49
C ILE C 76 -17.03 -14.73 7.74
N VAL C 77 -16.19 -15.65 8.20
CA VAL C 77 -15.39 -15.40 9.40
C VAL C 77 -14.39 -14.27 9.15
N ILE C 78 -13.78 -14.26 7.97
CA ILE C 78 -12.81 -13.19 7.67
C ILE C 78 -13.49 -11.83 7.68
N ALA C 79 -14.62 -11.71 6.98
CA ALA C 79 -15.35 -10.45 6.95
C ALA C 79 -15.89 -10.07 8.32
N PHE C 80 -16.21 -11.07 9.15
CA PHE C 80 -16.67 -10.79 10.50
C PHE C 80 -15.55 -10.18 11.34
N ALA C 81 -14.34 -10.72 11.22
CA ALA C 81 -13.19 -10.13 11.92
C ALA C 81 -12.95 -8.71 11.45
N ILE C 82 -12.95 -8.49 10.13
CA ILE C 82 -12.70 -7.14 9.62
C ILE C 82 -13.81 -6.19 10.04
N THR C 83 -15.05 -6.66 10.13
CA THR C 83 -16.16 -5.82 10.55
C THR C 83 -16.05 -5.46 12.03
N ILE C 84 -15.66 -6.43 12.86
CA ILE C 84 -15.42 -6.13 14.27
C ILE C 84 -14.36 -5.04 14.41
N TYR C 85 -13.27 -5.15 13.65
CA TYR C 85 -12.23 -4.15 13.79
C TYR C 85 -12.67 -2.80 13.24
N LEU C 86 -13.46 -2.78 12.16
CA LEU C 86 -13.97 -1.50 11.67
C LEU C 86 -14.90 -0.86 12.69
N LEU C 87 -15.72 -1.67 13.37
CA LEU C 87 -16.63 -1.13 14.37
C LEU C 87 -15.87 -0.56 15.56
N VAL C 88 -14.82 -1.25 16.01
CA VAL C 88 -14.04 -0.70 17.11
C VAL C 88 -13.23 0.51 16.63
N LEU C 89 -12.96 0.61 15.33
CA LEU C 89 -12.37 1.84 14.79
C LEU C 89 -13.37 2.98 14.79
N ALA C 90 -14.67 2.68 14.69
CA ALA C 90 -15.68 3.72 14.58
C ALA C 90 -15.86 4.51 15.88
N VAL C 91 -15.41 4.00 17.02
CA VAL C 91 -15.71 4.61 18.30
C VAL C 91 -14.45 5.11 19.01
N ILE C 92 -13.37 5.36 18.28
CA ILE C 92 -12.16 5.92 18.86
C ILE C 92 -11.78 7.24 18.21
N GLY C 93 -11.88 7.35 16.89
CA GLY C 93 -11.52 8.58 16.23
C GLY C 93 -12.55 9.66 16.46
N GLY C 94 -12.08 10.87 16.80
CA GLY C 94 -12.96 11.99 17.04
C GLY C 94 -13.92 11.74 18.20
N ASP C 95 -14.93 12.61 18.27
CA ASP C 95 -16.02 12.48 19.21
C ASP C 95 -17.28 11.92 18.57
N ASP C 96 -17.24 11.63 17.28
CA ASP C 96 -18.36 11.01 16.57
C ASP C 96 -17.78 9.97 15.63
N ASP C 97 -18.62 9.45 14.73
CA ASP C 97 -18.17 8.58 13.66
C ASP C 97 -18.20 9.28 12.31
N ASP C 98 -18.34 10.61 12.31
CA ASP C 98 -18.40 11.36 11.07
C ASP C 98 -17.16 11.10 10.23
N THR C 99 -17.36 11.01 8.92
CA THR C 99 -16.27 10.71 8.00
C THR C 99 -15.94 11.84 7.05
N ASP C 100 -16.77 12.88 6.95
CA ASP C 100 -16.44 13.99 6.07
C ASP C 100 -15.32 14.84 6.67
N ILE C 101 -14.08 14.43 6.44
CA ILE C 101 -12.90 15.17 6.85
C ILE C 101 -12.14 15.57 5.60
N GLY C 102 -11.43 16.68 5.69
CA GLY C 102 -10.66 17.16 4.56
C GLY C 102 -9.23 16.68 4.60
N ASP C 103 -8.30 17.53 4.19
CA ASP C 103 -6.88 17.19 4.28
C ASP C 103 -6.49 17.15 5.76
N LEU C 104 -6.18 15.95 6.25
CA LEU C 104 -5.95 15.73 7.68
C LEU C 104 -4.47 15.64 8.02
N ASP C 105 -3.58 15.90 7.06
CA ASP C 105 -2.15 15.84 7.33
C ASP C 105 -1.63 16.99 8.21
N PRO C 106 -2.25 18.19 8.23
CA PRO C 106 -1.74 19.21 9.16
C PRO C 106 -1.79 18.79 10.62
N LEU C 107 -2.73 17.93 11.00
CA LEU C 107 -2.89 17.54 12.39
C LEU C 107 -1.93 16.42 12.82
N ASP C 108 -1.07 15.93 11.93
CA ASP C 108 -0.08 14.94 12.30
C ASP C 108 1.35 15.44 12.19
N LEU C 109 1.56 16.62 11.62
CA LEU C 109 2.88 17.23 11.61
C LEU C 109 3.04 18.14 12.82
N LEU C 110 4.28 18.56 13.06
CA LEU C 110 4.60 19.43 14.19
C LEU C 110 4.12 20.85 13.89
N PRO C 111 4.08 21.73 14.91
CA PRO C 111 3.48 23.07 14.71
C PRO C 111 4.07 23.88 13.56
N GLU C 112 5.20 23.45 13.00
CA GLU C 112 5.74 24.01 11.76
C GLU C 112 6.01 25.52 11.90
N THR C 113 7.00 25.82 12.74
CA THR C 113 7.52 27.18 12.90
C THR C 113 7.66 27.86 11.55
N PRO C 114 7.21 29.10 11.41
CA PRO C 114 7.06 29.70 10.08
C PRO C 114 8.40 30.06 9.45
N GLY C 115 8.39 30.07 8.12
CA GLY C 115 9.57 30.39 7.35
C GLY C 115 10.49 29.21 7.13
N GLY C 116 10.58 28.34 8.14
CA GLY C 116 11.48 27.21 8.09
C GLY C 116 12.70 27.41 8.95
N ALA C 117 13.56 26.39 8.96
CA ALA C 117 14.81 26.48 9.71
C ALA C 117 15.77 27.50 9.11
N HIS C 118 15.49 28.02 7.92
CA HIS C 118 16.32 29.05 7.29
C HIS C 118 15.39 30.05 6.60
N PRO C 119 14.86 31.01 7.36
CA PRO C 119 13.96 32.01 6.76
C PRO C 119 14.68 33.00 5.87
N GLU C 120 16.02 32.97 5.82
CA GLU C 120 16.79 33.90 5.00
C GLU C 120 17.01 33.37 3.58
N ASP C 121 16.97 32.05 3.40
CA ASP C 121 17.23 31.43 2.10
C ASP C 121 15.99 30.64 1.68
N PRO C 122 14.98 31.31 1.13
CA PRO C 122 13.81 30.59 0.61
C PRO C 122 14.17 29.82 -0.65
N GLU C 123 13.68 28.59 -0.75
CA GLU C 123 13.97 27.76 -1.90
C GLU C 123 13.37 28.38 -3.16
N PRO C 124 14.15 28.58 -4.22
CA PRO C 124 13.60 29.16 -5.45
C PRO C 124 12.68 28.22 -6.22
N ASP C 125 12.52 26.98 -5.77
CA ASP C 125 11.66 26.03 -6.47
C ASP C 125 10.21 26.10 -6.03
N GLU C 126 9.95 26.46 -4.78
CA GLU C 126 8.58 26.47 -4.29
C GLU C 126 7.80 27.61 -4.92
N PRO C 127 6.58 27.36 -5.41
CA PRO C 127 5.79 28.43 -6.04
C PRO C 127 5.28 29.48 -5.08
N SER C 128 5.54 29.34 -3.77
CA SER C 128 5.08 30.28 -2.77
C SER C 128 6.04 31.47 -2.61
N THR C 129 6.90 31.72 -3.59
CA THR C 129 7.84 32.82 -3.53
C THR C 129 7.47 33.91 -4.52
N MET D 1 -47.52 -30.53 -1.20
CA MET D 1 -47.26 -29.66 -0.06
C MET D 1 -47.78 -28.25 -0.32
N ILE D 2 -48.98 -28.16 -0.90
CA ILE D 2 -49.58 -26.86 -1.19
C ILE D 2 -49.83 -26.08 0.09
N VAL D 3 -50.13 -26.77 1.19
CA VAL D 3 -50.35 -26.10 2.46
C VAL D 3 -49.08 -25.38 2.91
N VAL D 4 -47.92 -25.99 2.65
CA VAL D 4 -46.67 -25.36 3.04
C VAL D 4 -46.41 -24.12 2.21
N ASP D 5 -46.71 -24.17 0.91
CA ASP D 5 -46.55 -22.97 0.08
C ASP D 5 -47.49 -21.85 0.53
N ILE D 6 -48.73 -22.21 0.89
CA ILE D 6 -49.66 -21.20 1.40
C ILE D 6 -49.12 -20.59 2.69
N ALA D 7 -48.62 -21.42 3.59
CA ALA D 7 -48.08 -20.91 4.86
C ALA D 7 -46.86 -20.04 4.61
N ILE D 8 -46.02 -20.40 3.63
CA ILE D 8 -44.84 -19.61 3.31
C ILE D 8 -45.25 -18.24 2.77
N VAL D 9 -46.23 -18.21 1.87
CA VAL D 9 -46.67 -16.93 1.32
C VAL D 9 -47.30 -16.07 2.40
N LEU D 10 -48.04 -16.70 3.33
CA LEU D 10 -48.66 -15.93 4.41
C LEU D 10 -47.60 -15.36 5.36
N VAL D 11 -46.60 -16.17 5.71
CA VAL D 11 -45.54 -15.66 6.57
C VAL D 11 -44.73 -14.58 5.87
N ALA D 12 -44.53 -14.70 4.56
CA ALA D 12 -43.83 -13.66 3.82
C ALA D 12 -44.61 -12.36 3.79
N ILE D 13 -45.94 -12.45 3.61
CA ILE D 13 -46.77 -11.25 3.63
C ILE D 13 -46.74 -10.61 5.01
N ALA D 14 -46.80 -11.43 6.06
CA ALA D 14 -46.71 -10.90 7.42
C ALA D 14 -45.37 -10.22 7.65
N ALA D 15 -44.29 -10.82 7.15
CA ALA D 15 -42.97 -10.23 7.30
C ALA D 15 -42.88 -8.90 6.55
N VAL D 16 -43.50 -8.82 5.37
CA VAL D 16 -43.47 -7.58 4.60
C VAL D 16 -44.24 -6.48 5.33
N LEU D 17 -45.40 -6.82 5.89
CA LEU D 17 -46.17 -5.82 6.63
C LEU D 17 -45.41 -5.35 7.87
N SER D 18 -44.83 -6.29 8.62
CA SER D 18 -44.08 -5.90 9.80
C SER D 18 -42.83 -5.12 9.44
N SER D 19 -42.24 -5.37 8.27
CA SER D 19 -41.10 -4.56 7.85
C SER D 19 -41.55 -3.18 7.40
N TYR D 20 -42.75 -3.05 6.84
CA TYR D 20 -43.31 -1.72 6.61
C TYR D 20 -43.44 -0.96 7.91
N ARG D 21 -43.92 -1.64 8.96
CA ARG D 21 -43.95 -1.00 10.28
C ARG D 21 -42.54 -0.63 10.74
N MET D 22 -41.58 -1.49 10.46
CA MET D 22 -40.18 -1.17 10.76
C MET D 22 -39.74 0.13 10.09
N ILE D 23 -40.13 0.31 8.83
CA ILE D 23 -39.67 1.48 8.08
C ILE D 23 -40.33 2.74 8.60
N ARG D 24 -41.66 2.74 8.66
CA ARG D 24 -42.43 3.92 9.07
C ARG D 24 -42.67 3.96 10.58
N GLY D 25 -41.83 3.28 11.36
CA GLY D 25 -41.99 3.29 12.80
C GLY D 25 -41.72 4.64 13.40
N PRO D 26 -42.73 5.22 14.05
CA PRO D 26 -42.56 6.56 14.65
C PRO D 26 -41.46 6.58 15.71
N HIS D 27 -41.58 5.72 16.71
CA HIS D 27 -40.59 5.63 17.78
C HIS D 27 -39.62 4.50 17.47
N ALA D 28 -38.36 4.70 17.90
CA ALA D 28 -37.32 3.70 17.66
C ALA D 28 -37.67 2.33 18.22
N GLY D 29 -38.55 2.28 19.23
CA GLY D 29 -38.92 1.00 19.81
C GLY D 29 -39.81 0.17 18.91
N ASP D 30 -40.58 0.81 18.03
CA ASP D 30 -41.38 0.07 17.07
C ASP D 30 -40.49 -0.65 16.06
N ARG D 31 -39.41 -0.01 15.64
CA ARG D 31 -38.45 -0.63 14.73
C ARG D 31 -37.69 -1.77 15.38
N ALA D 32 -37.83 -1.97 16.69
CA ALA D 32 -37.25 -3.12 17.37
C ALA D 32 -38.27 -4.24 17.59
N ILE D 33 -39.51 -3.90 17.90
CA ILE D 33 -40.53 -4.94 18.01
C ILE D 33 -40.84 -5.53 16.65
N ALA D 34 -40.75 -4.71 15.60
CA ALA D 34 -40.88 -5.25 14.25
C ALA D 34 -39.72 -6.17 13.92
N ALA D 35 -38.52 -5.82 14.38
CA ALA D 35 -37.36 -6.69 14.17
C ALA D 35 -37.55 -8.02 14.89
N ASP D 36 -38.10 -7.99 16.10
CA ASP D 36 -38.36 -9.22 16.84
C ASP D 36 -39.37 -10.10 16.09
N LEU D 37 -40.52 -9.51 15.72
CA LEU D 37 -41.51 -10.27 14.96
C LEU D 37 -40.92 -10.81 13.67
N LEU D 38 -40.02 -10.06 13.03
CA LEU D 38 -39.44 -10.51 11.77
C LEU D 38 -38.44 -11.63 12.00
N PHE D 39 -37.68 -11.59 13.09
CA PHE D 39 -36.79 -12.71 13.40
C PHE D 39 -37.60 -13.98 13.62
N PHE D 40 -38.72 -13.88 14.32
CA PHE D 40 -39.54 -15.07 14.54
C PHE D 40 -40.18 -15.54 13.24
N ALA D 41 -40.60 -14.61 12.38
CA ALA D 41 -41.11 -14.99 11.07
C ALA D 41 -40.02 -15.64 10.22
N PHE D 42 -38.77 -15.21 10.38
CA PHE D 42 -37.68 -15.83 9.63
C PHE D 42 -37.39 -17.24 10.13
N ILE D 43 -37.52 -17.48 11.43
CA ILE D 43 -37.41 -18.84 11.93
C ILE D 43 -38.54 -19.71 11.35
N ALA D 44 -39.75 -19.16 11.31
CA ALA D 44 -40.86 -19.89 10.70
C ALA D 44 -40.58 -20.20 9.24
N LEU D 45 -40.01 -19.24 8.51
CA LEU D 45 -39.69 -19.46 7.10
C LEU D 45 -38.59 -20.50 6.96
N LEU D 46 -37.61 -20.50 7.86
CA LEU D 46 -36.60 -21.55 7.85
C LEU D 46 -37.25 -22.92 7.97
N ALA D 47 -38.16 -23.08 8.93
CA ALA D 47 -38.83 -24.37 9.12
C ALA D 47 -39.63 -24.76 7.87
N LEU D 48 -40.43 -23.84 7.37
CA LEU D 48 -41.30 -24.16 6.23
C LEU D 48 -40.50 -24.45 4.96
N VAL D 49 -39.41 -23.71 4.75
CA VAL D 49 -38.54 -23.96 3.60
C VAL D 49 -37.87 -25.32 3.73
N GLY D 50 -37.32 -25.62 4.92
CA GLY D 50 -36.78 -26.94 5.15
C GLY D 50 -37.79 -28.05 4.93
N VAL D 51 -39.08 -27.75 5.11
CA VAL D 51 -40.11 -28.70 4.72
C VAL D 51 -40.19 -28.80 3.20
N ARG D 52 -40.22 -27.65 2.51
CA ARG D 52 -40.34 -27.65 1.05
C ARG D 52 -39.16 -28.36 0.40
N VAL D 53 -37.94 -27.84 0.58
CA VAL D 53 -36.74 -28.56 0.17
C VAL D 53 -36.43 -29.56 1.29
N ASP D 54 -36.91 -30.79 1.12
CA ASP D 54 -36.93 -31.77 2.20
C ASP D 54 -35.53 -31.98 2.73
N SER D 55 -35.29 -31.53 3.96
CA SER D 55 -33.98 -31.53 4.57
C SER D 55 -34.08 -32.05 5.99
N PRO D 56 -33.19 -32.96 6.40
CA PRO D 56 -33.23 -33.43 7.79
C PRO D 56 -32.57 -32.46 8.76
N PHE D 57 -31.64 -31.63 8.30
CA PHE D 57 -30.86 -30.74 9.15
C PHE D 57 -31.49 -29.36 9.23
N VAL D 58 -32.76 -29.28 9.58
CA VAL D 58 -33.44 -28.00 9.71
C VAL D 58 -33.40 -27.51 11.15
N TYR D 59 -33.79 -28.36 12.10
CA TYR D 59 -34.08 -27.90 13.44
C TYR D 59 -32.83 -27.53 14.23
N ASP D 60 -31.67 -28.05 13.83
CA ASP D 60 -30.41 -27.47 14.31
C ASP D 60 -30.47 -25.96 14.19
N LEU D 61 -30.68 -25.47 12.96
CA LEU D 61 -30.88 -24.04 12.74
C LEU D 61 -32.00 -23.51 13.62
N VAL D 62 -33.11 -24.24 13.68
CA VAL D 62 -34.23 -23.77 14.50
C VAL D 62 -33.84 -23.77 15.97
N LEU D 63 -33.02 -24.71 16.40
CA LEU D 63 -32.53 -24.68 17.77
C LEU D 63 -31.55 -23.54 17.99
N VAL D 64 -30.91 -23.06 16.93
CA VAL D 64 -29.91 -21.99 17.06
C VAL D 64 -30.53 -20.63 16.80
N ALA D 65 -31.42 -20.53 15.81
CA ALA D 65 -32.03 -19.23 15.48
C ALA D 65 -32.79 -18.66 16.66
N THR D 66 -33.38 -19.52 17.50
CA THR D 66 -34.05 -19.03 18.70
C THR D 66 -33.06 -18.45 19.69
N LEU D 67 -31.88 -19.07 19.81
CA LEU D 67 -30.80 -18.47 20.57
C LEU D 67 -30.17 -17.29 19.87
N VAL D 68 -30.63 -16.97 18.66
CA VAL D 68 -30.13 -15.84 17.89
C VAL D 68 -31.18 -14.75 17.77
N GLY D 69 -32.43 -15.12 17.49
CA GLY D 69 -33.51 -14.15 17.49
C GLY D 69 -33.83 -13.58 18.86
N LEU D 70 -33.17 -14.07 19.91
CA LEU D 70 -33.31 -13.55 21.26
C LEU D 70 -32.15 -12.63 21.64
N VAL D 71 -30.92 -13.10 21.46
CA VAL D 71 -29.75 -12.26 21.74
C VAL D 71 -29.75 -11.04 20.84
N SER D 72 -30.22 -11.18 19.61
CA SER D 72 -30.33 -10.05 18.69
C SER D 72 -31.59 -9.23 18.92
N ALA D 73 -32.41 -9.60 19.91
CA ALA D 73 -33.56 -8.79 20.31
C ALA D 73 -33.30 -8.06 21.62
N LEU D 74 -32.85 -8.79 22.64
CA LEU D 74 -32.46 -8.16 23.90
C LEU D 74 -31.48 -7.03 23.66
N SER D 75 -30.47 -7.28 22.82
CA SER D 75 -29.50 -6.24 22.51
C SER D 75 -30.17 -5.00 21.94
N LEU D 76 -31.17 -5.19 21.08
CA LEU D 76 -31.91 -4.04 20.57
C LEU D 76 -32.52 -3.24 21.71
N ALA D 77 -33.11 -3.93 22.69
CA ALA D 77 -33.56 -3.26 23.90
C ALA D 77 -32.40 -2.52 24.56
N ARG D 78 -31.26 -3.19 24.71
CA ARG D 78 -30.08 -2.55 25.27
C ARG D 78 -29.65 -1.34 24.47
N LEU D 79 -30.05 -1.24 23.21
CA LEU D 79 -29.75 -0.05 22.42
C LEU D 79 -30.81 1.03 22.58
N MET D 80 -32.07 0.65 22.78
CA MET D 80 -33.10 1.65 23.01
C MET D 80 -32.92 2.35 24.35
N SER D 81 -32.41 1.64 25.35
CA SER D 81 -32.11 2.23 26.63
C SER D 81 -30.79 2.99 26.65
N GLY D 82 -30.22 3.27 25.47
CA GLY D 82 -28.99 4.01 25.39
C GLY D 82 -27.79 3.30 25.97
N GLY D 83 -27.83 1.98 26.05
CA GLY D 83 -26.74 1.22 26.64
C GLY D 83 -26.89 1.06 28.14
N ARG D 84 -27.57 2.01 28.77
CA ARG D 84 -27.79 1.95 30.21
C ARG D 84 -28.71 0.78 30.55
N ARG D 85 -28.33 0.03 31.57
CA ARG D 85 -29.11 -1.12 32.02
C ARG D 85 -30.46 -0.66 32.57
N MET E 1 -56.76 -42.46 9.35
CA MET E 1 -56.72 -43.86 9.74
C MET E 1 -55.32 -44.27 10.18
N SER E 2 -54.36 -44.15 9.26
CA SER E 2 -52.99 -44.51 9.56
C SER E 2 -52.40 -43.53 10.58
N TRP E 3 -51.30 -43.94 11.20
CA TRP E 3 -50.62 -43.12 12.20
C TRP E 3 -49.65 -42.13 11.60
N GLU E 4 -49.59 -42.04 10.27
CA GLU E 4 -48.82 -41.00 9.59
C GLU E 4 -49.69 -39.97 8.88
N LEU E 5 -50.86 -40.38 8.40
CA LEU E 5 -51.76 -39.42 7.76
C LEU E 5 -52.33 -38.45 8.79
N VAL E 6 -52.60 -38.93 10.01
CA VAL E 6 -53.04 -38.04 11.07
C VAL E 6 -51.97 -36.99 11.36
N ALA E 7 -50.71 -37.42 11.45
CA ALA E 7 -49.62 -36.48 11.68
C ALA E 7 -49.48 -35.51 10.52
N THR E 8 -49.66 -35.99 9.29
CA THR E 8 -49.55 -35.11 8.13
C THR E 8 -50.62 -34.02 8.16
N VAL E 9 -51.88 -34.41 8.35
CA VAL E 9 -52.95 -33.42 8.36
C VAL E 9 -52.83 -32.50 9.58
N LEU E 10 -52.35 -33.03 10.70
CA LEU E 10 -52.15 -32.20 11.89
C LEU E 10 -51.08 -31.16 11.67
N GLY E 11 -49.95 -31.57 11.08
CA GLY E 11 -48.91 -30.61 10.76
C GLY E 11 -49.37 -29.58 9.73
N SER E 12 -50.20 -30.00 8.78
CA SER E 12 -50.69 -29.05 7.78
C SER E 12 -51.57 -28.00 8.42
N VAL E 13 -52.56 -28.42 9.19
CA VAL E 13 -53.44 -27.44 9.85
C VAL E 13 -52.65 -26.61 10.85
N SER E 14 -51.58 -27.19 11.43
CA SER E 14 -50.80 -26.44 12.41
C SER E 14 -49.96 -25.36 11.75
N VAL E 15 -49.31 -25.66 10.62
CA VAL E 15 -48.57 -24.61 9.93
C VAL E 15 -49.52 -23.57 9.37
N LEU E 16 -50.73 -23.96 8.98
CA LEU E 16 -51.69 -22.95 8.52
C LEU E 16 -52.10 -22.04 9.67
N VAL E 17 -52.39 -22.61 10.85
CA VAL E 17 -52.74 -21.81 12.01
C VAL E 17 -51.58 -20.89 12.39
N GLY E 18 -50.36 -21.41 12.37
CA GLY E 18 -49.22 -20.58 12.71
C GLY E 18 -49.00 -19.44 11.74
N ALA E 19 -49.16 -19.70 10.45
CA ALA E 19 -49.04 -18.63 9.46
C ALA E 19 -50.12 -17.58 9.65
N VAL E 20 -51.35 -18.02 9.94
CA VAL E 20 -52.44 -17.08 10.17
C VAL E 20 -52.16 -16.24 11.41
N VAL E 21 -51.58 -16.84 12.45
CA VAL E 21 -51.26 -16.10 13.66
C VAL E 21 -50.15 -15.09 13.39
N PHE E 22 -49.15 -15.48 12.59
CA PHE E 22 -48.10 -14.53 12.21
C PHE E 22 -48.69 -13.37 11.43
N LEU E 23 -49.62 -13.64 10.53
CA LEU E 23 -50.25 -12.57 9.76
C LEU E 23 -51.07 -11.66 10.67
N GLY E 24 -51.73 -12.23 11.68
CA GLY E 24 -52.49 -11.42 12.61
C GLY E 24 -51.59 -10.56 13.48
N GLY E 25 -50.47 -11.11 13.94
CA GLY E 25 -49.52 -10.33 14.71
C GLY E 25 -48.82 -9.27 13.89
N ALA E 26 -48.72 -9.47 12.58
CA ALA E 26 -48.15 -8.45 11.70
C ALA E 26 -49.15 -7.34 11.44
N ILE E 27 -50.42 -7.70 11.15
CA ILE E 27 -51.45 -6.69 11.00
C ILE E 27 -51.60 -5.89 12.29
N GLY E 28 -51.38 -6.53 13.44
CA GLY E 28 -51.34 -5.80 14.69
C GLY E 28 -50.27 -4.72 14.70
N LEU E 29 -49.12 -5.00 14.09
CA LEU E 29 -48.07 -4.00 14.01
C LEU E 29 -48.46 -2.80 13.15
N LEU E 30 -49.56 -2.88 12.40
CA LEU E 30 -50.03 -1.76 11.59
C LEU E 30 -51.11 -0.95 12.32
N ARG E 31 -52.24 -1.59 12.63
CA ARG E 31 -53.38 -0.89 13.21
C ARG E 31 -53.39 -0.95 14.73
N PHE E 32 -52.29 -0.58 15.36
CA PHE E 32 -52.22 -0.48 16.82
C PHE E 32 -51.53 0.84 17.17
N PRO E 33 -52.13 1.66 18.05
CA PRO E 33 -51.59 3.01 18.23
C PRO E 33 -50.32 3.06 19.05
N ASP E 34 -50.21 2.24 20.08
CA ASP E 34 -49.12 2.35 21.05
C ASP E 34 -47.96 1.42 20.69
N LEU E 35 -46.85 1.62 21.39
CA LEU E 35 -45.77 0.63 21.39
C LEU E 35 -46.08 -0.51 22.34
N TYR E 36 -46.81 -0.23 23.43
CA TYR E 36 -47.09 -1.24 24.43
C TYR E 36 -48.21 -2.17 23.97
N VAL E 37 -49.18 -1.64 23.23
CA VAL E 37 -50.17 -2.52 22.60
C VAL E 37 -49.49 -3.42 21.57
N ARG E 38 -48.58 -2.84 20.78
CA ARG E 38 -47.85 -3.62 19.78
C ARG E 38 -47.05 -4.72 20.44
N SER E 39 -46.33 -4.40 21.53
CA SER E 39 -45.53 -5.41 22.21
C SER E 39 -46.40 -6.45 22.88
N SER E 40 -47.55 -6.03 23.43
CA SER E 40 -48.45 -6.99 24.07
C SER E 40 -49.03 -7.96 23.04
N ALA E 41 -49.26 -7.49 21.81
CA ALA E 41 -49.73 -8.41 20.77
C ALA E 41 -48.60 -9.29 20.25
N ILE E 42 -47.40 -8.72 20.11
CA ILE E 42 -46.29 -9.48 19.54
C ILE E 42 -45.83 -10.58 20.48
N GLY E 43 -45.75 -10.29 21.78
CA GLY E 43 -45.33 -11.30 22.74
C GLY E 43 -46.13 -12.58 22.66
N ALA E 44 -47.40 -12.48 22.26
CA ALA E 44 -48.23 -13.66 22.07
C ALA E 44 -48.14 -14.20 20.64
N ALA E 45 -48.18 -13.31 19.65
CA ALA E 45 -48.21 -13.78 18.26
C ALA E 45 -46.91 -14.45 17.86
N ALA E 46 -45.78 -13.76 18.04
CA ALA E 46 -44.50 -14.31 17.62
C ALA E 46 -44.16 -15.60 18.35
N GLY E 47 -44.76 -15.85 19.51
CA GLY E 47 -44.54 -17.10 20.21
C GLY E 47 -45.45 -18.20 19.72
N LEU E 48 -46.77 -17.97 19.78
CA LEU E 48 -47.72 -18.99 19.40
C LEU E 48 -47.58 -19.39 17.94
N GLY E 49 -47.57 -18.41 17.04
CA GLY E 49 -47.47 -18.72 15.62
C GLY E 49 -46.21 -19.50 15.29
N LEU E 50 -45.09 -19.12 15.88
CA LEU E 50 -43.84 -19.79 15.56
C LEU E 50 -43.80 -21.19 16.15
N VAL E 51 -44.32 -21.38 17.36
CA VAL E 51 -44.38 -22.73 17.92
C VAL E 51 -45.27 -23.62 17.07
N PHE E 52 -46.40 -23.06 16.60
CA PHE E 52 -47.29 -23.82 15.73
C PHE E 52 -46.60 -24.21 14.43
N VAL E 53 -45.89 -23.28 13.82
CA VAL E 53 -45.19 -23.57 12.56
C VAL E 53 -44.11 -24.62 12.78
N ILE E 54 -43.38 -24.52 13.90
CA ILE E 54 -42.32 -25.48 14.17
C ILE E 54 -42.90 -26.88 14.33
N ALA E 55 -43.95 -27.00 15.15
CA ALA E 55 -44.53 -28.32 15.39
C ALA E 55 -45.16 -28.89 14.13
N GLY E 56 -45.82 -28.04 13.32
CA GLY E 56 -46.39 -28.53 12.08
C GLY E 56 -45.34 -28.98 11.09
N ALA E 57 -44.26 -28.20 10.96
CA ALA E 57 -43.15 -28.62 10.11
C ALA E 57 -42.57 -29.95 10.59
N PHE E 58 -42.42 -30.12 11.91
CA PHE E 58 -41.92 -31.39 12.43
C PHE E 58 -42.86 -32.53 12.10
N LEU E 59 -44.17 -32.28 12.15
CA LEU E 59 -45.13 -33.32 11.82
C LEU E 59 -45.15 -33.62 10.32
N LEU E 60 -44.74 -32.68 9.48
CA LEU E 60 -44.74 -32.95 8.05
C LEU E 60 -43.57 -33.82 7.59
N HIS E 61 -42.55 -34.00 8.41
CA HIS E 61 -41.53 -35.03 8.19
C HIS E 61 -40.94 -35.41 9.53
N PRO E 62 -41.64 -36.25 10.29
CA PRO E 62 -41.24 -36.55 11.68
C PRO E 62 -40.03 -37.49 11.80
N THR E 63 -38.84 -36.91 11.70
CA THR E 63 -37.63 -37.66 11.98
C THR E 63 -37.53 -37.94 13.48
N TRP E 64 -36.70 -38.92 13.82
CA TRP E 64 -36.56 -39.32 15.23
C TRP E 64 -35.41 -38.60 15.93
N GLU E 65 -34.45 -38.08 15.18
CA GLU E 65 -33.30 -37.38 15.75
C GLU E 65 -33.57 -35.90 15.98
N ALA E 66 -34.72 -35.39 15.55
CA ALA E 66 -35.05 -33.98 15.69
C ALA E 66 -36.13 -33.72 16.73
N ALA E 67 -36.59 -34.76 17.44
CA ALA E 67 -37.63 -34.53 18.45
C ALA E 67 -37.13 -33.75 19.65
N PRO E 68 -35.97 -34.05 20.24
CA PRO E 68 -35.49 -33.20 21.34
C PRO E 68 -35.18 -31.78 20.89
N LYS E 69 -34.62 -31.62 19.70
CA LYS E 69 -34.29 -30.30 19.16
C LYS E 69 -35.53 -29.50 18.78
N VAL E 70 -36.73 -30.09 18.89
CA VAL E 70 -37.98 -29.36 18.75
C VAL E 70 -38.67 -29.19 20.10
N ALA E 71 -38.59 -30.20 20.97
CA ALA E 71 -39.14 -30.05 22.31
C ALA E 71 -38.44 -28.96 23.09
N VAL E 72 -37.14 -28.79 22.88
CA VAL E 72 -36.42 -27.68 23.51
C VAL E 72 -36.72 -26.38 22.77
N ALA E 73 -36.81 -26.44 21.44
CA ALA E 73 -37.00 -25.24 20.64
C ALA E 73 -38.33 -24.58 20.95
N ALA E 74 -39.37 -25.36 21.20
CA ALA E 74 -40.69 -24.78 21.48
C ALA E 74 -40.67 -23.97 22.77
N ILE E 75 -40.13 -24.55 23.84
CA ILE E 75 -40.05 -23.86 25.11
C ILE E 75 -39.17 -22.63 24.99
N LEU E 76 -38.05 -22.75 24.27
CA LEU E 76 -37.17 -21.60 24.10
C LEU E 76 -37.85 -20.49 23.30
N GLN E 77 -38.63 -20.86 22.28
CA GLN E 77 -39.36 -19.87 21.51
C GLN E 77 -40.38 -19.14 22.36
N PHE E 78 -41.12 -19.89 23.19
CA PHE E 78 -42.10 -19.25 24.06
C PHE E 78 -41.43 -18.27 25.02
N ALA E 79 -40.41 -18.74 25.75
CA ALA E 79 -39.75 -17.88 26.72
C ALA E 79 -39.08 -16.67 26.05
N SER E 80 -38.51 -16.87 24.86
CA SER E 80 -37.82 -15.78 24.20
C SER E 80 -38.80 -14.76 23.64
N SER E 81 -39.91 -15.21 23.06
CA SER E 81 -40.91 -14.27 22.58
C SER E 81 -41.58 -13.52 23.71
N ALA E 82 -41.60 -14.11 24.92
CA ALA E 82 -42.09 -13.35 26.07
C ALA E 82 -41.07 -12.31 26.51
N ILE E 83 -39.82 -12.74 26.74
CA ILE E 83 -38.83 -11.87 27.37
C ILE E 83 -38.39 -10.76 26.44
N GLY E 84 -38.24 -11.06 25.15
CA GLY E 84 -37.86 -10.03 24.20
C GLY E 84 -38.87 -8.91 24.14
N ALA E 85 -40.15 -9.26 24.06
CA ALA E 85 -41.20 -8.24 24.05
C ALA E 85 -41.24 -7.48 25.37
N MET E 86 -41.06 -8.19 26.49
CA MET E 86 -41.03 -7.52 27.79
C MET E 86 -39.95 -6.45 27.83
N TYR E 87 -38.73 -6.81 27.43
CA TYR E 87 -37.62 -5.87 27.51
C TYR E 87 -37.73 -4.78 26.47
N ILE E 88 -38.30 -5.08 25.30
CA ILE E 88 -38.51 -4.02 24.31
C ILE E 88 -39.50 -2.99 24.83
N ALA E 89 -40.60 -3.45 25.45
CA ALA E 89 -41.56 -2.52 26.02
C ALA E 89 -40.94 -1.70 27.15
N ARG E 90 -40.16 -2.35 28.01
CA ARG E 90 -39.54 -1.62 29.12
C ARG E 90 -38.57 -0.57 28.61
N ALA E 91 -37.71 -0.94 27.65
CA ALA E 91 -36.76 0.02 27.10
C ALA E 91 -37.47 1.13 26.34
N GLY E 92 -38.61 0.84 25.72
CA GLY E 92 -39.38 1.89 25.08
C GLY E 92 -39.94 2.87 26.09
N PHE E 93 -40.43 2.35 27.22
CA PHE E 93 -40.86 3.24 28.30
C PHE E 93 -39.70 4.10 28.78
N LEU E 94 -38.54 3.50 29.00
CA LEU E 94 -37.39 4.25 29.48
C LEU E 94 -36.93 5.27 28.44
N SER E 95 -36.88 4.88 27.17
CA SER E 95 -36.43 5.80 26.13
C SER E 95 -37.44 6.91 25.87
N GLY E 96 -38.67 6.77 26.33
CA GLY E 96 -39.66 7.82 26.18
C GLY E 96 -40.71 7.54 25.12
N ALA E 97 -41.15 6.28 25.01
CA ALA E 97 -42.23 5.95 24.08
C ALA E 97 -43.54 6.49 24.62
N ALA E 98 -44.09 7.49 23.94
CA ALA E 98 -45.32 8.11 24.39
C ALA E 98 -46.48 7.13 24.28
N PRO E 99 -47.20 6.85 25.36
CA PRO E 99 -48.40 6.01 25.25
C PRO E 99 -49.49 6.71 24.49
N THR E 100 -50.38 5.91 23.91
CA THR E 100 -51.45 6.44 23.08
C THR E 100 -52.34 7.39 23.88
N THR E 101 -52.98 8.31 23.16
CA THR E 101 -53.87 9.26 23.82
C THR E 101 -55.08 8.57 24.44
N ALA E 102 -55.40 7.35 24.02
CA ALA E 102 -56.52 6.60 24.57
C ALA E 102 -56.04 5.63 25.64
N THR E 103 -55.51 6.20 26.72
CA THR E 103 -55.06 5.44 27.89
C THR E 103 -55.90 5.89 29.08
N ARG E 104 -56.88 5.06 29.45
CA ARG E 104 -57.86 5.49 30.44
C ARG E 104 -57.23 5.66 31.82
N TYR E 105 -56.23 4.83 32.14
CA TYR E 105 -55.64 4.86 33.47
C TYR E 105 -54.20 4.39 33.36
N SER E 106 -53.30 5.06 34.08
CA SER E 106 -51.90 4.66 34.13
C SER E 106 -51.39 4.95 35.53
N GLN E 107 -51.07 3.89 36.28
CA GLN E 107 -50.50 4.02 37.60
C GLN E 107 -48.98 4.09 37.57
N ILE E 108 -48.40 4.48 36.44
CA ILE E 108 -46.96 4.64 36.28
C ILE E 108 -46.73 5.98 35.61
N GLU E 109 -45.95 6.84 36.26
CA GLU E 109 -45.71 8.16 35.73
C GLU E 109 -44.73 8.11 34.56
N PHE E 110 -44.89 9.03 33.62
CA PHE E 110 -44.09 9.07 32.40
C PHE E 110 -43.12 10.25 32.36
N THR E 111 -43.55 11.42 32.81
CA THR E 111 -42.71 12.63 32.85
C THR E 111 -42.12 12.95 31.47
N TRP F 7 -47.35 -46.24 30.11
CA TRP F 7 -47.89 -44.94 29.70
C TRP F 7 -47.01 -44.29 28.64
N PRO F 8 -46.99 -44.86 27.43
CA PRO F 8 -46.12 -44.30 26.38
C PRO F 8 -46.77 -43.17 25.61
N LEU F 9 -48.09 -43.14 25.56
CA LEU F 9 -48.84 -42.13 24.81
C LEU F 9 -49.46 -41.08 25.71
N ARG F 10 -48.92 -40.89 26.91
CA ARG F 10 -49.38 -39.81 27.78
C ARG F 10 -48.91 -38.45 27.26
N ILE F 11 -47.66 -38.38 26.80
CA ILE F 11 -47.11 -37.11 26.35
C ILE F 11 -47.80 -36.64 25.08
N ALA F 12 -48.21 -37.55 24.20
CA ALA F 12 -48.91 -37.14 23.00
C ALA F 12 -50.26 -36.51 23.32
N TRP F 13 -51.02 -37.14 24.22
CA TRP F 13 -52.28 -36.56 24.66
C TRP F 13 -52.05 -35.22 25.33
N PHE F 14 -51.02 -35.11 26.17
CA PHE F 14 -50.74 -33.85 26.84
C PHE F 14 -50.42 -32.75 25.83
N LEU F 15 -49.56 -33.02 24.85
CA LEU F 15 -49.20 -31.99 23.89
C LEU F 15 -50.36 -31.64 22.98
N LEU F 16 -51.25 -32.60 22.68
CA LEU F 16 -52.39 -32.26 21.84
C LEU F 16 -53.38 -31.39 22.61
N TRP F 17 -53.63 -31.71 23.89
CA TRP F 17 -54.44 -30.84 24.71
C TRP F 17 -53.81 -29.45 24.83
N PHE F 18 -52.49 -29.41 24.97
CA PHE F 18 -51.78 -28.13 25.04
C PHE F 18 -51.96 -27.35 23.75
N PHE F 19 -51.93 -28.03 22.61
CA PHE F 19 -52.08 -27.32 21.34
C PHE F 19 -53.51 -26.87 21.12
N TRP F 20 -54.49 -27.55 21.71
CA TRP F 20 -55.85 -27.01 21.66
C TRP F 20 -55.98 -25.77 22.54
N GLN F 21 -55.47 -25.84 23.78
CA GLN F 21 -55.48 -24.68 24.66
C GLN F 21 -54.62 -23.55 24.13
N GLN F 22 -53.75 -23.83 23.17
CA GLN F 22 -52.97 -22.78 22.53
C GLN F 22 -53.60 -22.26 21.24
N THR F 23 -54.33 -23.10 20.49
CA THR F 23 -55.02 -22.57 19.31
C THR F 23 -56.21 -21.73 19.73
N THR F 24 -56.80 -21.99 20.89
CA THR F 24 -57.82 -21.05 21.38
C THR F 24 -57.19 -19.70 21.70
N THR F 25 -55.99 -19.70 22.27
CA THR F 25 -55.26 -18.45 22.51
C THR F 25 -54.86 -17.79 21.20
N SER F 26 -54.53 -18.58 20.18
CA SER F 26 -54.16 -18.04 18.88
C SER F 26 -55.35 -17.40 18.19
N ALA F 27 -56.53 -18.03 18.26
CA ALA F 27 -57.73 -17.41 17.75
C ALA F 27 -58.05 -16.13 18.52
N LYS F 28 -57.79 -16.13 19.82
CA LYS F 28 -57.93 -14.90 20.59
C LYS F 28 -56.99 -13.81 20.08
N VAL F 29 -55.75 -14.18 19.76
CA VAL F 29 -54.79 -13.21 19.23
C VAL F 29 -55.29 -12.65 17.91
N VAL F 30 -55.72 -13.52 17.00
CA VAL F 30 -56.18 -13.09 15.69
C VAL F 30 -57.39 -12.18 15.82
N ARG F 31 -58.28 -12.50 16.77
CA ARG F 31 -59.46 -11.62 17.03
C ARG F 31 -58.95 -10.28 17.58
N ASP F 32 -57.90 -10.30 18.42
CA ASP F 32 -57.38 -9.06 19.04
C ASP F 32 -56.75 -8.15 17.96
N ALA F 33 -56.26 -8.74 16.88
CA ALA F 33 -55.63 -7.94 15.80
C ALA F 33 -56.71 -7.18 15.02
N PHE F 34 -57.97 -7.64 15.06
CA PHE F 34 -59.01 -7.02 14.23
C PHE F 34 -60.01 -6.22 15.05
N LEU F 35 -59.73 -5.93 16.32
CA LEU F 35 -60.62 -5.09 17.08
C LEU F 35 -60.58 -3.67 16.54
N PRO F 36 -61.73 -3.00 16.43
CA PRO F 36 -61.74 -1.61 15.96
C PRO F 36 -61.10 -0.68 16.97
N HIS F 37 -60.81 0.53 16.51
CA HIS F 37 -60.31 1.55 17.41
C HIS F 37 -61.40 1.96 18.39
N ALA F 38 -60.97 2.50 19.53
CA ALA F 38 -61.79 2.81 20.70
C ALA F 38 -62.31 1.53 21.37
N SER F 39 -61.98 0.35 20.85
CA SER F 39 -62.28 -0.91 21.51
C SER F 39 -61.06 -1.49 22.21
N ILE F 40 -59.90 -0.84 22.07
CA ILE F 40 -58.73 -1.13 22.86
C ILE F 40 -58.57 0.00 23.87
N THR F 41 -58.43 -0.34 25.14
CA THR F 41 -58.37 0.63 26.24
C THR F 41 -57.15 0.32 27.10
N PRO F 42 -55.96 0.59 26.60
CA PRO F 42 -54.75 0.20 27.33
C PRO F 42 -54.63 0.93 28.66
N GLY F 43 -54.04 0.24 29.63
CA GLY F 43 -53.84 0.79 30.95
C GLY F 43 -52.71 0.10 31.70
N PHE F 44 -51.92 0.88 32.44
CA PHE F 44 -50.84 0.34 33.23
C PHE F 44 -51.30 0.11 34.66
N VAL F 45 -50.72 -0.89 35.30
CA VAL F 45 -51.13 -1.30 36.64
C VAL F 45 -49.93 -1.83 37.40
N ARG F 46 -49.75 -1.35 38.62
CA ARG F 46 -48.78 -1.92 39.54
C ARG F 46 -49.45 -3.07 40.28
N PHE F 47 -48.85 -4.26 40.19
CA PHE F 47 -49.46 -5.47 40.70
C PHE F 47 -48.53 -6.14 41.72
N PRO F 48 -48.94 -6.28 42.98
CA PRO F 48 -48.14 -7.07 43.92
C PRO F 48 -48.24 -8.55 43.55
N THR F 49 -47.08 -9.21 43.42
CA THR F 49 -47.03 -10.50 42.76
C THR F 49 -47.18 -11.67 43.72
N ARG F 50 -46.81 -11.49 44.99
CA ARG F 50 -46.87 -12.57 45.98
C ARG F 50 -46.03 -13.77 45.56
N CYS F 51 -44.90 -13.50 44.92
CA CYS F 51 -43.92 -14.54 44.59
C CYS F 51 -42.62 -14.27 45.33
N ARG F 52 -42.03 -15.34 45.86
CA ARG F 52 -40.86 -15.20 46.72
C ARG F 52 -39.57 -15.13 45.91
N SER F 53 -39.29 -16.17 45.14
CA SER F 53 -38.01 -16.28 44.45
C SER F 53 -38.08 -15.67 43.05
N GLU F 54 -36.93 -15.62 42.40
CA GLU F 54 -36.83 -14.98 41.09
C GLU F 54 -37.58 -15.77 40.02
N LEU F 55 -37.54 -17.10 40.10
CA LEU F 55 -38.15 -17.93 39.07
C LEU F 55 -39.66 -17.72 39.00
N GLU F 56 -40.33 -17.70 40.15
CA GLU F 56 -41.77 -17.56 40.17
C GLU F 56 -42.22 -16.27 39.51
N VAL F 57 -41.57 -15.15 39.85
CA VAL F 57 -42.04 -13.87 39.34
C VAL F 57 -41.74 -13.72 37.86
N THR F 58 -40.60 -14.22 37.38
CA THR F 58 -40.30 -14.08 35.97
C THR F 58 -41.20 -14.99 35.13
N MET F 59 -41.53 -16.19 35.63
CA MET F 59 -42.44 -17.01 34.85
C MET F 59 -43.86 -16.50 34.92
N LEU F 60 -44.25 -15.86 36.02
CA LEU F 60 -45.54 -15.18 36.07
C LEU F 60 -45.58 -14.04 35.06
N SER F 61 -44.51 -13.27 34.96
CA SER F 61 -44.47 -12.18 33.99
C SER F 61 -44.51 -12.70 32.57
N SER F 62 -43.80 -13.80 32.30
CA SER F 62 -43.82 -14.38 30.96
C SER F 62 -45.22 -14.90 30.61
N LEU F 63 -45.90 -15.51 31.58
CA LEU F 63 -47.25 -15.99 31.33
C LEU F 63 -48.23 -14.83 31.14
N ILE F 64 -48.00 -13.71 31.83
CA ILE F 64 -48.82 -12.53 31.61
C ILE F 64 -48.60 -11.98 30.21
N THR F 65 -47.34 -11.97 29.75
CA THR F 65 -47.03 -11.45 28.42
C THR F 65 -47.63 -12.34 27.34
N LEU F 66 -47.47 -13.66 27.46
CA LEU F 66 -48.00 -14.57 26.46
C LEU F 66 -49.52 -14.54 26.39
N THR F 67 -50.19 -14.09 27.44
CA THR F 67 -51.62 -13.87 27.36
C THR F 67 -51.91 -12.79 26.33
N PRO F 68 -52.90 -13.00 25.45
CA PRO F 68 -53.09 -12.07 24.33
C PRO F 68 -53.64 -10.70 24.72
N GLY F 69 -53.82 -10.41 26.00
CA GLY F 69 -54.41 -9.14 26.38
C GLY F 69 -53.61 -8.31 27.35
N THR F 70 -52.43 -8.81 27.75
CA THR F 70 -51.63 -8.13 28.76
C THR F 70 -50.17 -8.15 28.32
N LEU F 71 -49.32 -7.52 29.14
CA LEU F 71 -47.89 -7.47 28.93
C LEU F 71 -47.24 -6.92 30.18
N THR F 72 -46.14 -7.54 30.61
CA THR F 72 -45.43 -7.14 31.81
C THR F 72 -44.23 -6.29 31.43
N LEU F 73 -44.24 -5.02 31.84
CA LEU F 73 -43.16 -4.12 31.47
C LEU F 73 -41.90 -4.41 32.27
N GLY F 74 -42.02 -4.47 33.60
CA GLY F 74 -40.86 -4.72 34.42
C GLY F 74 -41.27 -5.18 35.80
N ALA F 75 -40.26 -5.46 36.62
CA ALA F 75 -40.48 -5.96 37.97
C ALA F 75 -39.53 -5.25 38.93
N HIS F 76 -40.02 -5.05 40.15
CA HIS F 76 -39.27 -4.45 41.25
C HIS F 76 -40.08 -4.59 42.51
N HIS F 77 -39.41 -4.59 43.65
CA HIS F 77 -40.08 -4.73 44.95
C HIS F 77 -39.56 -3.65 45.89
N PRO F 78 -40.38 -2.64 46.21
CA PRO F 78 -39.98 -1.60 47.18
C PRO F 78 -40.16 -2.03 48.63
N GLY F 79 -39.69 -3.23 48.95
CA GLY F 79 -39.78 -3.76 50.29
C GLY F 79 -38.41 -4.22 50.77
N GLU F 80 -38.35 -4.88 51.92
CA GLU F 80 -37.07 -5.32 52.46
C GLU F 80 -36.38 -6.30 51.54
N GLY F 81 -36.96 -7.50 51.37
CA GLY F 81 -36.37 -8.50 50.49
C GLY F 81 -37.39 -9.34 49.73
N GLU F 82 -38.69 -9.08 49.86
CA GLU F 82 -39.70 -9.97 49.29
C GLU F 82 -40.83 -9.13 48.72
N ASP F 83 -41.94 -9.77 48.39
CA ASP F 83 -43.15 -9.08 47.90
C ASP F 83 -43.23 -8.70 46.41
N TRP F 84 -42.21 -9.02 45.63
CA TRP F 84 -42.18 -8.69 44.21
C TRP F 84 -43.40 -7.95 43.67
N GLU F 85 -43.14 -6.85 42.98
CA GLU F 85 -44.16 -6.11 42.26
C GLU F 85 -43.85 -6.11 40.77
N ILE F 86 -44.88 -6.11 39.95
CA ILE F 86 -44.71 -6.05 38.50
C ILE F 86 -45.53 -4.88 37.96
N VAL F 87 -45.17 -4.46 36.75
CA VAL F 87 -45.87 -3.39 36.04
C VAL F 87 -46.48 -4.02 34.80
N VAL F 88 -47.80 -4.17 34.81
CA VAL F 88 -48.52 -4.88 33.75
C VAL F 88 -49.30 -3.87 32.92
N HIS F 89 -49.18 -3.98 31.61
CA HIS F 89 -49.94 -3.16 30.67
C HIS F 89 -51.02 -4.04 30.05
N GLY F 90 -52.24 -3.53 30.01
CA GLY F 90 -53.38 -4.33 29.59
C GLY F 90 -54.23 -3.63 28.55
N MET F 91 -54.55 -4.37 27.50
CA MET F 91 -55.47 -3.89 26.47
C MET F 91 -56.88 -4.37 26.76
N TYR F 92 -57.86 -3.60 26.28
CA TYR F 92 -59.29 -3.83 26.51
C TYR F 92 -59.56 -4.28 27.94
N PHE F 93 -59.08 -3.48 28.89
CA PHE F 93 -59.40 -3.63 30.31
C PHE F 93 -59.74 -2.25 30.83
N PRO F 94 -60.99 -1.79 30.64
CA PRO F 94 -61.32 -0.39 30.91
C PRO F 94 -61.33 -0.03 32.38
N ASP F 95 -61.20 -0.98 33.29
CA ASP F 95 -61.18 -0.72 34.72
C ASP F 95 -60.00 -1.46 35.33
N PRO F 96 -59.10 -0.76 36.03
CA PRO F 96 -57.91 -1.45 36.57
C PRO F 96 -58.24 -2.60 37.49
N ASP F 97 -59.38 -2.56 38.17
CA ASP F 97 -59.76 -3.66 39.05
C ASP F 97 -60.01 -4.94 38.25
N ASP F 98 -60.58 -4.81 37.05
CA ASP F 98 -60.76 -5.98 36.20
C ASP F 98 -59.41 -6.58 35.81
N LEU F 99 -58.45 -5.72 35.44
CA LEU F 99 -57.11 -6.20 35.10
C LEU F 99 -56.47 -6.91 36.28
N THR F 100 -56.54 -6.32 37.47
CA THR F 100 -55.95 -6.95 38.64
C THR F 100 -56.66 -8.24 39.01
N ALA F 101 -57.98 -8.33 38.78
CA ALA F 101 -58.67 -9.58 39.06
C ALA F 101 -58.23 -10.68 38.11
N SER F 102 -58.09 -10.36 36.81
CA SER F 102 -57.60 -11.35 35.87
C SER F 102 -56.17 -11.78 36.21
N LEU F 103 -55.33 -10.82 36.60
CA LEU F 103 -53.96 -11.15 36.96
C LEU F 103 -53.91 -12.00 38.22
N HIS F 104 -54.79 -11.74 39.18
CA HIS F 104 -54.86 -12.56 40.38
C HIS F 104 -55.30 -13.98 40.05
N ASP F 105 -56.28 -14.11 39.15
CA ASP F 105 -56.70 -15.43 38.69
C ASP F 105 -55.52 -16.18 38.07
N LEU F 106 -54.77 -15.52 37.18
CA LEU F 106 -53.64 -16.16 36.53
C LEU F 106 -52.57 -16.54 37.55
N GLU F 107 -52.27 -15.64 38.49
CA GLU F 107 -51.24 -15.91 39.50
C GLU F 107 -51.64 -17.10 40.38
N ASN F 108 -52.90 -17.16 40.77
CA ASN F 108 -53.36 -18.32 41.56
C ASN F 108 -53.23 -19.60 40.74
N HIS F 109 -53.69 -19.57 39.49
CA HIS F 109 -53.64 -20.77 38.65
C HIS F 109 -52.22 -21.24 38.42
N MET F 110 -51.24 -20.32 38.44
CA MET F 110 -49.85 -20.72 38.22
C MET F 110 -49.17 -21.17 39.51
N LEU F 111 -49.37 -20.43 40.59
CA LEU F 111 -48.74 -20.80 41.86
C LEU F 111 -49.31 -22.09 42.41
N ARG F 112 -50.58 -22.39 42.14
CA ARG F 112 -51.13 -23.68 42.52
C ARG F 112 -50.53 -24.81 41.71
N ALA F 113 -49.87 -24.49 40.60
CA ALA F 113 -49.23 -25.51 39.77
C ALA F 113 -47.76 -25.72 40.16
N ILE F 114 -46.96 -24.67 40.04
CA ILE F 114 -45.51 -24.78 40.34
C ILE F 114 -45.33 -24.43 41.81
N ARG F 115 -45.51 -25.43 42.67
CA ARG F 115 -45.28 -25.33 44.10
C ARG F 115 -45.55 -26.70 44.73
N ARG F 116 -45.24 -26.81 46.01
CA ARG F 116 -45.43 -28.05 46.75
C ARG F 116 -46.87 -28.21 47.21
#